data_8A4E
# 
_entry.id   8A4E 
# 
_audit_conform.dict_name       mmcif_pdbx.dic 
_audit_conform.dict_version    5.397 
_audit_conform.dict_location   http://mmcif.pdb.org/dictionaries/ascii/mmcif_pdbx.dic 
# 
loop_
_database_2.database_id 
_database_2.database_code 
_database_2.pdbx_database_accession 
_database_2.pdbx_DOI 
PDB   8A4E         pdb_00008a4e 10.2210/pdb8a4e/pdb 
WWPDB D_1292123624 ?            ?                   
# 
loop_
_pdbx_audit_revision_history.ordinal 
_pdbx_audit_revision_history.data_content_type 
_pdbx_audit_revision_history.major_revision 
_pdbx_audit_revision_history.minor_revision 
_pdbx_audit_revision_history.revision_date 
1 'Structure model' 1 0 2023-03-29 
2 'Structure model' 1 1 2024-02-07 
3 'Structure model' 1 2 2024-10-23 
# 
_pdbx_audit_revision_details.ordinal             1 
_pdbx_audit_revision_details.revision_ordinal    1 
_pdbx_audit_revision_details.data_content_type   'Structure model' 
_pdbx_audit_revision_details.provider            repository 
_pdbx_audit_revision_details.type                'Initial release' 
_pdbx_audit_revision_details.description         ? 
_pdbx_audit_revision_details.details             ? 
# 
loop_
_pdbx_audit_revision_group.ordinal 
_pdbx_audit_revision_group.revision_ordinal 
_pdbx_audit_revision_group.data_content_type 
_pdbx_audit_revision_group.group 
1 2 'Structure model' 'Data collection'        
2 2 'Structure model' 'Refinement description' 
3 3 'Structure model' 'Structure summary'      
# 
loop_
_pdbx_audit_revision_category.ordinal 
_pdbx_audit_revision_category.revision_ordinal 
_pdbx_audit_revision_category.data_content_type 
_pdbx_audit_revision_category.category 
1 2 'Structure model' chem_comp_atom                
2 2 'Structure model' chem_comp_bond                
3 2 'Structure model' pdbx_initial_refinement_model 
4 3 'Structure model' pdbx_entry_details            
5 3 'Structure model' pdbx_modification_feature     
# 
_pdbx_audit_revision_item.ordinal             1 
_pdbx_audit_revision_item.revision_ordinal    3 
_pdbx_audit_revision_item.data_content_type   'Structure model' 
_pdbx_audit_revision_item.item                '_pdbx_entry_details.has_protein_modification' 
# 
_pdbx_database_status.status_code                     REL 
_pdbx_database_status.status_code_sf                  REL 
_pdbx_database_status.status_code_mr                  ? 
_pdbx_database_status.entry_id                        8A4E 
_pdbx_database_status.recvd_initial_deposition_date   2022-06-10 
_pdbx_database_status.SG_entry                        N 
_pdbx_database_status.deposit_site                    PDBE 
_pdbx_database_status.process_site                    PDBE 
_pdbx_database_status.status_code_cs                  ? 
_pdbx_database_status.status_code_nmr_data            ? 
_pdbx_database_status.methods_development_category    ? 
_pdbx_database_status.pdb_format_compatible           Y 
# 
_pdbx_contact_author.id                 3 
_pdbx_contact_author.email              antoine.royant@esrf.fr 
_pdbx_contact_author.name_first         Antoine 
_pdbx_contact_author.name_last          Royant 
_pdbx_contact_author.name_mi            ? 
_pdbx_contact_author.role               'principal investigator/group leader' 
_pdbx_contact_author.identifier_ORCID   0000-0002-1919-8649 
# 
loop_
_audit_author.name 
_audit_author.pdbx_ordinal 
_audit_author.identifier_ORCID 
'Engilberge, S.' 1 ? 
'Caramello, N.'  2 ? 
'Royant, A.'     3 ? 
# 
_citation.abstract                  ? 
_citation.abstract_id_CAS           ? 
_citation.book_id_ISBN              ? 
_citation.book_publisher            ? 
_citation.book_publisher_city       ? 
_citation.book_title                ? 
_citation.coordinate_linkage        ? 
_citation.country                   UK 
_citation.database_id_Medline       ? 
_citation.details                   ? 
_citation.id                        primary 
_citation.journal_abbrev            Iucrj 
_citation.journal_id_ASTM           ? 
_citation.journal_id_CSD            ? 
_citation.journal_id_ISSN           2052-2525 
_citation.journal_full              ? 
_citation.journal_issue             ? 
_citation.journal_volume            9 
_citation.language                  ? 
_citation.page_first                756 
_citation.page_last                 767 
_citation.title                     
'Slow protein dynamics probed by time-resolved oscillation crystallography at room temperature.' 
_citation.year                      2022 
_citation.database_id_CSD           ? 
_citation.pdbx_database_id_DOI      10.1107/S2052252522009150 
_citation.pdbx_database_id_PubMed   36381146 
_citation.pdbx_database_id_patent   ? 
_citation.unpublished_flag          ? 
# 
loop_
_citation_author.citation_id 
_citation_author.name 
_citation_author.ordinal 
_citation_author.identifier_ORCID 
primary 'Aumonier, S.'          1 0000-0002-1568-2150 
primary 'Engilberge, S.'        2 0000-0001-8680-6790 
primary 'Caramello, N.'         3 0000-0003-0025-0213 
primary 'von Stetten, D.'       4 0000-0001-7906-9788 
primary 'Gotthard, G.'          5 0000-0003-2830-0286 
primary 'Leonard, G.A.'         6 0000-0001-5030-0122 
primary 'Mueller-Dieckmann, C.' 7 0000-0003-3625-2747 
primary 'Royant, A.'            8 0000-0002-1919-8649 
# 
loop_
_entity.id 
_entity.type 
_entity.src_method 
_entity.pdbx_description 
_entity.formula_weight 
_entity.pdbx_number_of_molecules 
_entity.pdbx_ec 
_entity.pdbx_mutation 
_entity.pdbx_fragment 
_entity.details 
1 polymer     man Phototropin-2                                     15007.909 1  2.7.11.1 ? ? ? 
2 non-polymer syn '6-(3-TETRADECANOIC ACID) FLAVINE MONONUCLEOTIDE' 682.699   1  ?        ? ? ? 
3 non-polymer syn 'FLAVIN MONONUCLEOTIDE'                           456.344   1  ?        ? ? ? 
4 water       nat water                                             18.015    47 ?        ? ? ? 
# 
_entity_name_com.entity_id   1 
_entity_name_com.name        
'Defective in chloroplast avoidance protein 1,Non-phototropic hypocotyl 1-like protein 1,NPH1-like protein 1' 
# 
_entity_poly.entity_id                      1 
_entity_poly.type                           'polypeptide(L)' 
_entity_poly.nstd_linkage                   no 
_entity_poly.nstd_monomer                   no 
_entity_poly.pdbx_seq_one_letter_code       
;MEKNFVISDPRLPDNPIIFASDSFLELTEYSREEILGRNCRFLQGPETDQATVQKIRDAIRDQREITVQLINYTKSGKKF
WNLFHLQPMRDQKGELQYFIGVQLDGEFIPNPLLGLDSTRTGHHHHHH
;
_entity_poly.pdbx_seq_one_letter_code_can   
;MEKNFVISDPRLPDNPIIFASDSFLELTEYSREEILGRNCRFLQGPETDQATVQKIRDAIRDQREITVQLINYTKSGKKF
WNLFHLQPMRDQKGELQYFIGVQLDGEFIPNPLLGLDSTRTGHHHHHH
;
_entity_poly.pdbx_strand_id                 A 
_entity_poly.pdbx_target_identifier         ? 
# 
loop_
_pdbx_entity_nonpoly.entity_id 
_pdbx_entity_nonpoly.name 
_pdbx_entity_nonpoly.comp_id 
2 '6-(3-TETRADECANOIC ACID) FLAVINE MONONUCLEOTIDE' FMA 
3 'FLAVIN MONONUCLEOTIDE'                           FMN 
4 water                                             HOH 
# 
loop_
_entity_poly_seq.entity_id 
_entity_poly_seq.num 
_entity_poly_seq.mon_id 
_entity_poly_seq.hetero 
1 1   MET n 
1 2   GLU n 
1 3   LYS n 
1 4   ASN n 
1 5   PHE n 
1 6   VAL n 
1 7   ILE n 
1 8   SER n 
1 9   ASP n 
1 10  PRO n 
1 11  ARG n 
1 12  LEU n 
1 13  PRO n 
1 14  ASP n 
1 15  ASN n 
1 16  PRO n 
1 17  ILE n 
1 18  ILE n 
1 19  PHE n 
1 20  ALA n 
1 21  SER n 
1 22  ASP n 
1 23  SER n 
1 24  PHE n 
1 25  LEU n 
1 26  GLU n 
1 27  LEU n 
1 28  THR n 
1 29  GLU n 
1 30  TYR n 
1 31  SER n 
1 32  ARG n 
1 33  GLU n 
1 34  GLU n 
1 35  ILE n 
1 36  LEU n 
1 37  GLY n 
1 38  ARG n 
1 39  ASN n 
1 40  CYS n 
1 41  ARG n 
1 42  PHE n 
1 43  LEU n 
1 44  GLN n 
1 45  GLY n 
1 46  PRO n 
1 47  GLU n 
1 48  THR n 
1 49  ASP n 
1 50  GLN n 
1 51  ALA n 
1 52  THR n 
1 53  VAL n 
1 54  GLN n 
1 55  LYS n 
1 56  ILE n 
1 57  ARG n 
1 58  ASP n 
1 59  ALA n 
1 60  ILE n 
1 61  ARG n 
1 62  ASP n 
1 63  GLN n 
1 64  ARG n 
1 65  GLU n 
1 66  ILE n 
1 67  THR n 
1 68  VAL n 
1 69  GLN n 
1 70  LEU n 
1 71  ILE n 
1 72  ASN n 
1 73  TYR n 
1 74  THR n 
1 75  LYS n 
1 76  SER n 
1 77  GLY n 
1 78  LYS n 
1 79  LYS n 
1 80  PHE n 
1 81  TRP n 
1 82  ASN n 
1 83  LEU n 
1 84  PHE n 
1 85  HIS n 
1 86  LEU n 
1 87  GLN n 
1 88  PRO n 
1 89  MET n 
1 90  ARG n 
1 91  ASP n 
1 92  GLN n 
1 93  LYS n 
1 94  GLY n 
1 95  GLU n 
1 96  LEU n 
1 97  GLN n 
1 98  TYR n 
1 99  PHE n 
1 100 ILE n 
1 101 GLY n 
1 102 VAL n 
1 103 GLN n 
1 104 LEU n 
1 105 ASP n 
1 106 GLY n 
1 107 GLU n 
1 108 PHE n 
1 109 ILE n 
1 110 PRO n 
1 111 ASN n 
1 112 PRO n 
1 113 LEU n 
1 114 LEU n 
1 115 GLY n 
1 116 LEU n 
1 117 ASP n 
1 118 SER n 
1 119 THR n 
1 120 ARG n 
1 121 THR n 
1 122 GLY n 
1 123 HIS n 
1 124 HIS n 
1 125 HIS n 
1 126 HIS n 
1 127 HIS n 
1 128 HIS n 
# 
_entity_src_gen.entity_id                          1 
_entity_src_gen.pdbx_src_id                        1 
_entity_src_gen.pdbx_alt_source_flag               sample 
_entity_src_gen.pdbx_seq_type                      'Biological sequence' 
_entity_src_gen.pdbx_beg_seq_num                   1 
_entity_src_gen.pdbx_end_seq_num                   128 
_entity_src_gen.gene_src_common_name               'thale cress' 
_entity_src_gen.gene_src_genus                     ? 
_entity_src_gen.pdbx_gene_src_gene                 'PHOT2, CAV1, KIN7, NPL1, At5g58140, K21L19.6' 
_entity_src_gen.gene_src_species                   ? 
_entity_src_gen.gene_src_strain                    ? 
_entity_src_gen.gene_src_tissue                    ? 
_entity_src_gen.gene_src_tissue_fraction           ? 
_entity_src_gen.gene_src_details                   ? 
_entity_src_gen.pdbx_gene_src_fragment             ? 
_entity_src_gen.pdbx_gene_src_scientific_name      'Arabidopsis thaliana' 
_entity_src_gen.pdbx_gene_src_ncbi_taxonomy_id     3702 
_entity_src_gen.pdbx_gene_src_variant              ? 
_entity_src_gen.pdbx_gene_src_cell_line            ? 
_entity_src_gen.pdbx_gene_src_atcc                 ? 
_entity_src_gen.pdbx_gene_src_organ                ? 
_entity_src_gen.pdbx_gene_src_organelle            ? 
_entity_src_gen.pdbx_gene_src_cell                 ? 
_entity_src_gen.pdbx_gene_src_cellular_location    ? 
_entity_src_gen.host_org_common_name               ? 
_entity_src_gen.pdbx_host_org_scientific_name      'Escherichia coli BL21(DE3)' 
_entity_src_gen.pdbx_host_org_ncbi_taxonomy_id     469008 
_entity_src_gen.host_org_genus                     ? 
_entity_src_gen.pdbx_host_org_gene                 ? 
_entity_src_gen.pdbx_host_org_organ                ? 
_entity_src_gen.host_org_species                   ? 
_entity_src_gen.pdbx_host_org_tissue               ? 
_entity_src_gen.pdbx_host_org_tissue_fraction      ? 
_entity_src_gen.pdbx_host_org_strain               ? 
_entity_src_gen.pdbx_host_org_variant              ? 
_entity_src_gen.pdbx_host_org_cell_line            ? 
_entity_src_gen.pdbx_host_org_atcc                 ? 
_entity_src_gen.pdbx_host_org_culture_collection   ? 
_entity_src_gen.pdbx_host_org_cell                 ? 
_entity_src_gen.pdbx_host_org_organelle            ? 
_entity_src_gen.pdbx_host_org_cellular_location    ? 
_entity_src_gen.pdbx_host_org_vector_type          ? 
_entity_src_gen.pdbx_host_org_vector               ? 
_entity_src_gen.host_org_details                   ? 
_entity_src_gen.expression_system_id               ? 
_entity_src_gen.plasmid_name                       ? 
_entity_src_gen.plasmid_details                    ? 
_entity_src_gen.pdbx_description                   ? 
# 
loop_
_chem_comp.id 
_chem_comp.type 
_chem_comp.mon_nstd_flag 
_chem_comp.name 
_chem_comp.pdbx_synonyms 
_chem_comp.formula 
_chem_comp.formula_weight 
ALA 'L-peptide linking' y ALANINE                                           ?                          'C3 H7 N O2'       89.093  
ARG 'L-peptide linking' y ARGININE                                          ?                          'C6 H15 N4 O2 1'   175.209 
ASN 'L-peptide linking' y ASPARAGINE                                        ?                          'C4 H8 N2 O3'      132.118 
ASP 'L-peptide linking' y 'ASPARTIC ACID'                                   ?                          'C4 H7 N O4'       133.103 
CYS 'L-peptide linking' y CYSTEINE                                          ?                          'C3 H7 N O2 S'     121.158 
FMA non-polymer         . '6-(3-TETRADECANOIC ACID) FLAVINE MONONUCLEOTIDE' ?                          'C31 H47 N4 O11 P' 682.699 
FMN non-polymer         . 'FLAVIN MONONUCLEOTIDE'                           'RIBOFLAVIN MONOPHOSPHATE' 'C17 H21 N4 O9 P'  456.344 
GLN 'L-peptide linking' y GLUTAMINE                                         ?                          'C5 H10 N2 O3'     146.144 
GLU 'L-peptide linking' y 'GLUTAMIC ACID'                                   ?                          'C5 H9 N O4'       147.129 
GLY 'peptide linking'   y GLYCINE                                           ?                          'C2 H5 N O2'       75.067  
HIS 'L-peptide linking' y HISTIDINE                                         ?                          'C6 H10 N3 O2 1'   156.162 
HOH non-polymer         . WATER                                             ?                          'H2 O'             18.015  
ILE 'L-peptide linking' y ISOLEUCINE                                        ?                          'C6 H13 N O2'      131.173 
LEU 'L-peptide linking' y LEUCINE                                           ?                          'C6 H13 N O2'      131.173 
LYS 'L-peptide linking' y LYSINE                                            ?                          'C6 H15 N2 O2 1'   147.195 
MET 'L-peptide linking' y METHIONINE                                        ?                          'C5 H11 N O2 S'    149.211 
PHE 'L-peptide linking' y PHENYLALANINE                                     ?                          'C9 H11 N O2'      165.189 
PRO 'L-peptide linking' y PROLINE                                           ?                          'C5 H9 N O2'       115.130 
SER 'L-peptide linking' y SERINE                                            ?                          'C3 H7 N O3'       105.093 
THR 'L-peptide linking' y THREONINE                                         ?                          'C4 H9 N O3'       119.119 
TRP 'L-peptide linking' y TRYPTOPHAN                                        ?                          'C11 H12 N2 O2'    204.225 
TYR 'L-peptide linking' y TYROSINE                                          ?                          'C9 H11 N O3'      181.189 
VAL 'L-peptide linking' y VALINE                                            ?                          'C5 H11 N O2'      117.146 
# 
loop_
_pdbx_poly_seq_scheme.asym_id 
_pdbx_poly_seq_scheme.entity_id 
_pdbx_poly_seq_scheme.seq_id 
_pdbx_poly_seq_scheme.mon_id 
_pdbx_poly_seq_scheme.ndb_seq_num 
_pdbx_poly_seq_scheme.pdb_seq_num 
_pdbx_poly_seq_scheme.auth_seq_num 
_pdbx_poly_seq_scheme.pdb_mon_id 
_pdbx_poly_seq_scheme.auth_mon_id 
_pdbx_poly_seq_scheme.pdb_strand_id 
_pdbx_poly_seq_scheme.pdb_ins_code 
_pdbx_poly_seq_scheme.hetero 
A 1 1   MET 1   387 ?   ?   ?   A . n 
A 1 2   GLU 2   388 ?   ?   ?   A . n 
A 1 3   LYS 3   389 389 LYS LYS A . n 
A 1 4   ASN 4   390 390 ASN ASN A . n 
A 1 5   PHE 5   391 391 PHE PHE A . n 
A 1 6   VAL 6   392 392 VAL VAL A . n 
A 1 7   ILE 7   393 393 ILE ILE A . n 
A 1 8   SER 8   394 394 SER SER A . n 
A 1 9   ASP 9   395 395 ASP ASP A . n 
A 1 10  PRO 10  396 396 PRO PRO A . n 
A 1 11  ARG 11  397 397 ARG ARG A . n 
A 1 12  LEU 12  398 398 LEU LEU A . n 
A 1 13  PRO 13  399 399 PRO PRO A . n 
A 1 14  ASP 14  400 400 ASP ASP A . n 
A 1 15  ASN 15  401 401 ASN ASN A . n 
A 1 16  PRO 16  402 402 PRO PRO A . n 
A 1 17  ILE 17  403 403 ILE ILE A . n 
A 1 18  ILE 18  404 404 ILE ILE A . n 
A 1 19  PHE 19  405 405 PHE PHE A . n 
A 1 20  ALA 20  406 406 ALA ALA A . n 
A 1 21  SER 21  407 407 SER SER A . n 
A 1 22  ASP 22  408 408 ASP ASP A . n 
A 1 23  SER 23  409 409 SER SER A . n 
A 1 24  PHE 24  410 410 PHE PHE A . n 
A 1 25  LEU 25  411 411 LEU LEU A . n 
A 1 26  GLU 26  412 412 GLU GLU A . n 
A 1 27  LEU 27  413 413 LEU LEU A . n 
A 1 28  THR 28  414 414 THR THR A . n 
A 1 29  GLU 29  415 415 GLU GLU A . n 
A 1 30  TYR 30  416 416 TYR TYR A . n 
A 1 31  SER 31  417 417 SER SER A . n 
A 1 32  ARG 32  418 418 ARG ARG A . n 
A 1 33  GLU 33  419 419 GLU GLU A . n 
A 1 34  GLU 34  420 420 GLU GLU A . n 
A 1 35  ILE 35  421 421 ILE ILE A . n 
A 1 36  LEU 36  422 422 LEU LEU A . n 
A 1 37  GLY 37  423 423 GLY GLY A . n 
A 1 38  ARG 38  424 424 ARG ARG A . n 
A 1 39  ASN 39  425 425 ASN ASN A . n 
A 1 40  CYS 40  426 426 CYS CYS A . n 
A 1 41  ARG 41  427 427 ARG ARG A . n 
A 1 42  PHE 42  428 428 PHE PHE A . n 
A 1 43  LEU 43  429 429 LEU LEU A . n 
A 1 44  GLN 44  430 430 GLN GLN A . n 
A 1 45  GLY 45  431 431 GLY GLY A . n 
A 1 46  PRO 46  432 432 PRO PRO A . n 
A 1 47  GLU 47  433 433 GLU GLU A . n 
A 1 48  THR 48  434 434 THR THR A . n 
A 1 49  ASP 49  435 435 ASP ASP A . n 
A 1 50  GLN 50  436 436 GLN GLN A . n 
A 1 51  ALA 51  437 437 ALA ALA A . n 
A 1 52  THR 52  438 438 THR THR A . n 
A 1 53  VAL 53  439 439 VAL VAL A . n 
A 1 54  GLN 54  440 440 GLN GLN A . n 
A 1 55  LYS 55  441 441 LYS LYS A . n 
A 1 56  ILE 56  442 442 ILE ILE A . n 
A 1 57  ARG 57  443 443 ARG ARG A . n 
A 1 58  ASP 58  444 444 ASP ASP A . n 
A 1 59  ALA 59  445 445 ALA ALA A . n 
A 1 60  ILE 60  446 446 ILE ILE A . n 
A 1 61  ARG 61  447 447 ARG ARG A . n 
A 1 62  ASP 62  448 448 ASP ASP A . n 
A 1 63  GLN 63  449 449 GLN GLN A . n 
A 1 64  ARG 64  450 450 ARG ARG A . n 
A 1 65  GLU 65  451 451 GLU GLU A . n 
A 1 66  ILE 66  452 452 ILE ILE A . n 
A 1 67  THR 67  453 453 THR THR A . n 
A 1 68  VAL 68  454 454 VAL VAL A . n 
A 1 69  GLN 69  455 455 GLN GLN A . n 
A 1 70  LEU 70  456 456 LEU LEU A . n 
A 1 71  ILE 71  457 457 ILE ILE A . n 
A 1 72  ASN 72  458 458 ASN ASN A . n 
A 1 73  TYR 73  459 459 TYR TYR A . n 
A 1 74  THR 74  460 460 THR THR A . n 
A 1 75  LYS 75  461 461 LYS LYS A . n 
A 1 76  SER 76  462 462 SER SER A . n 
A 1 77  GLY 77  463 463 GLY GLY A . n 
A 1 78  LYS 78  464 464 LYS LYS A . n 
A 1 79  LYS 79  465 465 LYS LYS A . n 
A 1 80  PHE 80  466 466 PHE PHE A . n 
A 1 81  TRP 81  467 467 TRP TRP A . n 
A 1 82  ASN 82  468 468 ASN ASN A . n 
A 1 83  LEU 83  469 469 LEU LEU A . n 
A 1 84  PHE 84  470 470 PHE PHE A . n 
A 1 85  HIS 85  471 471 HIS HIS A . n 
A 1 86  LEU 86  472 472 LEU LEU A . n 
A 1 87  GLN 87  473 473 GLN GLN A . n 
A 1 88  PRO 88  474 474 PRO PRO A . n 
A 1 89  MET 89  475 475 MET MET A . n 
A 1 90  ARG 90  476 476 ARG ARG A . n 
A 1 91  ASP 91  477 477 ASP ASP A . n 
A 1 92  GLN 92  478 478 GLN GLN A . n 
A 1 93  LYS 93  479 479 LYS LYS A . n 
A 1 94  GLY 94  480 480 GLY GLY A . n 
A 1 95  GLU 95  481 481 GLU GLU A . n 
A 1 96  LEU 96  482 482 LEU LEU A . n 
A 1 97  GLN 97  483 483 GLN GLN A . n 
A 1 98  TYR 98  484 484 TYR TYR A . n 
A 1 99  PHE 99  485 485 PHE PHE A . n 
A 1 100 ILE 100 486 486 ILE ILE A . n 
A 1 101 GLY 101 487 487 GLY GLY A . n 
A 1 102 VAL 102 488 488 VAL VAL A . n 
A 1 103 GLN 103 489 489 GLN GLN A . n 
A 1 104 LEU 104 490 490 LEU LEU A . n 
A 1 105 ASP 105 491 491 ASP ASP A . n 
A 1 106 GLY 106 492 492 GLY GLY A . n 
A 1 107 GLU 107 493 493 GLU GLU A . n 
A 1 108 PHE 108 494 494 PHE PHE A . n 
A 1 109 ILE 109 495 495 ILE ILE A . n 
A 1 110 PRO 110 496 ?   ?   ?   A . n 
A 1 111 ASN 111 497 ?   ?   ?   A . n 
A 1 112 PRO 112 498 ?   ?   ?   A . n 
A 1 113 LEU 113 499 ?   ?   ?   A . n 
A 1 114 LEU 114 500 ?   ?   ?   A . n 
A 1 115 GLY 115 501 ?   ?   ?   A . n 
A 1 116 LEU 116 502 ?   ?   ?   A . n 
A 1 117 ASP 117 503 ?   ?   ?   A . n 
A 1 118 SER 118 504 ?   ?   ?   A . n 
A 1 119 THR 119 505 ?   ?   ?   A . n 
A 1 120 ARG 120 506 ?   ?   ?   A . n 
A 1 121 THR 121 507 ?   ?   ?   A . n 
A 1 122 GLY 122 508 ?   ?   ?   A . n 
A 1 123 HIS 123 509 ?   ?   ?   A . n 
A 1 124 HIS 124 510 ?   ?   ?   A . n 
A 1 125 HIS 125 511 ?   ?   ?   A . n 
A 1 126 HIS 126 512 ?   ?   ?   A . n 
A 1 127 HIS 127 513 ?   ?   ?   A . n 
A 1 128 HIS 128 514 ?   ?   ?   A . n 
# 
loop_
_pdbx_nonpoly_scheme.asym_id 
_pdbx_nonpoly_scheme.entity_id 
_pdbx_nonpoly_scheme.mon_id 
_pdbx_nonpoly_scheme.ndb_seq_num 
_pdbx_nonpoly_scheme.pdb_seq_num 
_pdbx_nonpoly_scheme.auth_seq_num 
_pdbx_nonpoly_scheme.pdb_mon_id 
_pdbx_nonpoly_scheme.auth_mon_id 
_pdbx_nonpoly_scheme.pdb_strand_id 
_pdbx_nonpoly_scheme.pdb_ins_code 
B 2 FMA 1  601 500 FMA FMA A . 
C 3 FMN 1  602 500 FMN FMN A . 
D 4 HOH 1  701 11  HOH HOH A . 
D 4 HOH 2  702 8   HOH HOH A . 
D 4 HOH 3  703 22  HOH HOH A . 
D 4 HOH 4  704 6   HOH HOH A . 
D 4 HOH 5  705 28  HOH HOH A . 
D 4 HOH 6  706 12  HOH HOH A . 
D 4 HOH 7  707 20  HOH HOH A . 
D 4 HOH 8  708 27  HOH HOH A . 
D 4 HOH 9  709 10  HOH HOH A . 
D 4 HOH 10 710 3   HOH HOH A . 
D 4 HOH 11 711 7   HOH HOH A . 
D 4 HOH 12 712 33  HOH HOH A . 
D 4 HOH 13 713 1   HOH HOH A . 
D 4 HOH 14 714 5   HOH HOH A . 
D 4 HOH 15 715 13  HOH HOH A . 
D 4 HOH 16 716 9   HOH HOH A . 
D 4 HOH 17 717 23  HOH HOH A . 
D 4 HOH 18 718 2   HOH HOH A . 
D 4 HOH 19 719 15  HOH HOH A . 
D 4 HOH 20 720 17  HOH HOH A . 
D 4 HOH 21 721 14  HOH HOH A . 
D 4 HOH 22 722 4   HOH HOH A . 
D 4 HOH 23 723 45  HOH HOH A . 
D 4 HOH 24 724 43  HOH HOH A . 
D 4 HOH 25 725 26  HOH HOH A . 
D 4 HOH 26 726 19  HOH HOH A . 
D 4 HOH 27 727 21  HOH HOH A . 
D 4 HOH 28 728 47  HOH HOH A . 
D 4 HOH 29 729 16  HOH HOH A . 
D 4 HOH 30 730 41  HOH HOH A . 
D 4 HOH 31 731 18  HOH HOH A . 
D 4 HOH 32 732 29  HOH HOH A . 
D 4 HOH 33 733 36  HOH HOH A . 
D 4 HOH 34 734 32  HOH HOH A . 
D 4 HOH 35 735 42  HOH HOH A . 
D 4 HOH 36 736 24  HOH HOH A . 
D 4 HOH 37 737 46  HOH HOH A . 
D 4 HOH 38 738 31  HOH HOH A . 
D 4 HOH 39 739 38  HOH HOH A . 
D 4 HOH 40 740 25  HOH HOH A . 
D 4 HOH 41 741 40  HOH HOH A . 
D 4 HOH 42 742 34  HOH HOH A . 
D 4 HOH 43 743 30  HOH HOH A . 
D 4 HOH 44 744 35  HOH HOH A . 
D 4 HOH 45 745 44  HOH HOH A . 
D 4 HOH 46 746 37  HOH HOH A . 
D 4 HOH 47 747 39  HOH HOH A . 
# 
loop_
_pdbx_unobs_or_zero_occ_atoms.id 
_pdbx_unobs_or_zero_occ_atoms.PDB_model_num 
_pdbx_unobs_or_zero_occ_atoms.polymer_flag 
_pdbx_unobs_or_zero_occ_atoms.occupancy_flag 
_pdbx_unobs_or_zero_occ_atoms.auth_asym_id 
_pdbx_unobs_or_zero_occ_atoms.auth_comp_id 
_pdbx_unobs_or_zero_occ_atoms.auth_seq_id 
_pdbx_unobs_or_zero_occ_atoms.PDB_ins_code 
_pdbx_unobs_or_zero_occ_atoms.auth_atom_id 
_pdbx_unobs_or_zero_occ_atoms.label_alt_id 
_pdbx_unobs_or_zero_occ_atoms.label_asym_id 
_pdbx_unobs_or_zero_occ_atoms.label_comp_id 
_pdbx_unobs_or_zero_occ_atoms.label_seq_id 
_pdbx_unobs_or_zero_occ_atoms.label_atom_id 
1  1 N 1 A FMA 601 ? "C1'" ? B FMA 1 "C1'" 
2  1 N 1 A FMA 601 ? "O1'" ? B FMA 1 "O1'" 
3  1 N 1 A FMA 601 ? "O2'" ? B FMA 1 "O2'" 
4  1 N 1 A FMA 601 ? "C2'" ? B FMA 1 "C2'" 
5  1 N 1 A FMA 601 ? "C3'" ? B FMA 1 "C3'" 
6  1 N 1 A FMA 601 ? "C4'" ? B FMA 1 "C4'" 
7  1 N 1 A FMA 601 ? "C5'" ? B FMA 1 "C5'" 
8  1 N 1 A FMA 601 ? "C6'" ? B FMA 1 "C6'" 
9  1 N 1 A FMA 601 ? "C7'" ? B FMA 1 "C7'" 
10 1 N 1 A FMA 601 ? "C8'" ? B FMA 1 "C8'" 
11 1 N 1 A FMA 601 ? "C9'" ? B FMA 1 "C9'" 
12 1 N 1 A FMA 601 ? C11   ? B FMA 1 C11   
13 1 N 1 A FMA 601 ? C12   ? B FMA 1 C12   
14 1 N 1 A FMA 601 ? C13   ? B FMA 1 C13   
15 1 N 1 A FMA 601 ? C14   ? B FMA 1 C14   
16 1 N 1 A FMA 601 ? C15   ? B FMA 1 C15   
# 
loop_
_software.citation_id 
_software.classification 
_software.compiler_name 
_software.compiler_version 
_software.contact_author 
_software.contact_author_email 
_software.date 
_software.description 
_software.dependencies 
_software.hardware 
_software.language 
_software.location 
_software.mods 
_software.name 
_software.os 
_software.os_version 
_software.type 
_software.version 
_software.pdbx_ordinal 
? refinement        ? ? ? ? ? ? ? ? ? ? ? PHENIX      ? ? ? 1.20_4459 1 
? 'data extraction' ? ? ? ? ? ? ? ? ? ? ? PDB_EXTRACT ? ? ? 3.27      2 
? 'data reduction'  ? ? ? ? ? ? ? ? ? ? ? XDS         ? ? ? .         3 
? 'data scaling'    ? ? ? ? ? ? ? ? ? ? ? Aimless     ? ? ? .         4 
? phasing           ? ? ? ? ? ? ? ? ? ? ? PHASER      ? ? ? .         5 
# 
_cell.angle_alpha                  90.000 
_cell.angle_alpha_esd              ? 
_cell.angle_beta                   90.000 
_cell.angle_beta_esd               ? 
_cell.angle_gamma                  90.000 
_cell.angle_gamma_esd              ? 
_cell.entry_id                     8A4E 
_cell.details                      ? 
_cell.formula_units_Z              ? 
_cell.length_a                     41.555 
_cell.length_a_esd                 ? 
_cell.length_b                     41.555 
_cell.length_b_esd                 ? 
_cell.length_c                     132.850 
_cell.length_c_esd                 ? 
_cell.volume                       ? 
_cell.volume_esd                   ? 
_cell.Z_PDB                        8 
_cell.reciprocal_angle_alpha       ? 
_cell.reciprocal_angle_beta        ? 
_cell.reciprocal_angle_gamma       ? 
_cell.reciprocal_angle_alpha_esd   ? 
_cell.reciprocal_angle_beta_esd    ? 
_cell.reciprocal_angle_gamma_esd   ? 
_cell.reciprocal_length_a          ? 
_cell.reciprocal_length_b          ? 
_cell.reciprocal_length_c          ? 
_cell.reciprocal_length_a_esd      ? 
_cell.reciprocal_length_b_esd      ? 
_cell.reciprocal_length_c_esd      ? 
_cell.pdbx_unique_axis             ? 
_cell.pdbx_esd_method              ? 
# 
_symmetry.entry_id                         8A4E 
_symmetry.cell_setting                     ? 
_symmetry.Int_Tables_number                96 
_symmetry.space_group_name_Hall            ? 
_symmetry.space_group_name_H-M             'P 43 21 2' 
_symmetry.pdbx_full_space_group_name_H-M   ? 
# 
_exptl.absorpt_coefficient_mu     ? 
_exptl.absorpt_correction_T_max   ? 
_exptl.absorpt_correction_T_min   ? 
_exptl.absorpt_correction_type    ? 
_exptl.absorpt_process_details    ? 
_exptl.entry_id                   8A4E 
_exptl.crystals_number            1 
_exptl.details                    ? 
_exptl.method                     'X-RAY DIFFRACTION' 
_exptl.method_details             ? 
# 
_exptl_crystal.colour                       ? 
_exptl_crystal.density_diffrn               ? 
_exptl_crystal.density_Matthews             1.91 
_exptl_crystal.density_method               ? 
_exptl_crystal.density_percent_sol          35.76 
_exptl_crystal.description                  ? 
_exptl_crystal.F_000                        ? 
_exptl_crystal.id                           1 
_exptl_crystal.preparation                  ? 
_exptl_crystal.size_max                     ? 
_exptl_crystal.size_mid                     ? 
_exptl_crystal.size_min                     ? 
_exptl_crystal.size_rad                     ? 
_exptl_crystal.colour_lustre                ? 
_exptl_crystal.colour_modifier              ? 
_exptl_crystal.colour_primary               ? 
_exptl_crystal.density_meas                 ? 
_exptl_crystal.density_meas_esd             ? 
_exptl_crystal.density_meas_gt              ? 
_exptl_crystal.density_meas_lt              ? 
_exptl_crystal.density_meas_temp            ? 
_exptl_crystal.density_meas_temp_esd        ? 
_exptl_crystal.density_meas_temp_gt         ? 
_exptl_crystal.density_meas_temp_lt         ? 
_exptl_crystal.pdbx_crystal_image_url       ? 
_exptl_crystal.pdbx_crystal_image_format    ? 
_exptl_crystal.pdbx_mosaicity               ? 
_exptl_crystal.pdbx_mosaicity_esd           ? 
_exptl_crystal.pdbx_mosaic_method           ? 
_exptl_crystal.pdbx_mosaic_block_size       ? 
_exptl_crystal.pdbx_mosaic_block_size_esd   ? 
# 
_exptl_crystal_grow.apparatus       ? 
_exptl_crystal_grow.atmosphere      ? 
_exptl_crystal_grow.crystal_id      1 
_exptl_crystal_grow.details         ? 
_exptl_crystal_grow.method          'VAPOR DIFFUSION, HANGING DROP' 
_exptl_crystal_grow.method_ref      ? 
_exptl_crystal_grow.pH              6.0 
_exptl_crystal_grow.pressure        ? 
_exptl_crystal_grow.pressure_esd    ? 
_exptl_crystal_grow.seeding         ? 
_exptl_crystal_grow.seeding_ref     ? 
_exptl_crystal_grow.temp            293 
_exptl_crystal_grow.temp_details    ? 
_exptl_crystal_grow.temp_esd        ? 
_exptl_crystal_grow.time            ? 
_exptl_crystal_grow.pdbx_details    '100 mM MES pH 6.0, 4 to 9 % PEG8000, and 50 to 200 mM calcium acetate' 
_exptl_crystal_grow.pdbx_pH_range   ? 
# 
_diffrn.ambient_environment              ? 
_diffrn.ambient_temp                     293 
_diffrn.ambient_temp_details             ? 
_diffrn.ambient_temp_esd                 ? 
_diffrn.crystal_id                       1 
_diffrn.crystal_support                  ? 
_diffrn.crystal_treatment                ? 
_diffrn.details                          ? 
_diffrn.id                               1 
_diffrn.ambient_pressure                 ? 
_diffrn.ambient_pressure_esd             ? 
_diffrn.ambient_pressure_gt              ? 
_diffrn.ambient_pressure_lt              ? 
_diffrn.ambient_temp_gt                  ? 
_diffrn.ambient_temp_lt                  ? 
_diffrn.pdbx_serial_crystal_experiment   N 
# 
_diffrn_detector.details                      ? 
_diffrn_detector.detector                     PIXEL 
_diffrn_detector.diffrn_id                    1 
_diffrn_detector.type                         'DECTRIS EIGER X 4M' 
_diffrn_detector.area_resol_mean              ? 
_diffrn_detector.dtime                        ? 
_diffrn_detector.pdbx_frames_total            ? 
_diffrn_detector.pdbx_collection_time_total   ? 
_diffrn_detector.pdbx_collection_date         2022-02-02 
_diffrn_detector.pdbx_frequency               ? 
# 
_diffrn_radiation.collimation                      ? 
_diffrn_radiation.diffrn_id                        1 
_diffrn_radiation.filter_edge                      ? 
_diffrn_radiation.inhomogeneity                    ? 
_diffrn_radiation.monochromator                    ? 
_diffrn_radiation.polarisn_norm                    ? 
_diffrn_radiation.polarisn_ratio                   ? 
_diffrn_radiation.probe                            ? 
_diffrn_radiation.type                             ? 
_diffrn_radiation.xray_symbol                      ? 
_diffrn_radiation.wavelength_id                    1 
_diffrn_radiation.pdbx_monochromatic_or_laue_m_l   M 
_diffrn_radiation.pdbx_wavelength_list             ? 
_diffrn_radiation.pdbx_wavelength                  ? 
_diffrn_radiation.pdbx_diffrn_protocol             'SINGLE WAVELENGTH' 
_diffrn_radiation.pdbx_analyzer                    ? 
_diffrn_radiation.pdbx_scattering_type             x-ray 
# 
_diffrn_radiation_wavelength.id           1 
_diffrn_radiation_wavelength.wavelength   0.9677 
_diffrn_radiation_wavelength.wt           1.0 
# 
_diffrn_source.current                     ? 
_diffrn_source.details                     ? 
_diffrn_source.diffrn_id                   1 
_diffrn_source.power                       ? 
_diffrn_source.size                        ? 
_diffrn_source.source                      SYNCHROTRON 
_diffrn_source.target                      ? 
_diffrn_source.type                        'ESRF BEAMLINE MASSIF-3' 
_diffrn_source.voltage                     ? 
_diffrn_source.take-off_angle              ? 
_diffrn_source.pdbx_wavelength_list        0.9677 
_diffrn_source.pdbx_wavelength             ? 
_diffrn_source.pdbx_synchrotron_beamline   MASSIF-3 
_diffrn_source.pdbx_synchrotron_site       ESRF 
# 
_reflns.B_iso_Wilson_estimate                          ? 
_reflns.entry_id                                       8A4E 
_reflns.data_reduction_details                         ? 
_reflns.data_reduction_method                          ? 
_reflns.d_resolution_high                              1.96 
_reflns.d_resolution_low                               39.66 
_reflns.details                                        ? 
_reflns.limit_h_max                                    ? 
_reflns.limit_h_min                                    ? 
_reflns.limit_k_max                                    ? 
_reflns.limit_k_min                                    ? 
_reflns.limit_l_max                                    ? 
_reflns.limit_l_min                                    ? 
_reflns.number_all                                     ? 
_reflns.number_obs                                     7757 
_reflns.observed_criterion                             ? 
_reflns.observed_criterion_F_max                       ? 
_reflns.observed_criterion_F_min                       ? 
_reflns.observed_criterion_I_max                       ? 
_reflns.observed_criterion_I_min                       ? 
_reflns.observed_criterion_sigma_F                     ? 
_reflns.observed_criterion_sigma_I                     ? 
_reflns.percent_possible_obs                           91.9 
_reflns.R_free_details                                 ? 
_reflns.Rmerge_F_all                                   ? 
_reflns.Rmerge_F_obs                                   ? 
_reflns.Friedel_coverage                               ? 
_reflns.number_gt                                      ? 
_reflns.threshold_expression                           ? 
_reflns.pdbx_redundancy                                8.4 
_reflns.pdbx_Rmerge_I_obs                              ? 
_reflns.pdbx_Rmerge_I_all                              ? 
_reflns.pdbx_Rsym_value                                ? 
_reflns.pdbx_netI_over_av_sigmaI                       ? 
_reflns.pdbx_netI_over_sigmaI                          5.7 
_reflns.pdbx_res_netI_over_av_sigmaI_2                 ? 
_reflns.pdbx_res_netI_over_sigmaI_2                    ? 
_reflns.pdbx_chi_squared                               ? 
_reflns.pdbx_scaling_rejects                           ? 
_reflns.pdbx_d_res_high_opt                            ? 
_reflns.pdbx_d_res_low_opt                             ? 
_reflns.pdbx_d_res_opt_method                          ? 
_reflns.phase_calculation_details                      ? 
_reflns.pdbx_Rrim_I_all                                ? 
_reflns.pdbx_Rpim_I_all                                0.082 
_reflns.pdbx_d_opt                                     ? 
_reflns.pdbx_number_measured_all                       ? 
_reflns.pdbx_diffrn_id                                 1 
_reflns.pdbx_ordinal                                   1 
_reflns.pdbx_CC_half                                   0.98 
_reflns.pdbx_CC_star                                   ? 
_reflns.pdbx_R_split                                   ? 
_reflns.pdbx_aniso_diffraction_limit_axis_1_ortho[1]   ? 
_reflns.pdbx_aniso_diffraction_limit_axis_1_ortho[2]   ? 
_reflns.pdbx_aniso_diffraction_limit_axis_1_ortho[3]   ? 
_reflns.pdbx_aniso_diffraction_limit_axis_2_ortho[1]   ? 
_reflns.pdbx_aniso_diffraction_limit_axis_2_ortho[2]   ? 
_reflns.pdbx_aniso_diffraction_limit_axis_2_ortho[3]   ? 
_reflns.pdbx_aniso_diffraction_limit_axis_3_ortho[1]   ? 
_reflns.pdbx_aniso_diffraction_limit_axis_3_ortho[2]   ? 
_reflns.pdbx_aniso_diffraction_limit_axis_3_ortho[3]   ? 
_reflns.pdbx_aniso_diffraction_limit_1                 ? 
_reflns.pdbx_aniso_diffraction_limit_2                 ? 
_reflns.pdbx_aniso_diffraction_limit_3                 ? 
_reflns.pdbx_aniso_B_tensor_eigenvector_1_ortho[1]     ? 
_reflns.pdbx_aniso_B_tensor_eigenvector_1_ortho[2]     ? 
_reflns.pdbx_aniso_B_tensor_eigenvector_1_ortho[3]     ? 
_reflns.pdbx_aniso_B_tensor_eigenvector_2_ortho[1]     ? 
_reflns.pdbx_aniso_B_tensor_eigenvector_2_ortho[2]     ? 
_reflns.pdbx_aniso_B_tensor_eigenvector_2_ortho[3]     ? 
_reflns.pdbx_aniso_B_tensor_eigenvector_3_ortho[1]     ? 
_reflns.pdbx_aniso_B_tensor_eigenvector_3_ortho[2]     ? 
_reflns.pdbx_aniso_B_tensor_eigenvector_3_ortho[3]     ? 
_reflns.pdbx_aniso_B_tensor_eigenvalue_1               ? 
_reflns.pdbx_aniso_B_tensor_eigenvalue_2               ? 
_reflns.pdbx_aniso_B_tensor_eigenvalue_3               ? 
_reflns.pdbx_orthogonalization_convention              ? 
_reflns.pdbx_percent_possible_ellipsoidal              ? 
_reflns.pdbx_percent_possible_spherical                ? 
_reflns.pdbx_percent_possible_ellipsoidal_anomalous    ? 
_reflns.pdbx_percent_possible_spherical_anomalous      ? 
_reflns.pdbx_redundancy_anomalous                      ? 
_reflns.pdbx_CC_half_anomalous                         ? 
_reflns.pdbx_absDiff_over_sigma_anomalous              ? 
_reflns.pdbx_percent_possible_anomalous                ? 
_reflns.pdbx_observed_signal_threshold                 ? 
_reflns.pdbx_signal_type                               ? 
_reflns.pdbx_signal_details                            ? 
_reflns.pdbx_signal_software_id                        ? 
_reflns.pdbx_CC_split_method                           ? 
# 
_reflns_shell.d_res_high                                    1.96 
_reflns_shell.d_res_low                                     2.08 
_reflns_shell.meanI_over_sigI_all                           ? 
_reflns_shell.meanI_over_sigI_obs                           1.5 
_reflns_shell.number_measured_all                           ? 
_reflns_shell.number_measured_obs                           ? 
_reflns_shell.number_possible                               ? 
_reflns_shell.number_unique_all                             ? 
_reflns_shell.number_unique_obs                             3612 
_reflns_shell.percent_possible_all                          ? 
_reflns_shell.percent_possible_obs                          ? 
_reflns_shell.Rmerge_F_all                                  ? 
_reflns_shell.Rmerge_F_obs                                  ? 
_reflns_shell.Rmerge_I_all                                  ? 
_reflns_shell.Rmerge_I_obs                                  ? 
_reflns_shell.meanI_over_sigI_gt                            ? 
_reflns_shell.meanI_over_uI_all                             ? 
_reflns_shell.meanI_over_uI_gt                              ? 
_reflns_shell.number_measured_gt                            ? 
_reflns_shell.number_unique_gt                              ? 
_reflns_shell.percent_possible_gt                           ? 
_reflns_shell.Rmerge_F_gt                                   ? 
_reflns_shell.Rmerge_I_gt                                   ? 
_reflns_shell.pdbx_redundancy                               ? 
_reflns_shell.pdbx_Rsym_value                               ? 
_reflns_shell.pdbx_chi_squared                              ? 
_reflns_shell.pdbx_netI_over_sigmaI_all                     ? 
_reflns_shell.pdbx_netI_over_sigmaI_obs                     ? 
_reflns_shell.pdbx_Rrim_I_all                               ? 
_reflns_shell.pdbx_Rpim_I_all                               0.564 
_reflns_shell.pdbx_rejects                                  ? 
_reflns_shell.pdbx_ordinal                                  1 
_reflns_shell.pdbx_diffrn_id                                1 
_reflns_shell.pdbx_CC_half                                  0.67 
_reflns_shell.pdbx_CC_star                                  ? 
_reflns_shell.pdbx_R_split                                  ? 
_reflns_shell.pdbx_percent_possible_ellipsoidal             ? 
_reflns_shell.pdbx_percent_possible_spherical               ? 
_reflns_shell.pdbx_percent_possible_ellipsoidal_anomalous   ? 
_reflns_shell.pdbx_percent_possible_spherical_anomalous     ? 
_reflns_shell.pdbx_redundancy_anomalous                     ? 
_reflns_shell.pdbx_CC_half_anomalous                        ? 
_reflns_shell.pdbx_absDiff_over_sigma_anomalous             ? 
_reflns_shell.pdbx_percent_possible_anomalous               ? 
# 
_refine.aniso_B[1][1]                            ? 
_refine.aniso_B[1][2]                            ? 
_refine.aniso_B[1][3]                            ? 
_refine.aniso_B[2][2]                            ? 
_refine.aniso_B[2][3]                            ? 
_refine.aniso_B[3][3]                            ? 
_refine.B_iso_max                                133.090 
_refine.B_iso_mean                               42.3896 
_refine.B_iso_min                                17.820 
_refine.correlation_coeff_Fo_to_Fc               ? 
_refine.correlation_coeff_Fo_to_Fc_free          ? 
_refine.details                                  ? 
_refine.diff_density_max                         ? 
_refine.diff_density_max_esd                     ? 
_refine.diff_density_min                         ? 
_refine.diff_density_min_esd                     ? 
_refine.diff_density_rms                         ? 
_refine.diff_density_rms_esd                     ? 
_refine.entry_id                                 8A4E 
_refine.pdbx_refine_id                           'X-RAY DIFFRACTION' 
_refine.ls_abs_structure_details                 ? 
_refine.ls_abs_structure_Flack                   ? 
_refine.ls_abs_structure_Flack_esd               ? 
_refine.ls_abs_structure_Rogers                  ? 
_refine.ls_abs_structure_Rogers_esd              ? 
_refine.ls_d_res_high                            1.9600 
_refine.ls_d_res_low                             35.2300 
_refine.ls_extinction_coef                       ? 
_refine.ls_extinction_coef_esd                   ? 
_refine.ls_extinction_expression                 ? 
_refine.ls_extinction_method                     ? 
_refine.ls_goodness_of_fit_all                   ? 
_refine.ls_goodness_of_fit_all_esd               ? 
_refine.ls_goodness_of_fit_obs                   ? 
_refine.ls_goodness_of_fit_obs_esd               ? 
_refine.ls_hydrogen_treatment                    ? 
_refine.ls_matrix_type                           ? 
_refine.ls_number_constraints                    ? 
_refine.ls_number_parameters                     ? 
_refine.ls_number_reflns_all                     ? 
_refine.ls_number_reflns_obs                     7756 
_refine.ls_number_reflns_R_free                  354 
_refine.ls_number_reflns_R_work                  7402 
_refine.ls_number_restraints                     ? 
_refine.ls_percent_reflns_obs                    85.7400 
_refine.ls_percent_reflns_R_free                 4.5600 
_refine.ls_R_factor_all                          ? 
_refine.ls_R_factor_obs                          0.1889 
_refine.ls_R_factor_R_free                       0.2247 
_refine.ls_R_factor_R_free_error                 ? 
_refine.ls_R_factor_R_free_error_details         ? 
_refine.ls_R_factor_R_work                       0.1872 
_refine.ls_R_Fsqd_factor_obs                     ? 
_refine.ls_R_I_factor_obs                        ? 
_refine.ls_redundancy_reflns_all                 ? 
_refine.ls_redundancy_reflns_obs                 ? 
_refine.ls_restrained_S_all                      ? 
_refine.ls_restrained_S_obs                      ? 
_refine.ls_shift_over_esd_max                    ? 
_refine.ls_shift_over_esd_mean                   ? 
_refine.ls_structure_factor_coef                 ? 
_refine.ls_weighting_details                     ? 
_refine.ls_weighting_scheme                      ? 
_refine.ls_wR_factor_all                         ? 
_refine.ls_wR_factor_obs                         ? 
_refine.ls_wR_factor_R_free                      ? 
_refine.ls_wR_factor_R_work                      ? 
_refine.occupancy_max                            ? 
_refine.occupancy_min                            ? 
_refine.solvent_model_details                    'FLAT BULK SOLVENT MODEL' 
_refine.solvent_model_param_bsol                 ? 
_refine.solvent_model_param_ksol                 ? 
_refine.pdbx_R_complete                          ? 
_refine.ls_R_factor_gt                           ? 
_refine.ls_goodness_of_fit_gt                    ? 
_refine.ls_goodness_of_fit_ref                   ? 
_refine.ls_shift_over_su_max                     ? 
_refine.ls_shift_over_su_max_lt                  ? 
_refine.ls_shift_over_su_mean                    ? 
_refine.ls_shift_over_su_mean_lt                 ? 
_refine.pdbx_ls_sigma_I                          ? 
_refine.pdbx_ls_sigma_F                          1.360 
_refine.pdbx_ls_sigma_Fsqd                       ? 
_refine.pdbx_data_cutoff_high_absF               ? 
_refine.pdbx_data_cutoff_high_rms_absF           ? 
_refine.pdbx_data_cutoff_low_absF                ? 
_refine.pdbx_isotropic_thermal_model             ? 
_refine.pdbx_ls_cross_valid_method               THROUGHOUT 
_refine.pdbx_method_to_determine_struct          'MOLECULAR REPLACEMENT' 
_refine.pdbx_starting_model                      6QQK 
_refine.pdbx_stereochemistry_target_values       ML 
_refine.pdbx_R_Free_selection_details            ? 
_refine.pdbx_stereochem_target_val_spec_case     ? 
_refine.pdbx_overall_ESU_R                       ? 
_refine.pdbx_overall_ESU_R_Free                  ? 
_refine.pdbx_solvent_vdw_probe_radii             1.1000 
_refine.pdbx_solvent_ion_probe_radii             ? 
_refine.pdbx_solvent_shrinkage_radii             0.9000 
_refine.pdbx_real_space_R                        ? 
_refine.pdbx_density_correlation                 ? 
_refine.pdbx_pd_number_of_powder_patterns        ? 
_refine.pdbx_pd_number_of_points                 ? 
_refine.pdbx_pd_meas_number_of_points            ? 
_refine.pdbx_pd_proc_ls_prof_R_factor            ? 
_refine.pdbx_pd_proc_ls_prof_wR_factor           ? 
_refine.pdbx_pd_Marquardt_correlation_coeff      ? 
_refine.pdbx_pd_Fsqrd_R_factor                   ? 
_refine.pdbx_pd_ls_matrix_band_width             ? 
_refine.pdbx_overall_phase_error                 27.4700 
_refine.pdbx_overall_SU_R_free_Cruickshank_DPI   ? 
_refine.pdbx_overall_SU_R_free_Blow_DPI          ? 
_refine.pdbx_overall_SU_R_Blow_DPI               ? 
_refine.pdbx_TLS_residual_ADP_flag               ? 
_refine.pdbx_diffrn_id                           1 
_refine.overall_SU_B                             ? 
_refine.overall_SU_ML                            0.2200 
_refine.overall_SU_R_Cruickshank_DPI             ? 
_refine.overall_SU_R_free                        ? 
_refine.overall_FOM_free_R_set                   ? 
_refine.overall_FOM_work_R_set                   ? 
_refine.pdbx_average_fsc_overall                 ? 
_refine.pdbx_average_fsc_work                    ? 
_refine.pdbx_average_fsc_free                    ? 
# 
_refine_hist.pdbx_refine_id                   'X-RAY DIFFRACTION' 
_refine_hist.cycle_id                         final 
_refine_hist.details                          ? 
_refine_hist.d_res_high                       1.9600 
_refine_hist.d_res_low                        35.2300 
_refine_hist.number_atoms_solvent             47 
_refine_hist.number_atoms_total               997 
_refine_hist.number_reflns_all                ? 
_refine_hist.number_reflns_obs                ? 
_refine_hist.number_reflns_R_free             ? 
_refine_hist.number_reflns_R_work             ? 
_refine_hist.R_factor_all                     ? 
_refine_hist.R_factor_obs                     ? 
_refine_hist.R_factor_R_free                  ? 
_refine_hist.R_factor_R_work                  ? 
_refine_hist.pdbx_number_residues_total       107 
_refine_hist.pdbx_B_iso_mean_ligand           28.11 
_refine_hist.pdbx_B_iso_mean_solvent          47.51 
_refine_hist.pdbx_number_atoms_protein        888 
_refine_hist.pdbx_number_atoms_nucleic_acid   0 
_refine_hist.pdbx_number_atoms_ligand         62 
_refine_hist.pdbx_number_atoms_lipid          ? 
_refine_hist.pdbx_number_atoms_carb           ? 
_refine_hist.pdbx_pseudo_atom_details         ? 
# 
loop_
_refine_ls_shell.pdbx_refine_id 
_refine_ls_shell.d_res_high 
_refine_ls_shell.d_res_low 
_refine_ls_shell.number_reflns_all 
_refine_ls_shell.number_reflns_obs 
_refine_ls_shell.number_reflns_R_free 
_refine_ls_shell.number_reflns_R_work 
_refine_ls_shell.percent_reflns_obs 
_refine_ls_shell.percent_reflns_R_free 
_refine_ls_shell.R_factor_all 
_refine_ls_shell.R_factor_obs 
_refine_ls_shell.R_factor_R_free 
_refine_ls_shell.R_factor_R_free_error 
_refine_ls_shell.R_factor_R_work 
_refine_ls_shell.redundancy_reflns_all 
_refine_ls_shell.redundancy_reflns_obs 
_refine_ls_shell.wR_factor_all 
_refine_ls_shell.wR_factor_obs 
_refine_ls_shell.wR_factor_R_free 
_refine_ls_shell.wR_factor_R_work 
_refine_ls_shell.pdbx_R_complete 
_refine_ls_shell.pdbx_total_number_of_bins_used 
_refine_ls_shell.pdbx_phase_error 
_refine_ls_shell.pdbx_fsc_work 
_refine_ls_shell.pdbx_fsc_free 
'X-RAY DIFFRACTION' 1.9600 2.2400  1626 . 85  1541 56.0000  . . . 0.2940 0.0000 0.2595 . . . . . . . 3 . . . 
'X-RAY DIFFRACTION' 2.2400 2.8200  2965 . 118 2847 100.0000 . . . 0.2790 0.0000 0.2346 . . . . . . . 3 . . . 
'X-RAY DIFFRACTION' 2.8200 35.2300 3165 . 151 3014 100.0000 . . . 0.2025 0.0000 0.1645 . . . . . . . 3 . . . 
# 
_struct.entry_id                     8A4E 
_struct.title                        'Room temperature structure of AtPhot2LOV2 in a photostationary equilibrium' 
_struct.pdbx_model_details           ? 
_struct.pdbx_formula_weight          ? 
_struct.pdbx_formula_weight_method   ? 
_struct.pdbx_model_type_details      ? 
_struct.pdbx_CASP_flag               N 
# 
_struct_keywords.entry_id        8A4E 
_struct_keywords.text            'LOV domain, PLANT PROTEIN' 
_struct_keywords.pdbx_keywords   'PLANT PROTEIN' 
# 
loop_
_struct_asym.id 
_struct_asym.pdbx_blank_PDB_chainid_flag 
_struct_asym.pdbx_modified 
_struct_asym.entity_id 
_struct_asym.details 
A N N 1 ? 
B N N 2 ? 
C N N 3 ? 
D N N 4 ? 
# 
_struct_ref.id                         1 
_struct_ref.db_name                    UNP 
_struct_ref.db_code                    PHOT2_ARATH 
_struct_ref.pdbx_db_accession          P93025 
_struct_ref.pdbx_db_isoform            ? 
_struct_ref.entity_id                  1 
_struct_ref.pdbx_seq_one_letter_code   
;EKNFVISDPRLPDNPIIFASDSFLELTEYSREEILGRNCRFLQGPETDQATVQKIRDAIRDQREITVQLINYTKSGKKFW
NLFHLQPMRDQKGELQYFIGVQLDG
;
_struct_ref.pdbx_align_begin           388 
# 
_struct_ref_seq.align_id                      1 
_struct_ref_seq.ref_id                        1 
_struct_ref_seq.pdbx_PDB_id_code              8A4E 
_struct_ref_seq.pdbx_strand_id                A 
_struct_ref_seq.seq_align_beg                 2 
_struct_ref_seq.pdbx_seq_align_beg_ins_code   ? 
_struct_ref_seq.seq_align_end                 106 
_struct_ref_seq.pdbx_seq_align_end_ins_code   ? 
_struct_ref_seq.pdbx_db_accession             P93025 
_struct_ref_seq.db_align_beg                  388 
_struct_ref_seq.pdbx_db_align_beg_ins_code    ? 
_struct_ref_seq.db_align_end                  492 
_struct_ref_seq.pdbx_db_align_end_ins_code    ? 
_struct_ref_seq.pdbx_auth_seq_align_beg       388 
_struct_ref_seq.pdbx_auth_seq_align_end       492 
# 
loop_
_struct_ref_seq_dif.align_id 
_struct_ref_seq_dif.pdbx_pdb_id_code 
_struct_ref_seq_dif.mon_id 
_struct_ref_seq_dif.pdbx_pdb_strand_id 
_struct_ref_seq_dif.seq_num 
_struct_ref_seq_dif.pdbx_pdb_ins_code 
_struct_ref_seq_dif.pdbx_seq_db_name 
_struct_ref_seq_dif.pdbx_seq_db_accession_code 
_struct_ref_seq_dif.db_mon_id 
_struct_ref_seq_dif.pdbx_seq_db_seq_num 
_struct_ref_seq_dif.details 
_struct_ref_seq_dif.pdbx_auth_seq_num 
_struct_ref_seq_dif.pdbx_ordinal 
1 8A4E MET A 1   ? UNP P93025 ? ? 'initiating methionine' 387 1  
1 8A4E GLU A 107 ? UNP P93025 ? ? 'expression tag'        493 2  
1 8A4E PHE A 108 ? UNP P93025 ? ? 'expression tag'        494 3  
1 8A4E ILE A 109 ? UNP P93025 ? ? 'expression tag'        495 4  
1 8A4E PRO A 110 ? UNP P93025 ? ? 'expression tag'        496 5  
1 8A4E ASN A 111 ? UNP P93025 ? ? 'expression tag'        497 6  
1 8A4E PRO A 112 ? UNP P93025 ? ? 'expression tag'        498 7  
1 8A4E LEU A 113 ? UNP P93025 ? ? 'expression tag'        499 8  
1 8A4E LEU A 114 ? UNP P93025 ? ? 'expression tag'        500 9  
1 8A4E GLY A 115 ? UNP P93025 ? ? 'expression tag'        501 10 
1 8A4E LEU A 116 ? UNP P93025 ? ? 'expression tag'        502 11 
1 8A4E ASP A 117 ? UNP P93025 ? ? 'expression tag'        503 12 
1 8A4E SER A 118 ? UNP P93025 ? ? 'expression tag'        504 13 
1 8A4E THR A 119 ? UNP P93025 ? ? 'expression tag'        505 14 
1 8A4E ARG A 120 ? UNP P93025 ? ? 'expression tag'        506 15 
1 8A4E THR A 121 ? UNP P93025 ? ? 'expression tag'        507 16 
1 8A4E GLY A 122 ? UNP P93025 ? ? 'expression tag'        508 17 
1 8A4E HIS A 123 ? UNP P93025 ? ? 'expression tag'        509 18 
1 8A4E HIS A 124 ? UNP P93025 ? ? 'expression tag'        510 19 
1 8A4E HIS A 125 ? UNP P93025 ? ? 'expression tag'        511 20 
1 8A4E HIS A 126 ? UNP P93025 ? ? 'expression tag'        512 21 
1 8A4E HIS A 127 ? UNP P93025 ? ? 'expression tag'        513 22 
1 8A4E HIS A 128 ? UNP P93025 ? ? 'expression tag'        514 23 
# 
_pdbx_struct_assembly.id                   1 
_pdbx_struct_assembly.details              author_defined_assembly 
_pdbx_struct_assembly.method_details       ? 
_pdbx_struct_assembly.oligomeric_details   monomeric 
_pdbx_struct_assembly.oligomeric_count     1 
# 
_pdbx_struct_assembly_gen.assembly_id       1 
_pdbx_struct_assembly_gen.oper_expression   1 
_pdbx_struct_assembly_gen.asym_id_list      A,B,C,D 
# 
_pdbx_struct_assembly_auth_evidence.id                     1 
_pdbx_struct_assembly_auth_evidence.assembly_id            1 
_pdbx_struct_assembly_auth_evidence.experimental_support   'gel filtration' 
_pdbx_struct_assembly_auth_evidence.details                ? 
# 
_pdbx_struct_oper_list.id                   1 
_pdbx_struct_oper_list.type                 'identity operation' 
_pdbx_struct_oper_list.name                 1_555 
_pdbx_struct_oper_list.symmetry_operation   x,y,z 
_pdbx_struct_oper_list.matrix[1][1]         1.0000000000 
_pdbx_struct_oper_list.matrix[1][2]         0.0000000000 
_pdbx_struct_oper_list.matrix[1][3]         0.0000000000 
_pdbx_struct_oper_list.vector[1]            0.0000000000 
_pdbx_struct_oper_list.matrix[2][1]         0.0000000000 
_pdbx_struct_oper_list.matrix[2][2]         1.0000000000 
_pdbx_struct_oper_list.matrix[2][3]         0.0000000000 
_pdbx_struct_oper_list.vector[2]            0.0000000000 
_pdbx_struct_oper_list.matrix[3][1]         0.0000000000 
_pdbx_struct_oper_list.matrix[3][2]         0.0000000000 
_pdbx_struct_oper_list.matrix[3][3]         1.0000000000 
_pdbx_struct_oper_list.vector[3]            0.0000000000 
# 
loop_
_struct_conf.conf_type_id 
_struct_conf.id 
_struct_conf.pdbx_PDB_helix_id 
_struct_conf.beg_label_comp_id 
_struct_conf.beg_label_asym_id 
_struct_conf.beg_label_seq_id 
_struct_conf.pdbx_beg_PDB_ins_code 
_struct_conf.end_label_comp_id 
_struct_conf.end_label_asym_id 
_struct_conf.end_label_seq_id 
_struct_conf.pdbx_end_PDB_ins_code 
_struct_conf.beg_auth_comp_id 
_struct_conf.beg_auth_asym_id 
_struct_conf.beg_auth_seq_id 
_struct_conf.end_auth_comp_id 
_struct_conf.end_auth_asym_id 
_struct_conf.end_auth_seq_id 
_struct_conf.pdbx_PDB_helix_class 
_struct_conf.details 
_struct_conf.pdbx_PDB_helix_length 
HELX_P HELX_P1 AA1 SER A 21 ? GLU A 29 ? SER A 407 GLU A 415 1 ? 9  
HELX_P HELX_P2 AA2 SER A 31 ? ILE A 35 ? SER A 417 ILE A 421 5 ? 5  
HELX_P HELX_P3 AA3 ASN A 39 ? GLN A 44 ? ASN A 425 GLN A 430 5 ? 6  
HELX_P HELX_P4 AA4 ASP A 49 ? GLN A 63 ? ASP A 435 GLN A 449 1 ? 15 
# 
_struct_conf_type.id          HELX_P 
_struct_conf_type.criteria    ? 
_struct_conf_type.reference   ? 
# 
_struct_conn.id                            covale1 
_struct_conn.conn_type_id                  covale 
_struct_conn.pdbx_leaving_atom_flag        none 
_struct_conn.pdbx_PDB_id                   ? 
_struct_conn.ptnr1_label_asym_id           A 
_struct_conn.ptnr1_label_comp_id           CYS 
_struct_conn.ptnr1_label_seq_id            40 
_struct_conn.ptnr1_label_atom_id           SG 
_struct_conn.pdbx_ptnr1_label_alt_id       A 
_struct_conn.pdbx_ptnr1_PDB_ins_code       ? 
_struct_conn.pdbx_ptnr1_standard_comp_id   ? 
_struct_conn.ptnr1_symmetry                1_555 
_struct_conn.ptnr2_label_asym_id           B 
_struct_conn.ptnr2_label_comp_id           FMA 
_struct_conn.ptnr2_label_seq_id            . 
_struct_conn.ptnr2_label_atom_id           C4A 
_struct_conn.pdbx_ptnr2_label_alt_id       A 
_struct_conn.pdbx_ptnr2_PDB_ins_code       ? 
_struct_conn.ptnr1_auth_asym_id            A 
_struct_conn.ptnr1_auth_comp_id            CYS 
_struct_conn.ptnr1_auth_seq_id             426 
_struct_conn.ptnr2_auth_asym_id            A 
_struct_conn.ptnr2_auth_comp_id            FMA 
_struct_conn.ptnr2_auth_seq_id             601 
_struct_conn.ptnr2_symmetry                1_555 
_struct_conn.pdbx_ptnr3_label_atom_id      ? 
_struct_conn.pdbx_ptnr3_label_seq_id       ? 
_struct_conn.pdbx_ptnr3_label_comp_id      ? 
_struct_conn.pdbx_ptnr3_label_asym_id      ? 
_struct_conn.pdbx_ptnr3_label_alt_id       ? 
_struct_conn.pdbx_ptnr3_PDB_ins_code       ? 
_struct_conn.details                       ? 
_struct_conn.pdbx_dist_value               1.765 
_struct_conn.pdbx_value_order              ? 
_struct_conn.pdbx_role                     ? 
# 
_struct_conn_type.id          covale 
_struct_conn_type.criteria    ? 
_struct_conn_type.reference   ? 
# 
_pdbx_modification_feature.ordinal                            1 
_pdbx_modification_feature.label_comp_id                      FMA 
_pdbx_modification_feature.label_asym_id                      B 
_pdbx_modification_feature.label_seq_id                       . 
_pdbx_modification_feature.label_alt_id                       A 
_pdbx_modification_feature.modified_residue_label_comp_id     CYS 
_pdbx_modification_feature.modified_residue_label_asym_id     A 
_pdbx_modification_feature.modified_residue_label_seq_id      40 
_pdbx_modification_feature.modified_residue_label_alt_id      A 
_pdbx_modification_feature.auth_comp_id                       FMA 
_pdbx_modification_feature.auth_asym_id                       A 
_pdbx_modification_feature.auth_seq_id                        601 
_pdbx_modification_feature.PDB_ins_code                       ? 
_pdbx_modification_feature.symmetry                           1_555 
_pdbx_modification_feature.modified_residue_auth_comp_id      CYS 
_pdbx_modification_feature.modified_residue_auth_asym_id      A 
_pdbx_modification_feature.modified_residue_auth_seq_id       426 
_pdbx_modification_feature.modified_residue_PDB_ins_code      ? 
_pdbx_modification_feature.modified_residue_symmetry          1_555 
_pdbx_modification_feature.comp_id_linking_atom               C4A 
_pdbx_modification_feature.modified_residue_id_linking_atom   SG 
_pdbx_modification_feature.modified_residue_id                CYS 
_pdbx_modification_feature.ref_pcm_id                         1 
_pdbx_modification_feature.ref_comp_id                        FMA 
_pdbx_modification_feature.type                               None 
_pdbx_modification_feature.category                           'Covalent chemical modification' 
# 
_struct_sheet.id               AA1 
_struct_sheet.type             ? 
_struct_sheet.number_strands   5 
_struct_sheet.details          ? 
# 
loop_
_struct_sheet_order.sheet_id 
_struct_sheet_order.range_id_1 
_struct_sheet_order.range_id_2 
_struct_sheet_order.offset 
_struct_sheet_order.sense 
AA1 1 2 ? anti-parallel 
AA1 2 3 ? anti-parallel 
AA1 3 4 ? anti-parallel 
AA1 4 5 ? anti-parallel 
# 
loop_
_struct_sheet_range.sheet_id 
_struct_sheet_range.id 
_struct_sheet_range.beg_label_comp_id 
_struct_sheet_range.beg_label_asym_id 
_struct_sheet_range.beg_label_seq_id 
_struct_sheet_range.pdbx_beg_PDB_ins_code 
_struct_sheet_range.end_label_comp_id 
_struct_sheet_range.end_label_asym_id 
_struct_sheet_range.end_label_seq_id 
_struct_sheet_range.pdbx_end_PDB_ins_code 
_struct_sheet_range.beg_auth_comp_id 
_struct_sheet_range.beg_auth_asym_id 
_struct_sheet_range.beg_auth_seq_id 
_struct_sheet_range.end_auth_comp_id 
_struct_sheet_range.end_auth_asym_id 
_struct_sheet_range.end_auth_seq_id 
AA1 1 ILE A 17 ? ALA A 20  ? ILE A 403 ALA A 406 
AA1 2 PHE A 5  ? SER A 8   ? PHE A 391 SER A 394 
AA1 3 LEU A 96 ? GLN A 103 ? LEU A 482 GLN A 489 
AA1 4 LYS A 79 ? ARG A 90  ? LYS A 465 ARG A 476 
AA1 5 ILE A 66 ? TYR A 73  ? ILE A 452 TYR A 459 
# 
loop_
_pdbx_struct_sheet_hbond.sheet_id 
_pdbx_struct_sheet_hbond.range_id_1 
_pdbx_struct_sheet_hbond.range_id_2 
_pdbx_struct_sheet_hbond.range_1_label_atom_id 
_pdbx_struct_sheet_hbond.range_1_label_comp_id 
_pdbx_struct_sheet_hbond.range_1_label_asym_id 
_pdbx_struct_sheet_hbond.range_1_label_seq_id 
_pdbx_struct_sheet_hbond.range_1_PDB_ins_code 
_pdbx_struct_sheet_hbond.range_1_auth_atom_id 
_pdbx_struct_sheet_hbond.range_1_auth_comp_id 
_pdbx_struct_sheet_hbond.range_1_auth_asym_id 
_pdbx_struct_sheet_hbond.range_1_auth_seq_id 
_pdbx_struct_sheet_hbond.range_2_label_atom_id 
_pdbx_struct_sheet_hbond.range_2_label_comp_id 
_pdbx_struct_sheet_hbond.range_2_label_asym_id 
_pdbx_struct_sheet_hbond.range_2_label_seq_id 
_pdbx_struct_sheet_hbond.range_2_PDB_ins_code 
_pdbx_struct_sheet_hbond.range_2_auth_atom_id 
_pdbx_struct_sheet_hbond.range_2_auth_comp_id 
_pdbx_struct_sheet_hbond.range_2_auth_asym_id 
_pdbx_struct_sheet_hbond.range_2_auth_seq_id 
AA1 1 2 O ILE A 18 ? O ILE A 404 N ILE A 7   ? N ILE A 393 
AA1 2 3 N VAL A 6  ? N VAL A 392 O GLY A 101 ? O GLY A 487 
AA1 3 4 O TYR A 98 ? O TYR A 484 N MET A 89  ? N MET A 475 
AA1 4 5 O LEU A 86 ? O LEU A 472 N ILE A 66  ? N ILE A 452 
# 
_pdbx_entry_details.entry_id                   8A4E 
_pdbx_entry_details.nonpolymer_details         ? 
_pdbx_entry_details.sequence_details           ? 
_pdbx_entry_details.compound_details           ? 
_pdbx_entry_details.source_details             ? 
_pdbx_entry_details.has_ligand_of_interest     N 
_pdbx_entry_details.has_protein_modification   Y 
# 
_pdbx_validate_close_contact.id               1 
_pdbx_validate_close_contact.PDB_model_num    1 
_pdbx_validate_close_contact.auth_atom_id_1   OE2 
_pdbx_validate_close_contact.auth_asym_id_1   A 
_pdbx_validate_close_contact.auth_comp_id_1   GLU 
_pdbx_validate_close_contact.auth_seq_id_1    433 
_pdbx_validate_close_contact.PDB_ins_code_1   ? 
_pdbx_validate_close_contact.label_alt_id_1   ? 
_pdbx_validate_close_contact.auth_atom_id_2   O 
_pdbx_validate_close_contact.auth_asym_id_2   A 
_pdbx_validate_close_contact.auth_comp_id_2   HOH 
_pdbx_validate_close_contact.auth_seq_id_2    701 
_pdbx_validate_close_contact.PDB_ins_code_2   ? 
_pdbx_validate_close_contact.label_alt_id_2   ? 
_pdbx_validate_close_contact.dist             2.05 
# 
loop_
_pdbx_validate_rmsd_bond.id 
_pdbx_validate_rmsd_bond.PDB_model_num 
_pdbx_validate_rmsd_bond.auth_atom_id_1 
_pdbx_validate_rmsd_bond.auth_asym_id_1 
_pdbx_validate_rmsd_bond.auth_comp_id_1 
_pdbx_validate_rmsd_bond.auth_seq_id_1 
_pdbx_validate_rmsd_bond.PDB_ins_code_1 
_pdbx_validate_rmsd_bond.label_alt_id_1 
_pdbx_validate_rmsd_bond.auth_atom_id_2 
_pdbx_validate_rmsd_bond.auth_asym_id_2 
_pdbx_validate_rmsd_bond.auth_comp_id_2 
_pdbx_validate_rmsd_bond.auth_seq_id_2 
_pdbx_validate_rmsd_bond.PDB_ins_code_2 
_pdbx_validate_rmsd_bond.label_alt_id_2 
_pdbx_validate_rmsd_bond.bond_value 
_pdbx_validate_rmsd_bond.bond_target_value 
_pdbx_validate_rmsd_bond.bond_deviation 
_pdbx_validate_rmsd_bond.bond_standard_deviation 
_pdbx_validate_rmsd_bond.linker_flag 
1 1 N A GLU 412 ? ? CA A GLU 412 ? B 1.604 1.459 0.145 0.020 N 
2 1 N A MET 475 ? ? CA A MET 475 ? B 1.610 1.459 0.151 0.020 N 
# 
loop_
_pdbx_distant_solvent_atoms.id 
_pdbx_distant_solvent_atoms.PDB_model_num 
_pdbx_distant_solvent_atoms.auth_atom_id 
_pdbx_distant_solvent_atoms.label_alt_id 
_pdbx_distant_solvent_atoms.auth_asym_id 
_pdbx_distant_solvent_atoms.auth_comp_id 
_pdbx_distant_solvent_atoms.auth_seq_id 
_pdbx_distant_solvent_atoms.PDB_ins_code 
_pdbx_distant_solvent_atoms.neighbor_macromolecule_distance 
_pdbx_distant_solvent_atoms.neighbor_ligand_distance 
1 1 O ? A HOH 746 ? 5.83 . 
2 1 O ? A HOH 747 ? 6.80 . 
# 
loop_
_pdbx_unobs_or_zero_occ_residues.id 
_pdbx_unobs_or_zero_occ_residues.PDB_model_num 
_pdbx_unobs_or_zero_occ_residues.polymer_flag 
_pdbx_unobs_or_zero_occ_residues.occupancy_flag 
_pdbx_unobs_or_zero_occ_residues.auth_asym_id 
_pdbx_unobs_or_zero_occ_residues.auth_comp_id 
_pdbx_unobs_or_zero_occ_residues.auth_seq_id 
_pdbx_unobs_or_zero_occ_residues.PDB_ins_code 
_pdbx_unobs_or_zero_occ_residues.label_asym_id 
_pdbx_unobs_or_zero_occ_residues.label_comp_id 
_pdbx_unobs_or_zero_occ_residues.label_seq_id 
1  1 Y 1 A MET 387 ? A MET 1   
2  1 Y 1 A GLU 388 ? A GLU 2   
3  1 Y 1 A PRO 496 ? A PRO 110 
4  1 Y 1 A ASN 497 ? A ASN 111 
5  1 Y 1 A PRO 498 ? A PRO 112 
6  1 Y 1 A LEU 499 ? A LEU 113 
7  1 Y 1 A LEU 500 ? A LEU 114 
8  1 Y 1 A GLY 501 ? A GLY 115 
9  1 Y 1 A LEU 502 ? A LEU 116 
10 1 Y 1 A ASP 503 ? A ASP 117 
11 1 Y 1 A SER 504 ? A SER 118 
12 1 Y 1 A THR 505 ? A THR 119 
13 1 Y 1 A ARG 506 ? A ARG 120 
14 1 Y 1 A THR 507 ? A THR 121 
15 1 Y 1 A GLY 508 ? A GLY 122 
16 1 Y 1 A HIS 509 ? A HIS 123 
17 1 Y 1 A HIS 510 ? A HIS 124 
18 1 Y 1 A HIS 511 ? A HIS 125 
19 1 Y 1 A HIS 512 ? A HIS 126 
20 1 Y 1 A HIS 513 ? A HIS 127 
21 1 Y 1 A HIS 514 ? A HIS 128 
# 
loop_
_chem_comp_atom.comp_id 
_chem_comp_atom.atom_id 
_chem_comp_atom.type_symbol 
_chem_comp_atom.pdbx_aromatic_flag 
_chem_comp_atom.pdbx_stereo_config 
_chem_comp_atom.pdbx_ordinal 
ALA N      N N N 1   
ALA CA     C N S 2   
ALA C      C N N 3   
ALA O      O N N 4   
ALA CB     C N N 5   
ALA OXT    O N N 6   
ALA H      H N N 7   
ALA H2     H N N 8   
ALA HA     H N N 9   
ALA HB1    H N N 10  
ALA HB2    H N N 11  
ALA HB3    H N N 12  
ALA HXT    H N N 13  
ARG N      N N N 14  
ARG CA     C N S 15  
ARG C      C N N 16  
ARG O      O N N 17  
ARG CB     C N N 18  
ARG CG     C N N 19  
ARG CD     C N N 20  
ARG NE     N N N 21  
ARG CZ     C N N 22  
ARG NH1    N N N 23  
ARG NH2    N N N 24  
ARG OXT    O N N 25  
ARG H      H N N 26  
ARG H2     H N N 27  
ARG HA     H N N 28  
ARG HB2    H N N 29  
ARG HB3    H N N 30  
ARG HG2    H N N 31  
ARG HG3    H N N 32  
ARG HD2    H N N 33  
ARG HD3    H N N 34  
ARG HE     H N N 35  
ARG HH11   H N N 36  
ARG HH12   H N N 37  
ARG HH21   H N N 38  
ARG HH22   H N N 39  
ARG HXT    H N N 40  
ASN N      N N N 41  
ASN CA     C N S 42  
ASN C      C N N 43  
ASN O      O N N 44  
ASN CB     C N N 45  
ASN CG     C N N 46  
ASN OD1    O N N 47  
ASN ND2    N N N 48  
ASN OXT    O N N 49  
ASN H      H N N 50  
ASN H2     H N N 51  
ASN HA     H N N 52  
ASN HB2    H N N 53  
ASN HB3    H N N 54  
ASN HD21   H N N 55  
ASN HD22   H N N 56  
ASN HXT    H N N 57  
ASP N      N N N 58  
ASP CA     C N S 59  
ASP C      C N N 60  
ASP O      O N N 61  
ASP CB     C N N 62  
ASP CG     C N N 63  
ASP OD1    O N N 64  
ASP OD2    O N N 65  
ASP OXT    O N N 66  
ASP H      H N N 67  
ASP H2     H N N 68  
ASP HA     H N N 69  
ASP HB2    H N N 70  
ASP HB3    H N N 71  
ASP HD2    H N N 72  
ASP HXT    H N N 73  
CYS N      N N N 74  
CYS CA     C N R 75  
CYS C      C N N 76  
CYS O      O N N 77  
CYS CB     C N N 78  
CYS SG     S N N 79  
CYS OXT    O N N 80  
CYS H      H N N 81  
CYS H2     H N N 82  
CYS HA     H N N 83  
CYS HB2    H N N 84  
CYS HB3    H N N 85  
CYS HG     H N N 86  
CYS HXT    H N N 87  
FMA N1     N Y N 88  
FMA C2     C Y N 89  
FMA O2     O N N 90  
FMA N3     N Y N 91  
FMA C4     C Y N 92  
FMA O4     O N N 93  
FMA C4A    C Y N 94  
FMA N5     N Y N 95  
FMA C5A    C Y N 96  
FMA C6     C Y N 97  
FMA C7     C Y N 98  
FMA C7M    C N N 99  
FMA C8     C Y N 100 
FMA C8M    C N N 101 
FMA C9     C Y N 102 
FMA C9A    C Y N 103 
FMA N10    N Y N 104 
FMA C10    C Y N 105 
FMA C1B    C N N 106 
FMA C2B    C N S 107 
FMA O2B    O N N 108 
FMA C3B    C N S 109 
FMA "O3'"  O N N 110 
FMA C4B    C N R 111 
FMA "O4'"  O N N 112 
FMA C5B    C N N 113 
FMA "O5'"  O N N 114 
FMA P      P N N 115 
FMA O1P    O N N 116 
FMA O2P    O N N 117 
FMA O3P    O N N 118 
FMA "C1'"  C N N 119 
FMA "O1'"  O N N 120 
FMA "O2'"  O N N 121 
FMA "C2'"  C N N 122 
FMA "C3'"  C N R 123 
FMA "C4'"  C N N 124 
FMA "C5'"  C N N 125 
FMA "C6'"  C N N 126 
FMA "C7'"  C N N 127 
FMA "C8'"  C N N 128 
FMA "C9'"  C N N 129 
FMA C11    C N N 130 
FMA C12    C N N 131 
FMA C13    C N N 132 
FMA C14    C N N 133 
FMA C15    C N N 134 
FMA HN3    H N N 135 
FMA HM71   H N N 136 
FMA HM72   H N N 137 
FMA HM73   H N N 138 
FMA HM81   H N N 139 
FMA HM82   H N N 140 
FMA HM83   H N N 141 
FMA H9     H N N 142 
FMA "H1'1" H N N 143 
FMA "H1'2" H N N 144 
FMA "H2'"  H N N 145 
FMA "HO2'" H N N 146 
FMA H3B    H N N 147 
FMA "HO3'" H N N 148 
FMA "H4'"  H N N 149 
FMA "HO4'" H N N 150 
FMA "H5'1" H N N 151 
FMA "H5'2" H N N 152 
FMA HOP2   H N N 153 
FMA HOP3   H N N 154 
FMA HO2A   H N N 155 
FMA "H2'1" H N N 156 
FMA "H2'2" H N N 157 
FMA "H3'"  H N N 158 
FMA "H4'1" H N N 159 
FMA "H4'2" H N N 160 
FMA H5B    H N N 161 
FMA H5D    H N N 162 
FMA "H6'1" H N N 163 
FMA "H6'2" H N N 164 
FMA "H7'1" H N N 165 
FMA "H7'2" H N N 166 
FMA "H8'1" H N N 167 
FMA "H8'2" H N N 168 
FMA "H9'1" H N N 169 
FMA "H9'2" H N N 170 
FMA H111   H N N 171 
FMA H112   H N N 172 
FMA H121   H N N 173 
FMA H122   H N N 174 
FMA H131   H N N 175 
FMA H132   H N N 176 
FMA H141   H N N 177 
FMA H142   H N N 178 
FMA H151   H N N 179 
FMA H152   H N N 180 
FMA H153   H N N 181 
FMN N1     N N N 182 
FMN C2     C N N 183 
FMN O2     O N N 184 
FMN N3     N N N 185 
FMN C4     C N N 186 
FMN O4     O N N 187 
FMN C4A    C N N 188 
FMN N5     N N N 189 
FMN C5A    C Y N 190 
FMN C6     C Y N 191 
FMN C7     C Y N 192 
FMN C7M    C N N 193 
FMN C8     C Y N 194 
FMN C8M    C N N 195 
FMN C9     C Y N 196 
FMN C9A    C Y N 197 
FMN N10    N N N 198 
FMN C10    C N N 199 
FMN "C1'"  C N N 200 
FMN "C2'"  C N S 201 
FMN "O2'"  O N N 202 
FMN "C3'"  C N S 203 
FMN "O3'"  O N N 204 
FMN "C4'"  C N R 205 
FMN "O4'"  O N N 206 
FMN "C5'"  C N N 207 
FMN "O5'"  O N N 208 
FMN P      P N N 209 
FMN O1P    O N N 210 
FMN O2P    O N N 211 
FMN O3P    O N N 212 
FMN HN3    H N N 213 
FMN H6     H N N 214 
FMN HM71   H N N 215 
FMN HM72   H N N 216 
FMN HM73   H N N 217 
FMN HM81   H N N 218 
FMN HM82   H N N 219 
FMN HM83   H N N 220 
FMN H9     H N N 221 
FMN "H1'1" H N N 222 
FMN "H1'2" H N N 223 
FMN "H2'"  H N N 224 
FMN "HO2'" H N N 225 
FMN "H3'"  H N N 226 
FMN "HO3'" H N N 227 
FMN "H4'"  H N N 228 
FMN "HO4'" H N N 229 
FMN "H5'1" H N N 230 
FMN "H5'2" H N N 231 
FMN HOP2   H N N 232 
FMN HOP3   H N N 233 
GLN N      N N N 234 
GLN CA     C N S 235 
GLN C      C N N 236 
GLN O      O N N 237 
GLN CB     C N N 238 
GLN CG     C N N 239 
GLN CD     C N N 240 
GLN OE1    O N N 241 
GLN NE2    N N N 242 
GLN OXT    O N N 243 
GLN H      H N N 244 
GLN H2     H N N 245 
GLN HA     H N N 246 
GLN HB2    H N N 247 
GLN HB3    H N N 248 
GLN HG2    H N N 249 
GLN HG3    H N N 250 
GLN HE21   H N N 251 
GLN HE22   H N N 252 
GLN HXT    H N N 253 
GLU N      N N N 254 
GLU CA     C N S 255 
GLU C      C N N 256 
GLU O      O N N 257 
GLU CB     C N N 258 
GLU CG     C N N 259 
GLU CD     C N N 260 
GLU OE1    O N N 261 
GLU OE2    O N N 262 
GLU OXT    O N N 263 
GLU H      H N N 264 
GLU H2     H N N 265 
GLU HA     H N N 266 
GLU HB2    H N N 267 
GLU HB3    H N N 268 
GLU HG2    H N N 269 
GLU HG3    H N N 270 
GLU HE2    H N N 271 
GLU HXT    H N N 272 
GLY N      N N N 273 
GLY CA     C N N 274 
GLY C      C N N 275 
GLY O      O N N 276 
GLY OXT    O N N 277 
GLY H      H N N 278 
GLY H2     H N N 279 
GLY HA2    H N N 280 
GLY HA3    H N N 281 
GLY HXT    H N N 282 
HIS N      N N N 283 
HIS CA     C N S 284 
HIS C      C N N 285 
HIS O      O N N 286 
HIS CB     C N N 287 
HIS CG     C Y N 288 
HIS ND1    N Y N 289 
HIS CD2    C Y N 290 
HIS CE1    C Y N 291 
HIS NE2    N Y N 292 
HIS OXT    O N N 293 
HIS H      H N N 294 
HIS H2     H N N 295 
HIS HA     H N N 296 
HIS HB2    H N N 297 
HIS HB3    H N N 298 
HIS HD1    H N N 299 
HIS HD2    H N N 300 
HIS HE1    H N N 301 
HIS HE2    H N N 302 
HIS HXT    H N N 303 
HOH O      O N N 304 
HOH H1     H N N 305 
HOH H2     H N N 306 
ILE N      N N N 307 
ILE CA     C N S 308 
ILE C      C N N 309 
ILE O      O N N 310 
ILE CB     C N S 311 
ILE CG1    C N N 312 
ILE CG2    C N N 313 
ILE CD1    C N N 314 
ILE OXT    O N N 315 
ILE H      H N N 316 
ILE H2     H N N 317 
ILE HA     H N N 318 
ILE HB     H N N 319 
ILE HG12   H N N 320 
ILE HG13   H N N 321 
ILE HG21   H N N 322 
ILE HG22   H N N 323 
ILE HG23   H N N 324 
ILE HD11   H N N 325 
ILE HD12   H N N 326 
ILE HD13   H N N 327 
ILE HXT    H N N 328 
LEU N      N N N 329 
LEU CA     C N S 330 
LEU C      C N N 331 
LEU O      O N N 332 
LEU CB     C N N 333 
LEU CG     C N N 334 
LEU CD1    C N N 335 
LEU CD2    C N N 336 
LEU OXT    O N N 337 
LEU H      H N N 338 
LEU H2     H N N 339 
LEU HA     H N N 340 
LEU HB2    H N N 341 
LEU HB3    H N N 342 
LEU HG     H N N 343 
LEU HD11   H N N 344 
LEU HD12   H N N 345 
LEU HD13   H N N 346 
LEU HD21   H N N 347 
LEU HD22   H N N 348 
LEU HD23   H N N 349 
LEU HXT    H N N 350 
LYS N      N N N 351 
LYS CA     C N S 352 
LYS C      C N N 353 
LYS O      O N N 354 
LYS CB     C N N 355 
LYS CG     C N N 356 
LYS CD     C N N 357 
LYS CE     C N N 358 
LYS NZ     N N N 359 
LYS OXT    O N N 360 
LYS H      H N N 361 
LYS H2     H N N 362 
LYS HA     H N N 363 
LYS HB2    H N N 364 
LYS HB3    H N N 365 
LYS HG2    H N N 366 
LYS HG3    H N N 367 
LYS HD2    H N N 368 
LYS HD3    H N N 369 
LYS HE2    H N N 370 
LYS HE3    H N N 371 
LYS HZ1    H N N 372 
LYS HZ2    H N N 373 
LYS HZ3    H N N 374 
LYS HXT    H N N 375 
MET N      N N N 376 
MET CA     C N S 377 
MET C      C N N 378 
MET O      O N N 379 
MET CB     C N N 380 
MET CG     C N N 381 
MET SD     S N N 382 
MET CE     C N N 383 
MET OXT    O N N 384 
MET H      H N N 385 
MET H2     H N N 386 
MET HA     H N N 387 
MET HB2    H N N 388 
MET HB3    H N N 389 
MET HG2    H N N 390 
MET HG3    H N N 391 
MET HE1    H N N 392 
MET HE2    H N N 393 
MET HE3    H N N 394 
MET HXT    H N N 395 
PHE N      N N N 396 
PHE CA     C N S 397 
PHE C      C N N 398 
PHE O      O N N 399 
PHE CB     C N N 400 
PHE CG     C Y N 401 
PHE CD1    C Y N 402 
PHE CD2    C Y N 403 
PHE CE1    C Y N 404 
PHE CE2    C Y N 405 
PHE CZ     C Y N 406 
PHE OXT    O N N 407 
PHE H      H N N 408 
PHE H2     H N N 409 
PHE HA     H N N 410 
PHE HB2    H N N 411 
PHE HB3    H N N 412 
PHE HD1    H N N 413 
PHE HD2    H N N 414 
PHE HE1    H N N 415 
PHE HE2    H N N 416 
PHE HZ     H N N 417 
PHE HXT    H N N 418 
PRO N      N N N 419 
PRO CA     C N S 420 
PRO C      C N N 421 
PRO O      O N N 422 
PRO CB     C N N 423 
PRO CG     C N N 424 
PRO CD     C N N 425 
PRO OXT    O N N 426 
PRO H      H N N 427 
PRO HA     H N N 428 
PRO HB2    H N N 429 
PRO HB3    H N N 430 
PRO HG2    H N N 431 
PRO HG3    H N N 432 
PRO HD2    H N N 433 
PRO HD3    H N N 434 
PRO HXT    H N N 435 
SER N      N N N 436 
SER CA     C N S 437 
SER C      C N N 438 
SER O      O N N 439 
SER CB     C N N 440 
SER OG     O N N 441 
SER OXT    O N N 442 
SER H      H N N 443 
SER H2     H N N 444 
SER HA     H N N 445 
SER HB2    H N N 446 
SER HB3    H N N 447 
SER HG     H N N 448 
SER HXT    H N N 449 
THR N      N N N 450 
THR CA     C N S 451 
THR C      C N N 452 
THR O      O N N 453 
THR CB     C N R 454 
THR OG1    O N N 455 
THR CG2    C N N 456 
THR OXT    O N N 457 
THR H      H N N 458 
THR H2     H N N 459 
THR HA     H N N 460 
THR HB     H N N 461 
THR HG1    H N N 462 
THR HG21   H N N 463 
THR HG22   H N N 464 
THR HG23   H N N 465 
THR HXT    H N N 466 
TRP N      N N N 467 
TRP CA     C N S 468 
TRP C      C N N 469 
TRP O      O N N 470 
TRP CB     C N N 471 
TRP CG     C Y N 472 
TRP CD1    C Y N 473 
TRP CD2    C Y N 474 
TRP NE1    N Y N 475 
TRP CE2    C Y N 476 
TRP CE3    C Y N 477 
TRP CZ2    C Y N 478 
TRP CZ3    C Y N 479 
TRP CH2    C Y N 480 
TRP OXT    O N N 481 
TRP H      H N N 482 
TRP H2     H N N 483 
TRP HA     H N N 484 
TRP HB2    H N N 485 
TRP HB3    H N N 486 
TRP HD1    H N N 487 
TRP HE1    H N N 488 
TRP HE3    H N N 489 
TRP HZ2    H N N 490 
TRP HZ3    H N N 491 
TRP HH2    H N N 492 
TRP HXT    H N N 493 
TYR N      N N N 494 
TYR CA     C N S 495 
TYR C      C N N 496 
TYR O      O N N 497 
TYR CB     C N N 498 
TYR CG     C Y N 499 
TYR CD1    C Y N 500 
TYR CD2    C Y N 501 
TYR CE1    C Y N 502 
TYR CE2    C Y N 503 
TYR CZ     C Y N 504 
TYR OH     O N N 505 
TYR OXT    O N N 506 
TYR H      H N N 507 
TYR H2     H N N 508 
TYR HA     H N N 509 
TYR HB2    H N N 510 
TYR HB3    H N N 511 
TYR HD1    H N N 512 
TYR HD2    H N N 513 
TYR HE1    H N N 514 
TYR HE2    H N N 515 
TYR HH     H N N 516 
TYR HXT    H N N 517 
VAL N      N N N 518 
VAL CA     C N S 519 
VAL C      C N N 520 
VAL O      O N N 521 
VAL CB     C N N 522 
VAL CG1    C N N 523 
VAL CG2    C N N 524 
VAL OXT    O N N 525 
VAL H      H N N 526 
VAL H2     H N N 527 
VAL HA     H N N 528 
VAL HB     H N N 529 
VAL HG11   H N N 530 
VAL HG12   H N N 531 
VAL HG13   H N N 532 
VAL HG21   H N N 533 
VAL HG22   H N N 534 
VAL HG23   H N N 535 
VAL HXT    H N N 536 
# 
loop_
_chem_comp_bond.comp_id 
_chem_comp_bond.atom_id_1 
_chem_comp_bond.atom_id_2 
_chem_comp_bond.value_order 
_chem_comp_bond.pdbx_aromatic_flag 
_chem_comp_bond.pdbx_stereo_config 
_chem_comp_bond.pdbx_ordinal 
ALA N     CA     sing N N 1   
ALA N     H      sing N N 2   
ALA N     H2     sing N N 3   
ALA CA    C      sing N N 4   
ALA CA    CB     sing N N 5   
ALA CA    HA     sing N N 6   
ALA C     O      doub N N 7   
ALA C     OXT    sing N N 8   
ALA CB    HB1    sing N N 9   
ALA CB    HB2    sing N N 10  
ALA CB    HB3    sing N N 11  
ALA OXT   HXT    sing N N 12  
ARG N     CA     sing N N 13  
ARG N     H      sing N N 14  
ARG N     H2     sing N N 15  
ARG CA    C      sing N N 16  
ARG CA    CB     sing N N 17  
ARG CA    HA     sing N N 18  
ARG C     O      doub N N 19  
ARG C     OXT    sing N N 20  
ARG CB    CG     sing N N 21  
ARG CB    HB2    sing N N 22  
ARG CB    HB3    sing N N 23  
ARG CG    CD     sing N N 24  
ARG CG    HG2    sing N N 25  
ARG CG    HG3    sing N N 26  
ARG CD    NE     sing N N 27  
ARG CD    HD2    sing N N 28  
ARG CD    HD3    sing N N 29  
ARG NE    CZ     sing N N 30  
ARG NE    HE     sing N N 31  
ARG CZ    NH1    sing N N 32  
ARG CZ    NH2    doub N N 33  
ARG NH1   HH11   sing N N 34  
ARG NH1   HH12   sing N N 35  
ARG NH2   HH21   sing N N 36  
ARG NH2   HH22   sing N N 37  
ARG OXT   HXT    sing N N 38  
ASN N     CA     sing N N 39  
ASN N     H      sing N N 40  
ASN N     H2     sing N N 41  
ASN CA    C      sing N N 42  
ASN CA    CB     sing N N 43  
ASN CA    HA     sing N N 44  
ASN C     O      doub N N 45  
ASN C     OXT    sing N N 46  
ASN CB    CG     sing N N 47  
ASN CB    HB2    sing N N 48  
ASN CB    HB3    sing N N 49  
ASN CG    OD1    doub N N 50  
ASN CG    ND2    sing N N 51  
ASN ND2   HD21   sing N N 52  
ASN ND2   HD22   sing N N 53  
ASN OXT   HXT    sing N N 54  
ASP N     CA     sing N N 55  
ASP N     H      sing N N 56  
ASP N     H2     sing N N 57  
ASP CA    C      sing N N 58  
ASP CA    CB     sing N N 59  
ASP CA    HA     sing N N 60  
ASP C     O      doub N N 61  
ASP C     OXT    sing N N 62  
ASP CB    CG     sing N N 63  
ASP CB    HB2    sing N N 64  
ASP CB    HB3    sing N N 65  
ASP CG    OD1    doub N N 66  
ASP CG    OD2    sing N N 67  
ASP OD2   HD2    sing N N 68  
ASP OXT   HXT    sing N N 69  
CYS N     CA     sing N N 70  
CYS N     H      sing N N 71  
CYS N     H2     sing N N 72  
CYS CA    C      sing N N 73  
CYS CA    CB     sing N N 74  
CYS CA    HA     sing N N 75  
CYS C     O      doub N N 76  
CYS C     OXT    sing N N 77  
CYS CB    SG     sing N N 78  
CYS CB    HB2    sing N N 79  
CYS CB    HB3    sing N N 80  
CYS SG    HG     sing N N 81  
CYS OXT   HXT    sing N N 82  
FMA N1    C2     sing Y N 83  
FMA N1    C10    doub Y N 84  
FMA C2    O2     doub N N 85  
FMA C2    N3     sing Y N 86  
FMA N3    C4     sing Y N 87  
FMA N3    HN3    sing N N 88  
FMA C4    O4     doub N N 89  
FMA C4    C4A    sing Y N 90  
FMA C4A   N5     doub Y N 91  
FMA C4A   C10    sing Y N 92  
FMA N5    C5A    sing Y N 93  
FMA C5A   C6     doub Y N 94  
FMA C5A   C9A    sing Y N 95  
FMA C6    C7     sing Y N 96  
FMA C6    "C3'"  sing N N 97  
FMA C7    C7M    sing N N 98  
FMA C7    C8     doub Y N 99  
FMA C7M   HM71   sing N N 100 
FMA C7M   HM72   sing N N 101 
FMA C7M   HM73   sing N N 102 
FMA C8    C8M    sing N N 103 
FMA C8    C9     sing Y N 104 
FMA C8M   HM81   sing N N 105 
FMA C8M   HM82   sing N N 106 
FMA C8M   HM83   sing N N 107 
FMA C9    C9A    doub Y N 108 
FMA C9    H9     sing N N 109 
FMA C9A   N10    sing Y N 110 
FMA N10   C10    sing Y N 111 
FMA N10   C1B    sing N N 112 
FMA C1B   C2B    sing N N 113 
FMA C1B   "H1'1" sing N N 114 
FMA C1B   "H1'2" sing N N 115 
FMA C2B   O2B    sing N N 116 
FMA C2B   C3B    sing N N 117 
FMA C2B   "H2'"  sing N N 118 
FMA O2B   "HO2'" sing N N 119 
FMA C3B   "O3'"  sing N N 120 
FMA C3B   C4B    sing N N 121 
FMA C3B   H3B    sing N N 122 
FMA "O3'" "HO3'" sing N N 123 
FMA C4B   "O4'"  sing N N 124 
FMA C4B   C5B    sing N N 125 
FMA C4B   "H4'"  sing N N 126 
FMA "O4'" "HO4'" sing N N 127 
FMA C5B   "O5'"  sing N N 128 
FMA C5B   "H5'1" sing N N 129 
FMA C5B   "H5'2" sing N N 130 
FMA "O5'" P      sing N N 131 
FMA P     O1P    doub N N 132 
FMA P     O2P    sing N N 133 
FMA P     O3P    sing N N 134 
FMA O2P   HOP2   sing N N 135 
FMA O3P   HOP3   sing N N 136 
FMA "C1'" "O1'"  doub N N 137 
FMA "C1'" "O2'"  sing N N 138 
FMA "C1'" "C2'"  sing N N 139 
FMA "O2'" HO2A   sing N N 140 
FMA "C2'" "C3'"  sing N N 141 
FMA "C2'" "H2'1" sing N N 142 
FMA "C2'" "H2'2" sing N N 143 
FMA "C3'" "C4'"  sing N N 144 
FMA "C3'" "H3'"  sing N N 145 
FMA "C4'" "C5'"  sing N N 146 
FMA "C4'" "H4'1" sing N N 147 
FMA "C4'" "H4'2" sing N N 148 
FMA "C5'" "C6'"  sing N N 149 
FMA "C5'" H5B    sing N N 150 
FMA "C5'" H5D    sing N N 151 
FMA "C6'" "C7'"  sing N N 152 
FMA "C6'" "H6'1" sing N N 153 
FMA "C6'" "H6'2" sing N N 154 
FMA "C7'" "C8'"  sing N N 155 
FMA "C7'" "H7'1" sing N N 156 
FMA "C7'" "H7'2" sing N N 157 
FMA "C8'" "C9'"  sing N N 158 
FMA "C8'" "H8'1" sing N N 159 
FMA "C8'" "H8'2" sing N N 160 
FMA "C9'" C11    sing N N 161 
FMA "C9'" "H9'1" sing N N 162 
FMA "C9'" "H9'2" sing N N 163 
FMA C11   C12    sing N N 164 
FMA C11   H111   sing N N 165 
FMA C11   H112   sing N N 166 
FMA C12   C13    sing N N 167 
FMA C12   H121   sing N N 168 
FMA C12   H122   sing N N 169 
FMA C13   C14    sing N N 170 
FMA C13   H131   sing N N 171 
FMA C13   H132   sing N N 172 
FMA C14   C15    sing N N 173 
FMA C14   H141   sing N N 174 
FMA C14   H142   sing N N 175 
FMA C15   H151   sing N N 176 
FMA C15   H152   sing N N 177 
FMA C15   H153   sing N N 178 
FMN N1    C2     sing N N 179 
FMN N1    C10    doub N N 180 
FMN C2    O2     doub N N 181 
FMN C2    N3     sing N N 182 
FMN N3    C4     sing N N 183 
FMN N3    HN3    sing N N 184 
FMN C4    O4     doub N N 185 
FMN C4    C4A    sing N N 186 
FMN C4A   N5     doub N N 187 
FMN C4A   C10    sing N N 188 
FMN N5    C5A    sing N N 189 
FMN C5A   C6     doub Y N 190 
FMN C5A   C9A    sing Y N 191 
FMN C6    C7     sing Y N 192 
FMN C6    H6     sing N N 193 
FMN C7    C7M    sing N N 194 
FMN C7    C8     doub Y N 195 
FMN C7M   HM71   sing N N 196 
FMN C7M   HM72   sing N N 197 
FMN C7M   HM73   sing N N 198 
FMN C8    C8M    sing N N 199 
FMN C8    C9     sing Y N 200 
FMN C8M   HM81   sing N N 201 
FMN C8M   HM82   sing N N 202 
FMN C8M   HM83   sing N N 203 
FMN C9    C9A    doub Y N 204 
FMN C9    H9     sing N N 205 
FMN C9A   N10    sing N N 206 
FMN N10   C10    sing N N 207 
FMN N10   "C1'"  sing N N 208 
FMN "C1'" "C2'"  sing N N 209 
FMN "C1'" "H1'1" sing N N 210 
FMN "C1'" "H1'2" sing N N 211 
FMN "C2'" "O2'"  sing N N 212 
FMN "C2'" "C3'"  sing N N 213 
FMN "C2'" "H2'"  sing N N 214 
FMN "O2'" "HO2'" sing N N 215 
FMN "C3'" "O3'"  sing N N 216 
FMN "C3'" "C4'"  sing N N 217 
FMN "C3'" "H3'"  sing N N 218 
FMN "O3'" "HO3'" sing N N 219 
FMN "C4'" "O4'"  sing N N 220 
FMN "C4'" "C5'"  sing N N 221 
FMN "C4'" "H4'"  sing N N 222 
FMN "O4'" "HO4'" sing N N 223 
FMN "C5'" "O5'"  sing N N 224 
FMN "C5'" "H5'1" sing N N 225 
FMN "C5'" "H5'2" sing N N 226 
FMN "O5'" P      sing N N 227 
FMN P     O1P    doub N N 228 
FMN P     O2P    sing N N 229 
FMN P     O3P    sing N N 230 
FMN O2P   HOP2   sing N N 231 
FMN O3P   HOP3   sing N N 232 
GLN N     CA     sing N N 233 
GLN N     H      sing N N 234 
GLN N     H2     sing N N 235 
GLN CA    C      sing N N 236 
GLN CA    CB     sing N N 237 
GLN CA    HA     sing N N 238 
GLN C     O      doub N N 239 
GLN C     OXT    sing N N 240 
GLN CB    CG     sing N N 241 
GLN CB    HB2    sing N N 242 
GLN CB    HB3    sing N N 243 
GLN CG    CD     sing N N 244 
GLN CG    HG2    sing N N 245 
GLN CG    HG3    sing N N 246 
GLN CD    OE1    doub N N 247 
GLN CD    NE2    sing N N 248 
GLN NE2   HE21   sing N N 249 
GLN NE2   HE22   sing N N 250 
GLN OXT   HXT    sing N N 251 
GLU N     CA     sing N N 252 
GLU N     H      sing N N 253 
GLU N     H2     sing N N 254 
GLU CA    C      sing N N 255 
GLU CA    CB     sing N N 256 
GLU CA    HA     sing N N 257 
GLU C     O      doub N N 258 
GLU C     OXT    sing N N 259 
GLU CB    CG     sing N N 260 
GLU CB    HB2    sing N N 261 
GLU CB    HB3    sing N N 262 
GLU CG    CD     sing N N 263 
GLU CG    HG2    sing N N 264 
GLU CG    HG3    sing N N 265 
GLU CD    OE1    doub N N 266 
GLU CD    OE2    sing N N 267 
GLU OE2   HE2    sing N N 268 
GLU OXT   HXT    sing N N 269 
GLY N     CA     sing N N 270 
GLY N     H      sing N N 271 
GLY N     H2     sing N N 272 
GLY CA    C      sing N N 273 
GLY CA    HA2    sing N N 274 
GLY CA    HA3    sing N N 275 
GLY C     O      doub N N 276 
GLY C     OXT    sing N N 277 
GLY OXT   HXT    sing N N 278 
HIS N     CA     sing N N 279 
HIS N     H      sing N N 280 
HIS N     H2     sing N N 281 
HIS CA    C      sing N N 282 
HIS CA    CB     sing N N 283 
HIS CA    HA     sing N N 284 
HIS C     O      doub N N 285 
HIS C     OXT    sing N N 286 
HIS CB    CG     sing N N 287 
HIS CB    HB2    sing N N 288 
HIS CB    HB3    sing N N 289 
HIS CG    ND1    sing Y N 290 
HIS CG    CD2    doub Y N 291 
HIS ND1   CE1    doub Y N 292 
HIS ND1   HD1    sing N N 293 
HIS CD2   NE2    sing Y N 294 
HIS CD2   HD2    sing N N 295 
HIS CE1   NE2    sing Y N 296 
HIS CE1   HE1    sing N N 297 
HIS NE2   HE2    sing N N 298 
HIS OXT   HXT    sing N N 299 
HOH O     H1     sing N N 300 
HOH O     H2     sing N N 301 
ILE N     CA     sing N N 302 
ILE N     H      sing N N 303 
ILE N     H2     sing N N 304 
ILE CA    C      sing N N 305 
ILE CA    CB     sing N N 306 
ILE CA    HA     sing N N 307 
ILE C     O      doub N N 308 
ILE C     OXT    sing N N 309 
ILE CB    CG1    sing N N 310 
ILE CB    CG2    sing N N 311 
ILE CB    HB     sing N N 312 
ILE CG1   CD1    sing N N 313 
ILE CG1   HG12   sing N N 314 
ILE CG1   HG13   sing N N 315 
ILE CG2   HG21   sing N N 316 
ILE CG2   HG22   sing N N 317 
ILE CG2   HG23   sing N N 318 
ILE CD1   HD11   sing N N 319 
ILE CD1   HD12   sing N N 320 
ILE CD1   HD13   sing N N 321 
ILE OXT   HXT    sing N N 322 
LEU N     CA     sing N N 323 
LEU N     H      sing N N 324 
LEU N     H2     sing N N 325 
LEU CA    C      sing N N 326 
LEU CA    CB     sing N N 327 
LEU CA    HA     sing N N 328 
LEU C     O      doub N N 329 
LEU C     OXT    sing N N 330 
LEU CB    CG     sing N N 331 
LEU CB    HB2    sing N N 332 
LEU CB    HB3    sing N N 333 
LEU CG    CD1    sing N N 334 
LEU CG    CD2    sing N N 335 
LEU CG    HG     sing N N 336 
LEU CD1   HD11   sing N N 337 
LEU CD1   HD12   sing N N 338 
LEU CD1   HD13   sing N N 339 
LEU CD2   HD21   sing N N 340 
LEU CD2   HD22   sing N N 341 
LEU CD2   HD23   sing N N 342 
LEU OXT   HXT    sing N N 343 
LYS N     CA     sing N N 344 
LYS N     H      sing N N 345 
LYS N     H2     sing N N 346 
LYS CA    C      sing N N 347 
LYS CA    CB     sing N N 348 
LYS CA    HA     sing N N 349 
LYS C     O      doub N N 350 
LYS C     OXT    sing N N 351 
LYS CB    CG     sing N N 352 
LYS CB    HB2    sing N N 353 
LYS CB    HB3    sing N N 354 
LYS CG    CD     sing N N 355 
LYS CG    HG2    sing N N 356 
LYS CG    HG3    sing N N 357 
LYS CD    CE     sing N N 358 
LYS CD    HD2    sing N N 359 
LYS CD    HD3    sing N N 360 
LYS CE    NZ     sing N N 361 
LYS CE    HE2    sing N N 362 
LYS CE    HE3    sing N N 363 
LYS NZ    HZ1    sing N N 364 
LYS NZ    HZ2    sing N N 365 
LYS NZ    HZ3    sing N N 366 
LYS OXT   HXT    sing N N 367 
MET N     CA     sing N N 368 
MET N     H      sing N N 369 
MET N     H2     sing N N 370 
MET CA    C      sing N N 371 
MET CA    CB     sing N N 372 
MET CA    HA     sing N N 373 
MET C     O      doub N N 374 
MET C     OXT    sing N N 375 
MET CB    CG     sing N N 376 
MET CB    HB2    sing N N 377 
MET CB    HB3    sing N N 378 
MET CG    SD     sing N N 379 
MET CG    HG2    sing N N 380 
MET CG    HG3    sing N N 381 
MET SD    CE     sing N N 382 
MET CE    HE1    sing N N 383 
MET CE    HE2    sing N N 384 
MET CE    HE3    sing N N 385 
MET OXT   HXT    sing N N 386 
PHE N     CA     sing N N 387 
PHE N     H      sing N N 388 
PHE N     H2     sing N N 389 
PHE CA    C      sing N N 390 
PHE CA    CB     sing N N 391 
PHE CA    HA     sing N N 392 
PHE C     O      doub N N 393 
PHE C     OXT    sing N N 394 
PHE CB    CG     sing N N 395 
PHE CB    HB2    sing N N 396 
PHE CB    HB3    sing N N 397 
PHE CG    CD1    doub Y N 398 
PHE CG    CD2    sing Y N 399 
PHE CD1   CE1    sing Y N 400 
PHE CD1   HD1    sing N N 401 
PHE CD2   CE2    doub Y N 402 
PHE CD2   HD2    sing N N 403 
PHE CE1   CZ     doub Y N 404 
PHE CE1   HE1    sing N N 405 
PHE CE2   CZ     sing Y N 406 
PHE CE2   HE2    sing N N 407 
PHE CZ    HZ     sing N N 408 
PHE OXT   HXT    sing N N 409 
PRO N     CA     sing N N 410 
PRO N     CD     sing N N 411 
PRO N     H      sing N N 412 
PRO CA    C      sing N N 413 
PRO CA    CB     sing N N 414 
PRO CA    HA     sing N N 415 
PRO C     O      doub N N 416 
PRO C     OXT    sing N N 417 
PRO CB    CG     sing N N 418 
PRO CB    HB2    sing N N 419 
PRO CB    HB3    sing N N 420 
PRO CG    CD     sing N N 421 
PRO CG    HG2    sing N N 422 
PRO CG    HG3    sing N N 423 
PRO CD    HD2    sing N N 424 
PRO CD    HD3    sing N N 425 
PRO OXT   HXT    sing N N 426 
SER N     CA     sing N N 427 
SER N     H      sing N N 428 
SER N     H2     sing N N 429 
SER CA    C      sing N N 430 
SER CA    CB     sing N N 431 
SER CA    HA     sing N N 432 
SER C     O      doub N N 433 
SER C     OXT    sing N N 434 
SER CB    OG     sing N N 435 
SER CB    HB2    sing N N 436 
SER CB    HB3    sing N N 437 
SER OG    HG     sing N N 438 
SER OXT   HXT    sing N N 439 
THR N     CA     sing N N 440 
THR N     H      sing N N 441 
THR N     H2     sing N N 442 
THR CA    C      sing N N 443 
THR CA    CB     sing N N 444 
THR CA    HA     sing N N 445 
THR C     O      doub N N 446 
THR C     OXT    sing N N 447 
THR CB    OG1    sing N N 448 
THR CB    CG2    sing N N 449 
THR CB    HB     sing N N 450 
THR OG1   HG1    sing N N 451 
THR CG2   HG21   sing N N 452 
THR CG2   HG22   sing N N 453 
THR CG2   HG23   sing N N 454 
THR OXT   HXT    sing N N 455 
TRP N     CA     sing N N 456 
TRP N     H      sing N N 457 
TRP N     H2     sing N N 458 
TRP CA    C      sing N N 459 
TRP CA    CB     sing N N 460 
TRP CA    HA     sing N N 461 
TRP C     O      doub N N 462 
TRP C     OXT    sing N N 463 
TRP CB    CG     sing N N 464 
TRP CB    HB2    sing N N 465 
TRP CB    HB3    sing N N 466 
TRP CG    CD1    doub Y N 467 
TRP CG    CD2    sing Y N 468 
TRP CD1   NE1    sing Y N 469 
TRP CD1   HD1    sing N N 470 
TRP CD2   CE2    doub Y N 471 
TRP CD2   CE3    sing Y N 472 
TRP NE1   CE2    sing Y N 473 
TRP NE1   HE1    sing N N 474 
TRP CE2   CZ2    sing Y N 475 
TRP CE3   CZ3    doub Y N 476 
TRP CE3   HE3    sing N N 477 
TRP CZ2   CH2    doub Y N 478 
TRP CZ2   HZ2    sing N N 479 
TRP CZ3   CH2    sing Y N 480 
TRP CZ3   HZ3    sing N N 481 
TRP CH2   HH2    sing N N 482 
TRP OXT   HXT    sing N N 483 
TYR N     CA     sing N N 484 
TYR N     H      sing N N 485 
TYR N     H2     sing N N 486 
TYR CA    C      sing N N 487 
TYR CA    CB     sing N N 488 
TYR CA    HA     sing N N 489 
TYR C     O      doub N N 490 
TYR C     OXT    sing N N 491 
TYR CB    CG     sing N N 492 
TYR CB    HB2    sing N N 493 
TYR CB    HB3    sing N N 494 
TYR CG    CD1    doub Y N 495 
TYR CG    CD2    sing Y N 496 
TYR CD1   CE1    sing Y N 497 
TYR CD1   HD1    sing N N 498 
TYR CD2   CE2    doub Y N 499 
TYR CD2   HD2    sing N N 500 
TYR CE1   CZ     doub Y N 501 
TYR CE1   HE1    sing N N 502 
TYR CE2   CZ     sing Y N 503 
TYR CE2   HE2    sing N N 504 
TYR CZ    OH     sing N N 505 
TYR OH    HH     sing N N 506 
TYR OXT   HXT    sing N N 507 
VAL N     CA     sing N N 508 
VAL N     H      sing N N 509 
VAL N     H2     sing N N 510 
VAL CA    C      sing N N 511 
VAL CA    CB     sing N N 512 
VAL CA    HA     sing N N 513 
VAL C     O      doub N N 514 
VAL C     OXT    sing N N 515 
VAL CB    CG1    sing N N 516 
VAL CB    CG2    sing N N 517 
VAL CB    HB     sing N N 518 
VAL CG1   HG11   sing N N 519 
VAL CG1   HG12   sing N N 520 
VAL CG1   HG13   sing N N 521 
VAL CG2   HG21   sing N N 522 
VAL CG2   HG22   sing N N 523 
VAL CG2   HG23   sing N N 524 
VAL OXT   HXT    sing N N 525 
# 
_pdbx_audit_support.funding_organization   'Not funded' 
_pdbx_audit_support.country                ? 
_pdbx_audit_support.grant_number           ? 
_pdbx_audit_support.ordinal                1 
# 
_pdbx_initial_refinement_model.id               1 
_pdbx_initial_refinement_model.entity_id_list   ? 
_pdbx_initial_refinement_model.type             'experimental model' 
_pdbx_initial_refinement_model.source_name      PDB 
_pdbx_initial_refinement_model.accession_code   6QQK 
_pdbx_initial_refinement_model.details          ? 
# 
_atom_sites.entry_id                    8A4E 
_atom_sites.Cartn_transf_matrix[1][1]   ? 
_atom_sites.Cartn_transf_matrix[1][2]   ? 
_atom_sites.Cartn_transf_matrix[1][3]   ? 
_atom_sites.Cartn_transf_matrix[2][1]   ? 
_atom_sites.Cartn_transf_matrix[2][2]   ? 
_atom_sites.Cartn_transf_matrix[2][3]   ? 
_atom_sites.Cartn_transf_matrix[3][1]   ? 
_atom_sites.Cartn_transf_matrix[3][2]   ? 
_atom_sites.Cartn_transf_matrix[3][3]   ? 
_atom_sites.Cartn_transf_vector[1]      ? 
_atom_sites.Cartn_transf_vector[2]      ? 
_atom_sites.Cartn_transf_vector[3]      ? 
_atom_sites.fract_transf_matrix[1][1]   0.00578958 
_atom_sites.fract_transf_matrix[1][2]   0.01468049 
_atom_sites.fract_transf_matrix[1][3]   -0.01816701 
_atom_sites.fract_transf_matrix[2][1]   0.02268285 
_atom_sites.fract_transf_matrix[2][2]   0.00093103 
_atom_sites.fract_transf_matrix[2][3]   0.00798107 
_atom_sites.fract_transf_matrix[3][1]   0.00174281 
_atom_sites.fract_transf_matrix[3][2]   -0.00595694 
_atom_sites.fract_transf_matrix[3][3]   -0.00425831 
_atom_sites.fract_transf_vector[1]      0.128932 
_atom_sites.fract_transf_vector[2]      -0.047289 
_atom_sites.fract_transf_vector[3]      0.104018 
_atom_sites.solution_primary            ? 
_atom_sites.solution_secondary          ? 
_atom_sites.solution_hydrogens          ? 
_atom_sites.special_details             ? 
# 
loop_
_atom_type.symbol 
C 
N 
O 
P 
S 
# 
loop_
_atom_site.group_PDB 
_atom_site.id 
_atom_site.type_symbol 
_atom_site.label_atom_id 
_atom_site.label_alt_id 
_atom_site.label_comp_id 
_atom_site.label_asym_id 
_atom_site.label_entity_id 
_atom_site.label_seq_id 
_atom_site.pdbx_PDB_ins_code 
_atom_site.Cartn_x 
_atom_site.Cartn_y 
_atom_site.Cartn_z 
_atom_site.occupancy 
_atom_site.B_iso_or_equiv 
_atom_site.pdbx_formal_charge 
_atom_site.auth_seq_id 
_atom_site.auth_comp_id 
_atom_site.auth_asym_id 
_atom_site.auth_atom_id 
_atom_site.pdbx_PDB_model_num 
ATOM   1    N N     . LYS A 1 3   ? -9.052  -9.026  -7.923  1.00 64.13  ? 389 LYS A N     1 
ATOM   2    C CA    . LYS A 1 3   ? -8.385  -7.716  -7.999  1.00 62.84  ? 389 LYS A CA    1 
ATOM   3    C C     . LYS A 1 3   ? -7.180  -7.591  -7.048  1.00 50.87  ? 389 LYS A C     1 
ATOM   4    O O     . LYS A 1 3   ? -6.967  -8.435  -6.170  1.00 48.69  ? 389 LYS A O     1 
ATOM   5    C CB    . LYS A 1 3   ? -9.360  -6.555  -7.693  1.00 49.90  ? 389 LYS A CB    1 
ATOM   6    C CG    . LYS A 1 3   ? -10.534 -6.920  -6.809  1.00 62.40  ? 389 LYS A CG    1 
ATOM   7    C CD    . LYS A 1 3   ? -11.754 -6.024  -7.039  1.00 81.74  ? 389 LYS A CD    1 
ATOM   8    C CE    . LYS A 1 3   ? -12.981 -6.554  -6.251  1.00 86.95  ? 389 LYS A CE    1 
ATOM   9    N NZ    . LYS A 1 3   ? -13.474 -7.873  -6.764  1.00 84.92  ? 389 LYS A NZ    1 
ATOM   10   N N     . ASN A 1 4   ? -6.418  -6.502  -7.201  1.00 42.08  ? 390 ASN A N     1 
ATOM   11   C CA    . ASN A 1 4   ? -5.129  -6.293  -6.536  1.00 44.77  ? 390 ASN A CA    1 
ATOM   12   C C     . ASN A 1 4   ? -5.246  -5.203  -5.468  1.00 42.07  ? 390 ASN A C     1 
ATOM   13   O O     . ASN A 1 4   ? -5.334  -4.019  -5.797  1.00 37.17  ? 390 ASN A O     1 
ATOM   14   C CB    . ASN A 1 4   ? -4.091  -5.907  -7.593  1.00 45.64  ? 390 ASN A CB    1 
ATOM   15   C CG    . ASN A 1 4   ? -2.661  -6.002  -7.105  1.00 53.20  ? 390 ASN A CG    1 
ATOM   16   O OD1   . ASN A 1 4   ? -2.336  -5.640  -5.976  1.00 51.97  ? 390 ASN A OD1   1 
ATOM   17   N ND2   . ASN A 1 4   ? -1.791  -6.511  -7.969  1.00 56.04  ? 390 ASN A ND2   1 
ATOM   18   N N     . PHE A 1 5   ? -5.250  -5.587  -4.186  1.00 43.36  ? 391 PHE A N     1 
ATOM   19   C CA    . PHE A 1 5   ? -5.441  -4.595  -3.129  1.00 38.31  ? 391 PHE A CA    1 
ATOM   20   C C     . PHE A 1 5   ? -4.933  -5.106  -1.787  1.00 36.00  ? 391 PHE A C     1 
ATOM   21   O O     . PHE A 1 5   ? -4.735  -6.305  -1.584  1.00 29.98  ? 391 PHE A O     1 
ATOM   22   C CB    . PHE A 1 5   ? -6.924  -4.189  -3.026  1.00 32.20  ? 391 PHE A CB    1 
ATOM   23   C CG    . PHE A 1 5   ? -7.807  -5.271  -2.492  1.00 38.18  ? 391 PHE A CG    1 
ATOM   24   C CD1   . PHE A 1 5   ? -8.159  -6.345  -3.287  1.00 44.82  ? 391 PHE A CD1   1 
ATOM   25   C CD2   . PHE A 1 5   ? -8.289  -5.211  -1.211  1.00 41.57  ? 391 PHE A CD2   1 
ATOM   26   C CE1   . PHE A 1 5   ? -8.958  -7.353  -2.797  1.00 40.98  ? 391 PHE A CE1   1 
ATOM   27   C CE2   . PHE A 1 5   ? -9.073  -6.218  -0.705  1.00 46.46  ? 391 PHE A CE2   1 
ATOM   28   C CZ    . PHE A 1 5   ? -9.413  -7.292  -1.499  1.00 43.13  ? 391 PHE A CZ    1 
ATOM   29   N N     . VAL A 1 6   ? -4.674  -4.152  -0.874  1.00 32.52  ? 392 VAL A N     1 
ATOM   30   C CA    . VAL A 1 6   ? -4.292  -4.477  0.497   1.00 32.24  ? 392 VAL A CA    1 
ATOM   31   C C     . VAL A 1 6   ? -5.176  -3.659  1.419   1.00 27.64  ? 392 VAL A C     1 
ATOM   32   O O     . VAL A 1 6   ? -5.703  -2.619  1.038   1.00 26.70  ? 392 VAL A O     1 
ATOM   33   C CB    . VAL A 1 6   ? -2.812  -4.198  0.795   1.00 32.10  ? 392 VAL A CB    1 
ATOM   34   C CG1   . VAL A 1 6   ? -1.916  -5.002  -0.199  1.00 34.79  ? 392 VAL A CG1   1 
ATOM   35   C CG2   . VAL A 1 6   ? -2.554  -2.701  0.721   1.00 33.14  ? 392 VAL A CG2   1 
ATOM   36   N N     . ILE A 1 7   ? -5.336  -4.153  2.649   1.00 22.96  ? 393 ILE A N     1 
ATOM   37   C CA    . ILE A 1 7   ? -5.999  -3.417  3.716   1.00 26.81  ? 393 ILE A CA    1 
ATOM   38   C C     . ILE A 1 7   ? -5.045  -3.255  4.883   1.00 28.95  ? 393 ILE A C     1 
ATOM   39   O O     . ILE A 1 7   ? -4.388  -4.219  5.290   1.00 25.82  ? 393 ILE A O     1 
ATOM   40   C CB    . ILE A 1 7   ? -7.281  -4.137  4.190   1.00 27.86  ? 393 ILE A CB    1 
ATOM   41   C CG1   . ILE A 1 7   ? -8.225  -4.276  2.985   1.00 36.70  ? 393 ILE A CG1   1 
ATOM   42   C CG2   . ILE A 1 7   ? -7.965  -3.335  5.311   1.00 28.14  ? 393 ILE A CG2   1 
ATOM   43   C CD1   . ILE A 1 7   ? -9.378  -5.158  3.229   1.00 38.59  ? 393 ILE A CD1   1 
ATOM   44   N N     . SER A 1 8   ? -4.999  -2.057  5.438   1.00 27.79  ? 394 SER A N     1 
ATOM   45   C CA    . SER A 1 8   ? -4.209  -1.777  6.630   1.00 29.72  ? 394 SER A CA    1 
ATOM   46   C C     . SER A 1 8   ? -5.140  -1.324  7.739   1.00 27.79  ? 394 SER A C     1 
ATOM   47   O O     . SER A 1 8   ? -6.272  -0.887  7.522   1.00 25.38  ? 394 SER A O     1 
ATOM   48   C CB    . SER A 1 8   ? -3.148  -0.718  6.360   1.00 27.05  ? 394 SER A CB    1 
ATOM   49   O OG    . SER A 1 8   ? -3.730  0.580   6.400   1.00 26.37  ? 394 SER A OG    1 
ATOM   50   N N     . ASP A 1 9   ? -4.676  -1.476  8.958   1.00 23.91  ? 395 ASP A N     1 
ATOM   51   C CA    . ASP A 1 9   ? -5.461  -1.108  10.135  1.00 26.85  ? 395 ASP A CA    1 
ATOM   52   C C     . ASP A 1 9   ? -4.700  -0.001  10.840  1.00 27.06  ? 395 ASP A C     1 
ATOM   53   O O     . ASP A 1 9   ? -3.713  -0.246  11.568  1.00 24.34  ? 395 ASP A O     1 
ATOM   54   C CB    . ASP A 1 9   ? -5.682  -2.283  11.052  1.00 32.30  ? 395 ASP A CB    1 
ATOM   55   C CG    . ASP A 1 9   ? -6.638  -1.943  12.216  1.00 31.11  ? 395 ASP A CG    1 
ATOM   56   O OD1   . ASP A 1 9   ? -6.985  -0.745  12.374  1.00 29.00  ? 395 ASP A OD1   1 
ATOM   57   O OD2   . ASP A 1 9   ? -7.020  -2.865  12.968  1.00 34.57  ? 395 ASP A OD2   1 
ATOM   58   N N     . PRO A 1 10  ? -5.075  1.241   10.616  1.00 23.70  ? 396 PRO A N     1 
ATOM   59   C CA    . PRO A 1 10  ? -4.358  2.346   11.273  1.00 26.29  ? 396 PRO A CA    1 
ATOM   60   C C     . PRO A 1 10  ? -4.591  2.409   12.765  1.00 28.32  ? 396 PRO A C     1 
ATOM   61   O O     . PRO A 1 10  ? -3.973  3.250   13.431  1.00 25.32  ? 396 PRO A O     1 
ATOM   62   C CB    . PRO A 1 10  ? -4.927  3.584   10.591  1.00 26.76  ? 396 PRO A CB    1 
ATOM   63   C CG    . PRO A 1 10  ? -6.359  3.132   10.185  1.00 28.53  ? 396 PRO A CG    1 
ATOM   64   C CD    . PRO A 1 10  ? -6.233  1.685   9.821   1.00 24.88  ? 396 PRO A CD    1 
ATOM   65   N N     . ARG A 1 11  ? -5.485  1.590   13.311  1.00 27.69  ? 397 ARG A N     1 
ATOM   66   C CA    . ARG A 1 11  ? -5.716  1.566   14.748  1.00 28.59  ? 397 ARG A CA    1 
ATOM   67   C C     . ARG A 1 11  ? -4.759  0.623   15.483  1.00 30.44  ? 397 ARG A C     1 
ATOM   68   O O     . ARG A 1 11  ? -4.923  0.401   16.693  1.00 28.53  ? 397 ARG A O     1 
ATOM   69   C CB    . ARG A 1 11  ? -7.167  1.199   15.050  1.00 30.87  ? 397 ARG A CB    1 
ATOM   70   C CG    . ARG A 1 11  ? -8.120  2.321   14.614  1.00 34.62  ? 397 ARG A CG    1 
ATOM   71   C CD    . ARG A 1 11  ? -9.542  1.839   14.488  1.00 31.37  ? 397 ARG A CD    1 
ATOM   72   N NE    . ARG A 1 11  ? -9.546  0.663   13.635  1.00 43.68  ? 397 ARG A NE    1 
ATOM   73   C CZ    . ARG A 1 11  ? -10.515 -0.227  13.600  1.00 52.77  ? 397 ARG A CZ    1 
ATOM   74   N NH1   . ARG A 1 11  ? -11.541 -0.139  14.432  1.00 53.21  ? 397 ARG A NH1   1 
ATOM   75   N NH2   . ARG A 1 11  ? -10.451 -1.223  12.714  1.00 45.69  ? 397 ARG A NH2   1 
ATOM   76   N N     . LEU A 1 12  ? -3.757  0.068   14.777  1.00 31.77  ? 398 LEU A N     1 
ATOM   77   C CA    . LEU A 1 12  ? -2.674  -0.771  15.294  1.00 29.90  ? 398 LEU A CA    1 
ATOM   78   C C     . LEU A 1 12  ? -1.335  -0.092  15.052  1.00 24.92  ? 398 LEU A C     1 
ATOM   79   O O     . LEU A 1 12  ? -1.191  0.684   14.102  1.00 30.24  ? 398 LEU A O     1 
ATOM   80   C CB    . LEU A 1 12  ? -2.670  -2.134  14.608  1.00 31.31  ? 398 LEU A CB    1 
ATOM   81   C CG    . LEU A 1 12  ? -3.916  -2.985  14.891  1.00 36.21  ? 398 LEU A CG    1 
ATOM   82   C CD1   . LEU A 1 12  ? -3.914  -4.301  14.120  1.00 37.28  ? 398 LEU A CD1   1 
ATOM   83   C CD2   . LEU A 1 12  ? -3.998  -3.239  16.382  1.00 36.49  ? 398 LEU A CD2   1 
ATOM   84   N N     . PRO A 1 13  ? -0.338  -0.370  15.877  1.00 26.48  ? 399 PRO A N     1 
ATOM   85   C CA    . PRO A 1 13  ? 0.925   0.373   15.766  1.00 27.77  ? 399 PRO A CA    1 
ATOM   86   C C     . PRO A 1 13  ? 1.506   0.315   14.365  1.00 22.22  ? 399 PRO A C     1 
ATOM   87   O O     . PRO A 1 13  ? 1.583   -0.728  13.740  1.00 24.71  ? 399 PRO A O     1 
ATOM   88   C CB    . PRO A 1 13  ? 1.838   -0.317  16.793  1.00 30.13  ? 399 PRO A CB    1 
ATOM   89   C CG    . PRO A 1 13  ? 0.877   -0.820  17.847  1.00 30.47  ? 399 PRO A CG    1 
ATOM   90   C CD    . PRO A 1 13  ? -0.372  -1.241  17.068  1.00 27.69  ? 399 PRO A CD    1 
ATOM   91   N N     . ASP A 1 14  ? 1.871   1.485   13.866  1.00 26.08  ? 400 ASP A N     1 
ATOM   92   C CA    . ASP A 1 14  ? 2.516   1.628   12.563  1.00 23.64  ? 400 ASP A CA    1 
ATOM   93   C C     . ASP A 1 14  ? 1.672   1.072   11.386  1.00 24.25  ? 400 ASP A C     1 
ATOM   94   O O     . ASP A 1 14  ? 2.221   0.738   10.334  1.00 26.86  ? 400 ASP A O     1 
ATOM   95   C CB    . ASP A 1 14  ? 3.899   0.986   12.571  1.00 29.89  ? 400 ASP A CB    1 
ATOM   96   C CG    . ASP A 1 14  ? 4.820   1.590   11.559  1.00 27.79  ? 400 ASP A CG    1 
ATOM   97   O OD1   . ASP A 1 14  ? 4.571   2.739   11.147  1.00 27.86  ? 400 ASP A OD1   1 
ATOM   98   O OD2   . ASP A 1 14  ? 5.761   0.887   11.153  1.00 26.84  ? 400 ASP A OD2   1 
ATOM   99   N N     . ASN A 1 15  ? 0.349   1.007   11.523  1.00 28.13  ? 401 ASN A N     1 
ATOM   100  C CA    . ASN A 1 15  ? -0.563  0.842   10.405  1.00 28.82  ? 401 ASN A CA    1 
ATOM   101  C C     . ASN A 1 15  ? -0.274  -0.398  9.561   1.00 26.55  ? 401 ASN A C     1 
ATOM   102  O O     . ASN A 1 15  ? -0.012  -0.292  8.358   1.00 27.82  ? 401 ASN A O     1 
ATOM   103  C CB    . ASN A 1 15  ? -0.561  2.109   9.565   1.00 26.52  ? 401 ASN A CB    1 
ATOM   104  C CG    . ASN A 1 15  ? -1.693  2.220   8.589   1.00 29.83  ? 401 ASN A CG    1 
ATOM   105  O OD1   . ASN A 1 15  ? -2.731  1.544   8.664   1.00 30.29  ? 401 ASN A OD1   1 
ATOM   106  N ND2   . ASN A 1 15  ? -1.497  3.092   7.626   1.00 30.48  ? 401 ASN A ND2   1 
ATOM   107  N N     . PRO A 1 16  ? -0.323  -1.582  10.144  1.00 25.31  ? 402 PRO A N     1 
ATOM   108  C CA    . PRO A 1 16  ? 0.086   -2.789  9.423   1.00 29.75  ? 402 PRO A CA    1 
ATOM   109  C C     . PRO A 1 16  ? -0.933  -3.233  8.399   1.00 27.24  ? 402 PRO A C     1 
ATOM   110  O O     . PRO A 1 16  ? -2.136  -3.015  8.548   1.00 27.82  ? 402 PRO A O     1 
ATOM   111  C CB    . PRO A 1 16  ? 0.210   -3.848  10.536  1.00 28.34  ? 402 PRO A CB    1 
ATOM   112  C CG    . PRO A 1 16  ? -0.811  -3.402  11.548  1.00 29.36  ? 402 PRO A CG    1 
ATOM   113  C CD    . PRO A 1 16  ? -0.761  -1.883  11.528  1.00 28.63  ? 402 PRO A CD    1 
ATOM   114  N N     . ILE A 1 17  ? -0.421  -3.903  7.377   1.00 27.95  ? 403 ILE A N     1 
ATOM   115  C CA    . ILE A 1 17  ? -1.249  -4.660  6.459   1.00 24.63  ? 403 ILE A CA    1 
ATOM   116  C C     . ILE A 1 17  ? -1.830  -5.862  7.169   1.00 25.89  ? 403 ILE A C     1 
ATOM   117  O O     . ILE A 1 17  ? -1.101  -6.641  7.784   1.00 31.58  ? 403 ILE A O     1 
ATOM   118  C CB    . ILE A 1 17  ? -0.408  -5.089  5.259   1.00 28.76  ? 403 ILE A CB    1 
ATOM   119  C CG1   . ILE A 1 17  ? -0.007  -3.840  4.472   1.00 29.57  ? 403 ILE A CG1   1 
ATOM   120  C CG2   . ILE A 1 17  ? -1.199  -6.025  4.405   1.00 34.13  ? 403 ILE A CG2   1 
ATOM   121  C CD1   . ILE A 1 17  ? 1.010   -4.132  3.442   1.00 28.42  ? 403 ILE A CD1   1 
ATOM   122  N N     . ILE A 1 18  ? -3.167  -6.007  7.099   1.00 27.19  ? 404 ILE A N     1 
ATOM   123  C CA    . ILE A 1 18  ? -3.892  -7.133  7.704   1.00 31.53  ? 404 ILE A CA    1 
ATOM   124  C C     . ILE A 1 18  ? -4.542  -8.008  6.684   1.00 27.56  ? 404 ILE A C     1 
ATOM   125  O O     . ILE A 1 18  ? -5.056  -9.072  7.044   1.00 28.12  ? 404 ILE A O     1 
ATOM   126  C CB    . ILE A 1 18  ? -4.975  -6.662  8.697   1.00 29.72  ? 404 ILE A CB    1 
ATOM   127  C CG1   . ILE A 1 18  ? -6.029  -5.842  7.976   1.00 31.30  ? 404 ILE A CG1   1 
ATOM   128  C CG2   . ILE A 1 18  ? -4.367  -5.890  9.831   1.00 34.04  ? 404 ILE A CG2   1 
ATOM   129  C CD1   . ILE A 1 18  ? -7.278  -5.668  8.766   1.00 35.73  ? 404 ILE A CD1   1 
ATOM   130  N N     . PHE A 1 19  ? -4.603  -7.580  5.423   1.00 33.22  ? 405 PHE A N     1 
ATOM   131  C CA    . PHE A 1 19  ? -5.088  -8.423  4.344   1.00 33.60  ? 405 PHE A CA    1 
ATOM   132  C C     . PHE A 1 19  ? -4.385  -8.042  3.041   1.00 34.50  ? 405 PHE A C     1 
ATOM   133  O O     . PHE A 1 19  ? -4.223  -6.852  2.748   1.00 33.08  ? 405 PHE A O     1 
ATOM   134  C CB    . PHE A 1 19  ? -6.611  -8.315  4.143   1.00 34.14  ? 405 PHE A CB    1 
ATOM   135  C CG    . PHE A 1 19  ? -7.078  -9.177  3.032   1.00 39.00  ? 405 PHE A CG    1 
ATOM   136  C CD1   . PHE A 1 19  ? -7.338  -10.519 3.259   1.00 40.92  ? 405 PHE A CD1   1 
ATOM   137  C CD2   . PHE A 1 19  ? -7.167  -8.670  1.734   1.00 39.22  ? 405 PHE A CD2   1 
ATOM   138  C CE1   . PHE A 1 19  ? -7.703  -11.338 2.218   1.00 46.58  ? 405 PHE A CE1   1 
ATOM   139  C CE2   . PHE A 1 19  ? -7.549  -9.493  0.680   1.00 35.26  ? 405 PHE A CE2   1 
ATOM   140  C CZ    . PHE A 1 19  ? -7.809  -10.833 0.931   1.00 45.43  ? 405 PHE A CZ    1 
ATOM   141  N N     . ALA A 1 20  ? -3.991  -9.046  2.261   1.00 31.78  ? 406 ALA A N     1 
ATOM   142  C CA    . ALA A 1 20  ? -3.465  -8.809  0.931   1.00 34.12  ? 406 ALA A CA    1 
ATOM   143  C C     . ALA A 1 20  ? -4.073  -9.791  -0.045  1.00 29.73  ? 406 ALA A C     1 
ATOM   144  O O     . ALA A 1 20  ? -4.110  -10.983 0.229   1.00 37.50  ? 406 ALA A O     1 
ATOM   145  C CB    . ALA A 1 20  ? -1.931  -8.925  0.946   1.00 33.86  ? 406 ALA A CB    1 
ATOM   146  N N     . SER A 1 21  ? -4.505  -9.319  -1.195  1.00 35.06  ? 407 SER A N     1 
ATOM   147  C CA    . SER A 1 21  ? -5.107  -10.229 -2.158  1.00 36.60  ? 407 SER A CA    1 
ATOM   148  C C     . SER A 1 21  ? -4.026  -11.097 -2.805  1.00 36.55  ? 407 SER A C     1 
ATOM   149  O O     . SER A 1 21  ? -2.823  -10.823 -2.711  1.00 34.35  ? 407 SER A O     1 
ATOM   150  C CB    . SER A 1 21  ? -5.902  -9.448  -3.214  1.00 37.56  ? 407 SER A CB    1 
ATOM   151  O OG    . SER A 1 21  ? -5.064  -8.655  -4.022  1.00 39.71  ? 407 SER A OG    1 
ATOM   152  N N     . ASP A 1 22  ? -4.461  -12.175 -3.442  1.00 40.37  ? 408 ASP A N     1 
ATOM   153  C CA    . ASP A 1 22  ? -3.486  -13.068 -4.052  1.00 41.13  ? 408 ASP A CA    1 
ATOM   154  C C     . ASP A 1 22  ? -2.718  -12.383 -5.172  1.00 35.87  ? 408 ASP A C     1 
ATOM   155  O O     . ASP A 1 22  ? -1.506  -12.599 -5.319  1.00 37.76  ? 408 ASP A O     1 
ATOM   156  C CB    . ASP A 1 22  ? -4.175  -14.330 -4.584  1.00 55.12  ? 408 ASP A CB    1 
ATOM   157  C CG    . ASP A 1 22  ? -4.761  -15.203 -3.467  1.00 53.77  ? 408 ASP A CG    1 
ATOM   158  O OD1   . ASP A 1 22  ? -4.147  -15.290 -2.378  1.00 51.03  ? 408 ASP A OD1   1 
ATOM   159  O OD2   . ASP A 1 22  ? -5.844  -15.781 -3.687  1.00 69.17  ? 408 ASP A OD2   1 
ATOM   160  N N     . SER A 1 23  ? -3.384  -11.550 -5.975  1.00 35.78  ? 409 SER A N     1 
ATOM   161  C CA    . SER A 1 23  ? -2.628  -10.948 -7.061  1.00 39.25  ? 409 SER A CA    1 
ATOM   162  C C     . SER A 1 23  ? -1.605  -9.951  -6.557  1.00 42.77  ? 409 SER A C     1 
ATOM   163  O O     . SER A 1 23  ? -0.614  -9.717  -7.250  1.00 43.63  ? 409 SER A O     1 
ATOM   164  C CB    . SER A 1 23  ? -3.550  -10.276 -8.086  1.00 46.60  ? 409 SER A CB    1 
ATOM   165  O OG    . SER A 1 23  ? -4.430  -9.379  -7.486  1.00 54.16  ? 409 SER A OG    1 
ATOM   166  N N     . PHE A 1 24  ? -1.797  -9.373  -5.370  1.00 41.11  ? 410 PHE A N     1 
ATOM   167  C CA    . PHE A 1 24  ? -0.758  -8.507  -4.819  1.00 36.46  ? 410 PHE A CA    1 
ATOM   168  C C     . PHE A 1 24  ? 0.434   -9.331  -4.398  1.00 35.62  ? 410 PHE A C     1 
ATOM   169  O O     . PHE A 1 24  ? 1.574   -8.893  -4.524  1.00 38.31  ? 410 PHE A O     1 
ATOM   170  C CB    . PHE A 1 24  ? -1.309  -7.718  -3.622  1.00 37.79  ? 410 PHE A CB    1 
ATOM   171  C CG    . PHE A 1 24  ? -0.310  -6.802  -2.918  1.00 35.07  ? 410 PHE A CG    1 
ATOM   172  C CD1   . PHE A 1 24  ? -0.098  -5.505  -3.344  1.00 35.51  ? 410 PHE A CD1   1 
ATOM   173  C CD2   . PHE A 1 24  ? 0.357   -7.237  -1.787  1.00 33.49  ? 410 PHE A CD2   1 
ATOM   174  C CE1   . PHE A 1 24  ? 0.778   -4.680  -2.661  1.00 35.57  ? 410 PHE A CE1   1 
ATOM   175  C CE2   . PHE A 1 24  ? 1.203   -6.408  -1.090  1.00 35.61  ? 410 PHE A CE2   1 
ATOM   176  C CZ    . PHE A 1 24  ? 1.435   -5.146  -1.541  1.00 34.53  ? 410 PHE A CZ    1 
ATOM   177  N N     . LEU A 1 25  ? 0.196   -10.517 -3.849  1.00 36.94  ? 411 LEU A N     1 
ATOM   178  C CA    . LEU A 1 25  ? 1.306   -11.412 -3.513  1.00 39.54  ? 411 LEU A CA    1 
ATOM   179  C C     . LEU A 1 25  ? 2.070   -11.800 -4.777  1.00 36.17  ? 411 LEU A C     1 
ATOM   180  O O     . LEU A 1 25  ? 3.306   -11.767 -4.817  1.00 38.52  ? 411 LEU A O     1 
ATOM   181  C CB    . LEU A 1 25  ? 0.782   -12.679 -2.811  1.00 39.60  ? 411 LEU A CB    1 
ATOM   182  C CG    . LEU A 1 25  ? -0.157  -12.537 -1.618  1.00 47.56  ? 411 LEU A CG    1 
ATOM   183  C CD1   . LEU A 1 25  ? -0.565  -13.848 -1.029  1.00 45.22  ? 411 LEU A CD1   1 
ATOM   184  C CD2   . LEU A 1 25  ? 0.549   -11.755 -0.566  1.00 44.12  ? 411 LEU A CD2   1 
ATOM   185  N N     . GLU A 1 26  ? 1.304   -12.197 -5.791  1.00 41.47  ? 412 GLU A N     1 
ATOM   186  C CA    A GLU A 1 26  ? 1.979   -12.535 -7.075  0.60 45.95  ? 412 GLU A CA    1 
ATOM   187  C CA    B GLU A 1 26  ? 2.064   -12.639 -7.133  0.40 45.90  ? 412 GLU A CA    1 
ATOM   188  C C     . GLU A 1 26  ? 2.920   -11.386 -7.742  1.00 43.54  ? 412 GLU A C     1 
ATOM   189  O O     . GLU A 1 26  ? 4.137   -11.479 -8.168  1.00 44.95  ? 412 GLU A O     1 
ATOM   190  C CB    A GLU A 1 26  ? 0.890   -12.882 -8.086  0.60 46.50  ? 412 GLU A CB    1 
ATOM   191  C CB    B GLU A 1 26  ? 1.014   -12.924 -8.170  0.40 46.63  ? 412 GLU A CB    1 
ATOM   192  C CG    A GLU A 1 26  ? 1.361   -13.510 -9.387  0.60 54.38  ? 412 GLU A CG    1 
ATOM   193  C CG    B GLU A 1 26  ? 0.217   -14.204 -7.965  0.40 50.13  ? 412 GLU A CG    1 
ATOM   194  C CD    A GLU A 1 26  ? 0.261   -13.609 -10.434 0.60 52.39  ? 412 GLU A CD    1 
ATOM   195  C CD    B GLU A 1 26  ? -1.128  -14.162 -8.661  0.40 49.57  ? 412 GLU A CD    1 
ATOM   196  O OE1   A GLU A 1 26  ? -0.938  -13.607 -10.083 0.60 53.35  ? 412 GLU A OE1   1 
ATOM   197  O OE1   B GLU A 1 26  ? -1.173  -13.811 -9.859  0.40 53.55  ? 412 GLU A OE1   1 
ATOM   198  O OE2   A GLU A 1 26  ? 0.605   -13.691 -11.628 0.60 51.48  ? 412 GLU A OE2   1 
ATOM   199  O OE2   B GLU A 1 26  ? -2.143  -14.475 -8.006  0.40 48.76  ? 412 GLU A OE2   1 
ATOM   200  N N     . LEU A 1 27  ? 2.337   -10.181 -7.553  1.00 46.55  ? 413 LEU A N     1 
ATOM   201  C CA    . LEU A 1 27  ? 3.057   -9.076  -8.183  1.00 42.57  ? 413 LEU A CA    1 
ATOM   202  C C     . LEU A 1 27  ? 4.329   -8.712  -7.427  1.00 42.70  ? 413 LEU A C     1 
ATOM   203  O O     . LEU A 1 27  ? 5.351   -8.418  -8.050  1.00 43.74  ? 413 LEU A O     1 
ATOM   204  C CB    . LEU A 1 27  ? 2.132   -7.870  -8.282  1.00 44.84  ? 413 LEU A CB    1 
ATOM   205  C CG    . LEU A 1 27  ? 2.700   -6.559  -8.816  1.00 49.70  ? 413 LEU A CG    1 
ATOM   206  C CD1   . LEU A 1 27  ? 1.723   -5.806  -9.684  1.00 54.43  ? 413 LEU A CD1   1 
ATOM   207  C CD2   . LEU A 1 27  ? 3.035   -5.759  -7.608  1.00 45.16  ? 413 LEU A CD2   1 
ATOM   208  N N     . THR A 1 28  ? 4.287   -8.732  -6.093  1.00 38.82  ? 414 THR A N     1 
ATOM   209  C CA    . THR A 1 28  ? 5.407   -8.386  -5.239  1.00 33.61  ? 414 THR A CA    1 
ATOM   210  C C     . THR A 1 28  ? 6.315   -9.574  -4.929  1.00 35.65  ? 414 THR A C     1 
ATOM   211  O O     . THR A 1 28  ? 7.433   -9.376  -4.397  1.00 34.38  ? 414 THR A O     1 
ATOM   212  C CB    . THR A 1 28  ? 4.907   -7.808  -3.902  1.00 36.60  ? 414 THR A CB    1 
ATOM   213  O OG1   . THR A 1 28  ? 4.288   -8.828  -3.113  1.00 36.30  ? 414 THR A OG1   1 
ATOM   214  C CG2   . THR A 1 28  ? 3.896   -6.688  -4.112  1.00 38.59  ? 414 THR A CG2   1 
ATOM   215  N N     . GLU A 1 29  ? 5.869   -10.793 -5.226  1.00 39.77  ? 415 GLU A N     1 
ATOM   216  C CA    . GLU A 1 29  ? 6.645   -12.023 -5.062  1.00 38.47  ? 415 GLU A CA    1 
ATOM   217  C C     . GLU A 1 29  ? 6.826   -12.389 -3.611  1.00 39.32  ? 415 GLU A C     1 
ATOM   218  O O     . GLU A 1 29  ? 7.688   -13.207 -3.270  1.00 44.42  ? 415 GLU A O     1 
ATOM   219  C CB    . GLU A 1 29  ? 8.038   -11.960 -5.748  1.00 38.68  ? 415 GLU A CB    1 
ATOM   220  C CG    . GLU A 1 29  ? 7.979   -11.591 -7.248  1.00 42.74  ? 415 GLU A CG    1 
ATOM   221  C CD    . GLU A 1 29  ? 9.336   -11.249 -7.838  1.00 45.58  ? 415 GLU A CD    1 
ATOM   222  O OE1   . GLU A 1 29  ? 10.340  -11.446 -7.115  1.00 42.84  ? 415 GLU A OE1   1 
ATOM   223  O OE2   . GLU A 1 29  ? 9.387   -10.758 -9.003  1.00 54.42  ? 415 GLU A OE2   1 
ATOM   224  N N     . TYR A 1 30  ? 6.049   -11.788 -2.742  1.00 41.11  ? 416 TYR A N     1 
ATOM   225  C CA    . TYR A 1 30  ? 6.086   -12.127 -1.327  1.00 37.80  ? 416 TYR A CA    1 
ATOM   226  C C     . TYR A 1 30  ? 4.961   -13.110 -1.005  1.00 41.14  ? 416 TYR A C     1 
ATOM   227  O O     . TYR A 1 30  ? 3.930   -13.164 -1.687  1.00 44.25  ? 416 TYR A O     1 
ATOM   228  C CB    . TYR A 1 30  ? 5.942   -10.876 -0.456  1.00 38.30  ? 416 TYR A CB    1 
ATOM   229  C CG    . TYR A 1 30  ? 7.176   -10.024 -0.387  1.00 36.65  ? 416 TYR A CG    1 
ATOM   230  C CD1   . TYR A 1 30  ? 8.220   -10.364 0.442   1.00 38.11  ? 416 TYR A CD1   1 
ATOM   231  C CD2   . TYR A 1 30  ? 7.292   -8.868  -1.137  1.00 36.00  ? 416 TYR A CD2   1 
ATOM   232  C CE1   . TYR A 1 30  ? 9.348   -9.579  0.542   1.00 38.83  ? 416 TYR A CE1   1 
ATOM   233  C CE2   . TYR A 1 30  ? 8.454   -8.058  -1.059  1.00 36.74  ? 416 TYR A CE2   1 
ATOM   234  C CZ    . TYR A 1 30  ? 9.463   -8.427  -0.213  1.00 32.30  ? 416 TYR A CZ    1 
ATOM   235  O OH    . TYR A 1 30  ? 10.597  -7.682  -0.091  1.00 36.56  ? 416 TYR A OH    1 
ATOM   236  N N     . SER A 1 31  ? 5.170   -13.875 0.057   1.00 46.97  ? 417 SER A N     1 
ATOM   237  C CA    . SER A 1 31  ? 4.128   -14.723 0.596   1.00 44.90  ? 417 SER A CA    1 
ATOM   238  C C     . SER A 1 31  ? 3.309   -13.977 1.656   1.00 45.51  ? 417 SER A C     1 
ATOM   239  O O     . SER A 1 31  ? 3.774   -13.035 2.311   1.00 41.77  ? 417 SER A O     1 
ATOM   240  C CB    . SER A 1 31  ? 4.734   -15.967 1.235   1.00 45.35  ? 417 SER A CB    1 
ATOM   241  O OG    . SER A 1 31  ? 5.418   -15.611 2.425   1.00 50.55  ? 417 SER A OG    1 
ATOM   242  N N     . ARG A 1 32  ? 2.091   -14.468 1.863   1.00 43.95  ? 418 ARG A N     1 
ATOM   243  C CA    . ARG A 1 32  ? 1.165   -13.806 2.770   1.00 44.21  ? 418 ARG A CA    1 
ATOM   244  C C     . ARG A 1 32  ? 1.803   -13.632 4.137   1.00 44.85  ? 418 ARG A C     1 
ATOM   245  O O     . ARG A 1 32  ? 1.712   -12.560 4.749   1.00 43.64  ? 418 ARG A O     1 
ATOM   246  C CB    . ARG A 1 32  ? -0.141  -14.603 2.828   1.00 43.47  ? 418 ARG A CB    1 
ATOM   247  C CG    . ARG A 1 32  ? -1.450  -13.801 2.984   1.00 50.45  ? 418 ARG A CG    1 
ATOM   248  C CD    . ARG A 1 32  ? -2.690  -14.701 3.154   1.00 63.84  ? 418 ARG A CD    1 
ATOM   249  N NE    . ARG A 1 32  ? -2.369  -15.980 3.789   1.00 87.22  ? 418 ARG A NE    1 
ATOM   250  C CZ    . ARG A 1 32  ? -3.004  -17.132 3.573   1.00 85.78  ? 418 ARG A CZ    1 
ATOM   251  N NH1   . ARG A 1 32  ? -4.069  -17.205 2.784   1.00 67.40  ? 418 ARG A NH1   1 
ATOM   252  N NH2   . ARG A 1 32  ? -2.560  -18.240 4.169   1.00 77.42  ? 418 ARG A NH2   1 
ATOM   253  N N     . GLU A 1 33  ? 2.524   -14.640 4.599   1.00 44.76  ? 419 GLU A N     1 
ATOM   254  C CA    . GLU A 1 33  ? 3.092   -14.605 5.949   1.00 44.22  ? 419 GLU A CA    1 
ATOM   255  C C     . GLU A 1 33  ? 4.259   -13.631 6.078   1.00 48.84  ? 419 GLU A C     1 
ATOM   256  O O     . GLU A 1 33  ? 4.589   -13.206 7.197   1.00 42.89  ? 419 GLU A O     1 
ATOM   257  C CB    . GLU A 1 33  ? 3.510   -16.024 6.368   1.00 58.26  ? 419 GLU A CB    1 
ATOM   258  C CG    . GLU A 1 33  ? 4.726   -16.596 5.628   1.00 66.09  ? 419 GLU A CG    1 
ATOM   259  C CD    . GLU A 1 33  ? 4.373   -17.783 4.710   1.00 77.74  ? 419 GLU A CD    1 
ATOM   260  O OE1   . GLU A 1 33  ? 3.289   -17.756 4.076   1.00 75.47  ? 419 GLU A OE1   1 
ATOM   261  O OE2   . GLU A 1 33  ? 5.177   -18.749 4.633   1.00 73.48  ? 419 GLU A OE2   1 
ATOM   262  N N     . GLU A 1 34  ? 4.877   -13.218 4.988   1.00 46.89  ? 420 GLU A N     1 
ATOM   263  C CA    . GLU A 1 34  ? 5.868   -12.174 5.152   1.00 45.60  ? 420 GLU A CA    1 
ATOM   264  C C     . GLU A 1 34  ? 5.322   -10.784 4.839   1.00 44.00  ? 420 GLU A C     1 
ATOM   265  O O     . GLU A 1 34  ? 6.084   -9.811  4.814   1.00 45.26  ? 420 GLU A O     1 
ATOM   266  C CB    . GLU A 1 34  ? 7.117   -12.504 4.334   1.00 53.13  ? 420 GLU A CB    1 
ATOM   267  C CG    . GLU A 1 34  ? 6.888   -12.956 2.951   1.00 54.55  ? 420 GLU A CG    1 
ATOM   268  C CD    . GLU A 1 34  ? 8.096   -13.747 2.391   1.00 52.37  ? 420 GLU A CD    1 
ATOM   269  O OE1   . GLU A 1 34  ? 9.241   -13.701 2.944   1.00 47.46  ? 420 GLU A OE1   1 
ATOM   270  O OE2   . GLU A 1 34  ? 7.852   -14.450 1.405   1.00 50.22  ? 420 GLU A OE2   1 
ATOM   271  N N     . ILE A 1 35  ? 4.022   -10.637 4.659   1.00 41.11  ? 421 ILE A N     1 
ATOM   272  C CA    . ILE A 1 35  ? 3.418   -9.330  4.464   1.00 37.56  ? 421 ILE A CA    1 
ATOM   273  C C     . ILE A 1 35  ? 2.550   -8.942  5.657   1.00 34.81  ? 421 ILE A C     1 
ATOM   274  O O     . ILE A 1 35  ? 2.649   -7.830  6.155   1.00 34.82  ? 421 ILE A O     1 
ATOM   275  C CB    . ILE A 1 35  ? 2.613   -9.283  3.150   1.00 41.64  ? 421 ILE A CB    1 
ATOM   276  C CG1   . ILE A 1 35  ? 3.544   -9.397  1.961   1.00 43.70  ? 421 ILE A CG1   1 
ATOM   277  C CG2   . ILE A 1 35  ? 1.851   -7.982  3.038   1.00 42.56  ? 421 ILE A CG2   1 
ATOM   278  C CD1   . ILE A 1 35  ? 2.757   -9.619  0.680   1.00 51.04  ? 421 ILE A CD1   1 
ATOM   279  N N     . LEU A 1 36  ? 1.719   -9.856  6.138   1.00 33.59  ? 422 LEU A N     1 
ATOM   280  C CA    . LEU A 1 36  ? 0.789   -9.495  7.203   1.00 34.35  ? 422 LEU A CA    1 
ATOM   281  C C     . LEU A 1 36  ? 1.518   -8.998  8.444   1.00 30.18  ? 422 LEU A C     1 
ATOM   282  O O     . LEU A 1 36  ? 2.515   -9.571  8.856   1.00 34.12  ? 422 LEU A O     1 
ATOM   283  C CB    . LEU A 1 36  ? -0.105  -10.679 7.562   1.00 38.13  ? 422 LEU A CB    1 
ATOM   284  C CG    . LEU A 1 36  ? -0.818  -11.340 6.397   1.00 40.31  ? 422 LEU A CG    1 
ATOM   285  C CD1   . LEU A 1 36  ? -1.753  -12.434 6.867   1.00 46.83  ? 422 LEU A CD1   1 
ATOM   286  C CD2   . LEU A 1 36  ? -1.586  -10.284 5.619   1.00 38.01  ? 422 LEU A CD2   1 
ATOM   287  N N     . GLY A 1 37  ? 1.009   -7.915  9.020   1.00 27.21  ? 423 GLY A N     1 
ATOM   288  C CA    . GLY A 1 37  ? 1.580   -7.289  10.188  1.00 26.37  ? 423 GLY A CA    1 
ATOM   289  C C     . GLY A 1 37  ? 2.682   -6.287  9.933   1.00 29.20  ? 423 GLY A C     1 
ATOM   290  O O     . GLY A 1 37  ? 3.193   -5.712  10.885  1.00 30.52  ? 423 GLY A O     1 
ATOM   291  N N     . ARG A 1 38  ? 3.067   -6.051  8.676   1.00 26.98  ? 424 ARG A N     1 
ATOM   292  C CA    . ARG A 1 38  ? 4.074   -5.056  8.355   1.00 30.74  ? 424 ARG A CA    1 
ATOM   293  C C     . ARG A 1 38  ? 3.453   -3.816  7.712   1.00 30.42  ? 424 ARG A C     1 
ATOM   294  O O     . ARG A 1 38  ? 2.413   -3.893  7.056   1.00 26.37  ? 424 ARG A O     1 
ATOM   295  C CB    . ARG A 1 38  ? 5.123   -5.603  7.378   1.00 34.52  ? 424 ARG A CB    1 
ATOM   296  C CG    . ARG A 1 38  ? 5.605   -6.968  7.717   1.00 40.83  ? 424 ARG A CG    1 
ATOM   297  C CD    . ARG A 1 38  ? 6.549   -7.471  6.651   1.00 41.41  ? 424 ARG A CD    1 
ATOM   298  N NE    . ARG A 1 38  ? 7.767   -6.696  6.646   1.00 42.54  ? 424 ARG A NE    1 
ATOM   299  C CZ    . ARG A 1 38  ? 8.788   -6.926  5.841   1.00 47.45  ? 424 ARG A CZ    1 
ATOM   300  N NH1   . ARG A 1 38  ? 8.719   -7.855  4.899   1.00 42.68  ? 424 ARG A NH1   1 
ATOM   301  N NH2   . ARG A 1 38  ? 9.913   -6.218  5.996   1.00 46.43  ? 424 ARG A NH2   1 
ATOM   302  N N     . ASN A 1 39  ? 4.122   -2.681  7.890   1.00 30.37  ? 425 ASN A N     1 
ATOM   303  C CA    . ASN A 1 39  ? 3.787   -1.487  7.148   1.00 25.10  ? 425 ASN A CA    1 
ATOM   304  C C     . ASN A 1 39  ? 4.252   -1.662  5.708   1.00 24.42  ? 425 ASN A C     1 
ATOM   305  O O     . ASN A 1 39  ? 5.306   -2.238  5.435   1.00 26.38  ? 425 ASN A O     1 
ATOM   306  C CB    . ASN A 1 39  ? 4.458   -0.255  7.759   1.00 23.68  ? 425 ASN A CB    1 
ATOM   307  C CG    . ASN A 1 39  ? 4.024   1.006   7.070   1.00 25.13  ? 425 ASN A CG    1 
ATOM   308  O OD1   . ASN A 1 39  ? 4.421   1.264   5.947   1.00 24.52  ? 425 ASN A OD1   1 
ATOM   309  N ND2   . ASN A 1 39  ? 3.205   1.782   7.732   1.00 25.82  ? 425 ASN A ND2   1 
ATOM   310  N N     . CYS A 1 40  ? 3.451   -1.158  4.783   1.00 24.65  ? 426 CYS A N     1 
ATOM   311  C CA    A CYS A 1 40  ? 3.660   -1.329  3.359   0.70 26.03  ? 426 CYS A CA    1 
ATOM   312  C CA    B CYS A 1 40  ? 3.695   -1.405  3.376   0.30 27.37  ? 426 CYS A CA    1 
ATOM   313  C C     . CYS A 1 40  ? 4.973   -0.755  2.867   1.00 27.46  ? 426 CYS A C     1 
ATOM   314  O O     . CYS A 1 40  ? 5.349   -1.028  1.731   1.00 27.52  ? 426 CYS A O     1 
ATOM   315  C CB    A CYS A 1 40  ? 2.484   -0.651  2.614   0.70 25.26  ? 426 CYS A CB    1 
ATOM   316  C CB    B CYS A 1 40  ? 2.511   -0.919  2.524   0.30 25.76  ? 426 CYS A CB    1 
ATOM   317  S SG    A CYS A 1 40  ? 2.349   -0.965  0.833   0.70 26.14  ? 426 CYS A SG    1 
ATOM   318  S SG    B CYS A 1 40  ? 2.356   -1.792  0.909   0.30 27.92  ? 426 CYS A SG    1 
ATOM   319  N N     . ARG A 1 41  ? 5.654   0.051   3.677   1.00 23.75  ? 427 ARG A N     1 
ATOM   320  C CA    . ARG A 1 41  ? 6.835   0.795   3.232   1.00 27.12  ? 427 ARG A CA    1 
ATOM   321  C C     . ARG A 1 41  ? 8.005   -0.124  2.896   1.00 29.60  ? 427 ARG A C     1 
ATOM   322  O O     . ARG A 1 41  ? 8.955   0.327   2.269   1.00 26.55  ? 427 ARG A O     1 
ATOM   323  C CB    . ARG A 1 41  ? 7.253   1.824   4.291   1.00 24.86  ? 427 ARG A CB    1 
ATOM   324  C CG    . ARG A 1 41  ? 7.801   1.219   5.532   1.00 27.32  ? 427 ARG A CG    1 
ATOM   325  C CD    . ARG A 1 41  ? 8.420   2.267   6.372   1.00 25.96  ? 427 ARG A CD    1 
ATOM   326  N NE    . ARG A 1 41  ? 7.436   3.136   6.989   1.00 27.09  ? 427 ARG A NE    1 
ATOM   327  C CZ    . ARG A 1 41  ? 6.828   2.834   8.132   1.00 30.30  ? 427 ARG A CZ    1 
ATOM   328  N NH1   . ARG A 1 41  ? 7.051   1.680   8.738   1.00 28.34  ? 427 ARG A NH1   1 
ATOM   329  N NH2   . ARG A 1 41  ? 5.981   3.717   8.686   1.00 31.68  ? 427 ARG A NH2   1 
ATOM   330  N N     . PHE A 1 42  ? 7.934   -1.408  3.261   1.00 26.77  ? 428 PHE A N     1 
ATOM   331  C CA    . PHE A 1 42  ? 8.997   -2.340  2.944   1.00 28.54  ? 428 PHE A CA    1 
ATOM   332  C C     . PHE A 1 42  ? 9.132   -2.562  1.445   1.00 32.38  ? 428 PHE A C     1 
ATOM   333  O O     . PHE A 1 42  ? 10.159  -3.077  0.995   1.00 34.06  ? 428 PHE A O     1 
ATOM   334  C CB    . PHE A 1 42  ? 8.770   -3.679  3.665   1.00 30.98  ? 428 PHE A CB    1 
ATOM   335  C CG    . PHE A 1 42  ? 7.685   -4.533  3.095   1.00 31.56  ? 428 PHE A CG    1 
ATOM   336  C CD1   . PHE A 1 42  ? 6.344   -4.319  3.432   1.00 33.52  ? 428 PHE A CD1   1 
ATOM   337  C CD2   . PHE A 1 42  ? 8.001   -5.596  2.260   1.00 35.64  ? 428 PHE A CD2   1 
ATOM   338  C CE1   . PHE A 1 42  ? 5.328   -5.142  2.900   1.00 36.32  ? 428 PHE A CE1   1 
ATOM   339  C CE2   . PHE A 1 42  ? 7.001   -6.412  1.731   1.00 37.95  ? 428 PHE A CE2   1 
ATOM   340  C CZ    . PHE A 1 42  ? 5.658   -6.174  2.039   1.00 34.88  ? 428 PHE A CZ    1 
ATOM   341  N N     . LEU A 1 43  ? 8.114   -2.201  0.659   1.00 28.19  ? 429 LEU A N     1 
ATOM   342  C CA    . LEU A 1 43  ? 8.239   -2.268  -0.789  1.00 30.87  ? 429 LEU A CA    1 
ATOM   343  C C     . LEU A 1 43  ? 9.114   -1.154  -1.353  1.00 30.20  ? 429 LEU A C     1 
ATOM   344  O O     . LEU A 1 43  ? 9.436   -1.177  -2.538  1.00 32.84  ? 429 LEU A O     1 
ATOM   345  C CB    . LEU A 1 43  ? 6.830   -2.239  -1.407  1.00 31.67  ? 429 LEU A CB    1 
ATOM   346  C CG    . LEU A 1 43  ? 6.036   -3.454  -0.932  1.00 30.58  ? 429 LEU A CG    1 
ATOM   347  C CD1   . LEU A 1 43  ? 4.620   -3.360  -1.399  1.00 30.45  ? 429 LEU A CD1   1 
ATOM   348  C CD2   . LEU A 1 43  ? 6.699   -4.735  -1.413  1.00 36.29  ? 429 LEU A CD2   1 
ATOM   349  N N     . GLN A 1 44  ? 9.528   -0.208  -0.544  1.00 28.94  ? 430 GLN A N     1 
ATOM   350  C CA    . GLN A 1 44  ? 10.301  0.921   -1.041  1.00 33.05  ? 430 GLN A CA    1 
ATOM   351  C C     . GLN A 1 44  ? 11.777  0.576   -1.040  1.00 32.79  ? 430 GLN A C     1 
ATOM   352  O O     . GLN A 1 44  ? 12.223  -0.385  -0.426  1.00 36.54  ? 430 GLN A O     1 
ATOM   353  C CB    . GLN A 1 44  ? 10.042  2.174   -0.216  1.00 32.58  ? 430 GLN A CB    1 
ATOM   354  C CG    . GLN A 1 44  ? 8.598   2.663   -0.400  1.00 34.94  ? 430 GLN A CG    1 
ATOM   355  C CD    . GLN A 1 44  ? 8.113   3.559   0.725   1.00 29.82  ? 430 GLN A CD    1 
ATOM   356  O OE1   . GLN A 1 44  ? 8.913   4.138   1.435   1.00 29.01  ? 430 GLN A OE1   1 
ATOM   357  N NE2   . GLN A 1 44  ? 6.786   3.673   0.893   1.00 32.47  ? 430 GLN A NE2   1 
ATOM   358  N N     . GLY A 1 45  ? 12.540  1.390   -1.750  1.00 35.72  ? 431 GLY A N     1 
ATOM   359  C CA    . GLY A 1 45  ? 13.963  1.189   -1.870  1.00 38.86  ? 431 GLY A CA    1 
ATOM   360  C C     . GLY A 1 45  ? 14.686  2.427   -2.348  1.00 35.83  ? 431 GLY A C     1 
ATOM   361  O O     . GLY A 1 45  ? 14.117  3.526   -2.428  1.00 38.23  ? 431 GLY A O     1 
ATOM   362  N N     . PRO A 1 46  ? 15.959  2.253   -2.710  1.00 37.31  ? 432 PRO A N     1 
ATOM   363  C CA    . PRO A 1 46  ? 16.794  3.420   -3.049  1.00 39.50  ? 432 PRO A CA    1 
ATOM   364  C C     . PRO A 1 46  ? 16.227  4.332   -4.108  1.00 33.11  ? 432 PRO A C     1 
ATOM   365  O O     . PRO A 1 46  ? 16.369  5.543   -3.973  1.00 34.62  ? 432 PRO A O     1 
ATOM   366  C CB    . PRO A 1 46  ? 18.122  2.780   -3.504  1.00 35.75  ? 432 PRO A CB    1 
ATOM   367  C CG    . PRO A 1 46  ? 18.160  1.423   -2.734  1.00 40.01  ? 432 PRO A CG    1 
ATOM   368  C CD    . PRO A 1 46  ? 16.715  0.976   -2.739  1.00 39.32  ? 432 PRO A CD    1 
ATOM   369  N N     . GLU A 1 47  ? 15.583  3.813   -5.144  1.00 33.09  ? 433 GLU A N     1 
ATOM   370  C CA    . GLU A 1 47  ? 15.048  4.644   -6.209  1.00 33.29  ? 433 GLU A CA    1 
ATOM   371  C C     . GLU A 1 47  ? 13.659  5.191   -5.921  1.00 32.60  ? 433 GLU A C     1 
ATOM   372  O O     . GLU A 1 47  ? 13.110  5.911   -6.765  1.00 34.70  ? 433 GLU A O     1 
ATOM   373  C CB    . GLU A 1 47  ? 14.975  3.847   -7.510  1.00 39.42  ? 433 GLU A CB    1 
ATOM   374  C CG    . GLU A 1 47  ? 16.310  3.402   -8.090  1.00 52.57  ? 433 GLU A CG    1 
ATOM   375  C CD    . GLU A 1 47  ? 17.181  4.577   -8.515  1.00 53.86  ? 433 GLU A CD    1 
ATOM   376  O OE1   . GLU A 1 47  ? 16.656  5.714   -8.654  1.00 50.51  ? 433 GLU A OE1   1 
ATOM   377  O OE2   . GLU A 1 47  ? 18.400  4.361   -8.724  1.00 65.04  ? 433 GLU A OE2   1 
ATOM   378  N N     . THR A 1 48  ? 13.037  4.853   -4.795  1.00 33.65  ? 434 THR A N     1 
ATOM   379  C CA    . THR A 1 48  ? 11.713  5.407   -4.507  1.00 32.23  ? 434 THR A CA    1 
ATOM   380  C C     . THR A 1 48  ? 11.776  6.930   -4.256  1.00 33.01  ? 434 THR A C     1 
ATOM   381  O O     . THR A 1 48  ? 12.522  7.398   -3.394  1.00 32.30  ? 434 THR A O     1 
ATOM   382  C CB    . THR A 1 48  ? 11.113  4.701   -3.282  1.00 33.91  ? 434 THR A CB    1 
ATOM   383  O OG1   . THR A 1 48  ? 10.977  3.292   -3.541  1.00 32.09  ? 434 THR A OG1   1 
ATOM   384  C CG2   . THR A 1 48  ? 9.739   5.283   -2.947  1.00 33.25  ? 434 THR A CG2   1 
ATOM   385  N N     . ASP A 1 49  ? 10.937  7.685   -4.960  1.00 36.24  ? 435 ASP A N     1 
ATOM   386  C CA    . ASP A 1 49  ? 10.884  9.136   -4.816  1.00 35.77  ? 435 ASP A CA    1 
ATOM   387  C C     . ASP A 1 49  ? 10.313  9.531   -3.459  1.00 36.23  ? 435 ASP A C     1 
ATOM   388  O O     . ASP A 1 49  ? 9.119   9.345   -3.192  1.00 34.31  ? 435 ASP A O     1 
ATOM   389  C CB    . ASP A 1 49  ? 10.058  9.778   -5.922  1.00 39.28  ? 435 ASP A CB    1 
ATOM   390  C CG    . ASP A 1 49  ? 10.112  11.288  -5.866  1.00 43.09  ? 435 ASP A CG    1 
ATOM   391  O OD1   . ASP A 1 49  ? 10.840  11.850  -5.016  1.00 43.03  ? 435 ASP A OD1   1 
ATOM   392  O OD2   . ASP A 1 49  ? 9.453   11.924  -6.698  1.00 51.16  ? 435 ASP A OD2   1 
ATOM   393  N N     . GLN A 1 50  ? 11.155  10.155  -2.639  1.00 35.89  ? 436 GLN A N     1 
ATOM   394  C CA    . GLN A 1 50  ? 10.765  10.601  -1.311  1.00 36.50  ? 436 GLN A CA    1 
ATOM   395  C C     . GLN A 1 50  ? 9.740   11.723  -1.344  1.00 37.90  ? 436 GLN A C     1 
ATOM   396  O O     . GLN A 1 50  ? 8.916   11.825  -0.428  1.00 36.30  ? 436 GLN A O     1 
ATOM   397  C CB    . GLN A 1 50  ? 12.001  11.040  -0.536  1.00 41.68  ? 436 GLN A CB    1 
ATOM   398  C CG    . GLN A 1 50  ? 12.919  9.870   -0.193  1.00 52.39  ? 436 GLN A CG    1 
ATOM   399  C CD    . GLN A 1 50  ? 12.165  8.632   0.347   1.00 74.30  ? 436 GLN A CD    1 
ATOM   400  O OE1   . GLN A 1 50  ? 12.268  7.521   -0.205  1.00 51.01  ? 436 GLN A OE1   1 
ATOM   401  N NE2   . GLN A 1 50  ? 11.361  8.844   1.409   1.00 62.75  ? 436 GLN A NE2   1 
ATOM   402  N N     . ALA A 1 51  ? 9.752   12.559  -2.382  1.00 40.54  ? 437 ALA A N     1 
ATOM   403  C CA    . ALA A 1 51  ? 8.692   13.557  -2.512  1.00 38.94  ? 437 ALA A CA    1 
ATOM   404  C C     . ALA A 1 51  ? 7.334   12.879  -2.592  1.00 37.31  ? 437 ALA A C     1 
ATOM   405  O O     . ALA A 1 51  ? 6.353   13.353  -1.999  1.00 35.29  ? 437 ALA A O     1 
ATOM   406  C CB    . ALA A 1 51  ? 8.937   14.441  -3.739  1.00 41.47  ? 437 ALA A CB    1 
ATOM   407  N N     . THR A 1 52  ? 7.263   11.732  -3.284  1.00 35.54  ? 438 THR A N     1 
ATOM   408  C CA    . THR A 1 52  ? 5.987   11.031  -3.404  1.00 33.79  ? 438 THR A CA    1 
ATOM   409  C C     . THR A 1 52  ? 5.594   10.346  -2.102  1.00 34.92  ? 438 THR A C     1 
ATOM   410  O O     . THR A 1 52  ? 4.420   10.300  -1.757  1.00 31.71  ? 438 THR A O     1 
ATOM   411  C CB    . THR A 1 52  ? 6.034   10.016  -4.531  1.00 35.56  ? 438 THR A CB    1 
ATOM   412  O OG1   . THR A 1 52  ? 6.400   10.674  -5.729  1.00 38.62  ? 438 THR A OG1   1 
ATOM   413  C CG2   . THR A 1 52  ? 4.663   9.357   -4.681  1.00 37.67  ? 438 THR A CG2   1 
ATOM   414  N N     . VAL A 1 53  ? 6.562   9.779   -1.380  1.00 35.77  ? 439 VAL A N     1 
ATOM   415  C CA    . VAL A 1 53  ? 6.261   9.170   -0.094  1.00 33.41  ? 439 VAL A CA    1 
ATOM   416  C C     . VAL A 1 53  ? 5.659   10.208  0.841   1.00 32.29  ? 439 VAL A C     1 
ATOM   417  O O     . VAL A 1 53  ? 4.720   9.918   1.582   1.00 32.49  ? 439 VAL A O     1 
ATOM   418  C CB    . VAL A 1 53  ? 7.533   8.516   0.475   1.00 33.05  ? 439 VAL A CB    1 
ATOM   419  C CG1   . VAL A 1 53  ? 7.354   7.981   1.881   1.00 30.67  ? 439 VAL A CG1   1 
ATOM   420  C CG2   . VAL A 1 53  ? 7.964   7.375   -0.467  1.00 36.49  ? 439 VAL A CG2   1 
ATOM   421  N N     . GLN A 1 54  ? 6.176   11.439  0.803   1.00 34.05  ? 440 GLN A N     1 
ATOM   422  C CA    . GLN A 1 54  ? 5.642   12.518  1.633   1.00 38.11  ? 440 GLN A CA    1 
ATOM   423  C C     . GLN A 1 54  ? 4.166   12.766  1.342   1.00 30.44  ? 440 GLN A C     1 
ATOM   424  O O     . GLN A 1 54  ? 3.360   12.979  2.264   1.00 34.54  ? 440 GLN A O     1 
ATOM   425  C CB    . GLN A 1 54  ? 6.444   13.792  1.357   1.00 40.98  ? 440 GLN A CB    1 
ATOM   426  C CG    . GLN A 1 54  ? 6.062   14.999  2.176   1.00 47.05  ? 440 GLN A CG    1 
ATOM   427  C CD    . GLN A 1 54  ? 6.363   14.795  3.633   1.00 57.88  ? 440 GLN A CD    1 
ATOM   428  O OE1   . GLN A 1 54  ? 7.479   14.421  4.006   1.00 66.02  ? 440 GLN A OE1   1 
ATOM   429  N NE2   . GLN A 1 54  ? 5.370   15.049  4.475   1.00 64.39  ? 440 GLN A NE2   1 
ATOM   430  N N     . LYS A 1 55  ? 3.786   12.736  0.071   1.00 31.50  ? 441 LYS A N     1 
ATOM   431  C CA    . LYS A 1 55  ? 2.397   12.986  -0.267  1.00 37.08  ? 441 LYS A CA    1 
ATOM   432  C C     . LYS A 1 55  ? 1.493   11.910  0.327   1.00 33.07  ? 441 LYS A C     1 
ATOM   433  O O     . LYS A 1 55  ? 0.373   12.198  0.751   1.00 34.88  ? 441 LYS A O     1 
ATOM   434  C CB    . LYS A 1 55  ? 2.238   13.049  -1.791  1.00 45.31  ? 441 LYS A CB    1 
ATOM   435  C CG    . LYS A 1 55  ? 2.693   14.372  -2.405  1.00 54.58  ? 441 LYS A CG    1 
ATOM   436  C CD    . LYS A 1 55  ? 2.838   14.321  -3.951  1.00 84.27  ? 441 LYS A CD    1 
ATOM   437  C CE    . LYS A 1 55  ? 1.639   13.654  -4.648  1.00 82.79  ? 441 LYS A CE    1 
ATOM   438  N NZ    . LYS A 1 55  ? 1.453   14.160  -6.046  1.00 87.13  ? 441 LYS A NZ    1 
ATOM   439  N N     . ILE A 1 56  ? 1.961   10.661  0.344   1.00 32.49  ? 442 ILE A N     1 
ATOM   440  C CA    . ILE A 1 56  ? 1.181   9.585   0.943   1.00 31.60  ? 442 ILE A CA    1 
ATOM   441  C C     . ILE A 1 56  ? 1.060   9.829   2.427   1.00 25.86  ? 442 ILE A C     1 
ATOM   442  O O     . ILE A 1 56  ? -0.014  9.704   3.008   1.00 30.40  ? 442 ILE A O     1 
ATOM   443  C CB    . ILE A 1 56  ? 1.814   8.215   0.652   1.00 29.89  ? 442 ILE A CB    1 
ATOM   444  C CG1   . ILE A 1 56  ? 1.913   7.963   -0.845  1.00 30.69  ? 442 ILE A CG1   1 
ATOM   445  C CG2   . ILE A 1 56  ? 1.034   7.131   1.347   1.00 27.57  ? 442 ILE A CG2   1 
ATOM   446  C CD1   . ILE A 1 56  ? 2.784   6.736   -1.230  1.00 36.50  ? 442 ILE A CD1   1 
ATOM   447  N N     . ARG A 1 57  ? 2.164   10.205  3.060   1.00 27.56  ? 443 ARG A N     1 
ATOM   448  C CA    . ARG A 1 57  ? 2.118   10.479  4.482   1.00 29.59  ? 443 ARG A CA    1 
ATOM   449  C C     . ARG A 1 57  ? 1.079   11.554  4.794   1.00 32.69  ? 443 ARG A C     1 
ATOM   450  O O     . ARG A 1 57  ? 0.292   11.403  5.734   1.00 29.21  ? 443 ARG A O     1 
ATOM   451  C CB    . ARG A 1 57  ? 3.497   10.876  4.962   1.00 34.97  ? 443 ARG A CB    1 
ATOM   452  C CG    . ARG A 1 57  ? 3.658   10.845  6.460   1.00 46.53  ? 443 ARG A CG    1 
ATOM   453  C CD    . ARG A 1 57  ? 5.073   11.327  6.897   1.00 52.21  ? 443 ARG A CD    1 
ATOM   454  N NE    . ARG A 1 57  ? 6.136   10.475  6.371   1.00 55.04  ? 443 ARG A NE    1 
ATOM   455  C CZ    . ARG A 1 57  ? 6.937   10.801  5.362   1.00 52.42  ? 443 ARG A CZ    1 
ATOM   456  N NH1   . ARG A 1 57  ? 6.846   11.973  4.770   1.00 54.27  ? 443 ARG A NH1   1 
ATOM   457  N NH2   . ARG A 1 57  ? 7.851   9.923   4.944   1.00 50.41  ? 443 ARG A NH2   1 
ATOM   458  N N     . ASP A 1 58  ? 1.013   12.600  3.969   1.00 28.11  ? 444 ASP A N     1 
ATOM   459  C CA    . ASP A 1 58  ? 0.066   13.683  4.218   1.00 31.62  ? 444 ASP A CA    1 
ATOM   460  C C     . ASP A 1 58  ? -1.372  13.248  3.971   1.00 27.98  ? 444 ASP A C     1 
ATOM   461  O O     . ASP A 1 58  ? -2.292  13.699  4.665   1.00 31.58  ? 444 ASP A O     1 
ATOM   462  C CB    . ASP A 1 58  ? 0.377   14.895  3.333   1.00 36.73  ? 444 ASP A CB    1 
ATOM   463  C CG    . ASP A 1 58  ? 1.711   15.556  3.663   1.00 42.06  ? 444 ASP A CG    1 
ATOM   464  O OD1   . ASP A 1 58  ? 2.240   15.367  4.770   1.00 39.28  ? 444 ASP A OD1   1 
ATOM   465  O OD2   . ASP A 1 58  ? 2.244   16.266  2.789   1.00 46.71  ? 444 ASP A OD2   1 
ATOM   466  N N     . ALA A 1 59  ? -1.594  12.424  2.944   1.00 30.84  ? 445 ALA A N     1 
ATOM   467  C CA    . ALA A 1 59  ? -2.939  11.922  2.669   1.00 29.33  ? 445 ALA A CA    1 
ATOM   468  C C     . ALA A 1 59  ? -3.414  11.021  3.793   1.00 28.83  ? 445 ALA A C     1 
ATOM   469  O O     . ALA A 1 59  ? -4.594  11.017  4.131   1.00 31.49  ? 445 ALA A O     1 
ATOM   470  C CB    . ALA A 1 59  ? -2.976  11.159  1.347   1.00 31.35  ? 445 ALA A CB    1 
ATOM   471  N N     . ILE A 1 60  ? -2.511  10.222  4.371   1.00 28.17  ? 446 ILE A N     1 
ATOM   472  C CA    . ILE A 1 60  ? -2.912  9.357   5.478   1.00 25.78  ? 446 ILE A CA    1 
ATOM   473  C C     . ILE A 1 60  ? -3.224  10.193  6.710   1.00 29.93  ? 446 ILE A C     1 
ATOM   474  O O     . ILE A 1 60  ? -4.215  9.951   7.412   1.00 30.11  ? 446 ILE A O     1 
ATOM   475  C CB    . ILE A 1 60  ? -1.814  8.314   5.758   1.00 27.33  ? 446 ILE A CB    1 
ATOM   476  C CG1   . ILE A 1 60  ? -1.673  7.375   4.556   1.00 29.37  ? 446 ILE A CG1   1 
ATOM   477  C CG2   . ILE A 1 60  ? -2.124  7.536   7.021   1.00 29.88  ? 446 ILE A CG2   1 
ATOM   478  C CD1   . ILE A 1 60  ? -0.644  6.282   4.752   1.00 33.61  ? 446 ILE A CD1   1 
ATOM   479  N N     . ARG A 1 61  ? -2.379  11.184  7.000   1.00 27.31  ? 447 ARG A N     1 
ATOM   480  C CA    . ARG A 1 61  ? -2.649  12.119  8.090   1.00 33.30  ? 447 ARG A CA    1 
ATOM   481  C C     . ARG A 1 61  ? -4.013  12.774  7.956   1.00 29.78  ? 447 ARG A C     1 
ATOM   482  O O     . ARG A 1 61  ? -4.806  12.736  8.887   1.00 26.98  ? 447 ARG A O     1 
ATOM   483  C CB    . ARG A 1 61  ? -1.540  13.186  8.143   1.00 30.66  ? 447 ARG A CB    1 
ATOM   484  C CG    . ARG A 1 61  ? -1.679  14.169  9.325   1.00 34.77  ? 447 ARG A CG    1 
ATOM   485  C CD    . ARG A 1 61  ? -0.830  15.401  9.071   1.00 37.95  ? 447 ARG A CD    1 
ATOM   486  N NE    . ARG A 1 61  ? -1.330  16.089  7.889   1.00 39.07  ? 447 ARG A NE    1 
ATOM   487  C CZ    . ARG A 1 61  ? -0.600  16.896  7.128   1.00 44.81  ? 447 ARG A CZ    1 
ATOM   488  N NH1   . ARG A 1 61  ? 0.669   17.137  7.386   1.00 50.44  ? 447 ARG A NH1   1 
ATOM   489  N NH2   . ARG A 1 61  ? -1.155  17.471  6.072   1.00 41.46  ? 447 ARG A NH2   1 
ATOM   490  N N     . ASP A 1 62  ? -4.314  13.352  6.793   1.00 31.81  ? 448 ASP A N     1 
ATOM   491  C CA    . ASP A 1 62  ? -5.586  14.035  6.569   1.00 30.04  ? 448 ASP A CA    1 
ATOM   492  C C     . ASP A 1 62  ? -6.730  13.101  6.207   1.00 34.03  ? 448 ASP A C     1 
ATOM   493  O O     . ASP A 1 62  ? -7.865  13.553  6.046   1.00 31.07  ? 448 ASP A O     1 
ATOM   494  C CB    . ASP A 1 62  ? -5.428  15.099  5.474   1.00 34.41  ? 448 ASP A CB    1 
ATOM   495  C CG    . ASP A 1 62  ? -4.427  16.166  5.871   1.00 39.99  ? 448 ASP A CG    1 
ATOM   496  O OD1   . ASP A 1 62  ? -4.321  16.476  7.084   1.00 37.23  ? 448 ASP A OD1   1 
ATOM   497  O OD2   . ASP A 1 62  ? -3.710  16.664  4.962   1.00 48.06  ? 448 ASP A OD2   1 
ATOM   498  N N     . GLN A 1 63  ? -6.456  11.814  6.090   1.00 30.76  ? 449 GLN A N     1 
ATOM   499  C CA    . GLN A 1 63  ? -7.441  10.824  5.709   1.00 28.58  ? 449 GLN A CA    1 
ATOM   500  C C     . GLN A 1 63  ? -8.172  11.248  4.448   1.00 31.71  ? 449 GLN A C     1 
ATOM   501  O O     . GLN A 1 63  ? -9.395  11.285  4.396   1.00 34.95  ? 449 GLN A O     1 
ATOM   502  C CB    . GLN A 1 63  ? -8.386  10.567  6.880   1.00 31.42  ? 449 GLN A CB    1 
ATOM   503  C CG    . GLN A 1 63  ? -7.584  10.462  8.162   1.00 32.12  ? 449 GLN A CG    1 
ATOM   504  C CD    . GLN A 1 63  ? -8.418  10.164  9.372   1.00 36.72  ? 449 GLN A CD    1 
ATOM   505  O OE1   . GLN A 1 63  ? -9.644  10.217  9.301   1.00 30.53  ? 449 GLN A OE1   1 
ATOM   506  N NE2   . GLN A 1 63  ? -7.762  9.823   10.483  1.00 33.22  ? 449 GLN A NE2   1 
ATOM   507  N N     . ARG A 1 64  ? -7.384  11.548  3.415   1.00 31.49  ? 450 ARG A N     1 
ATOM   508  C CA    . ARG A 1 64  ? -7.877  11.874  2.075   1.00 33.43  ? 450 ARG A CA    1 
ATOM   509  C C     . ARG A 1 64  ? -7.479  10.768  1.107   1.00 36.69  ? 450 ARG A C     1 
ATOM   510  O O     . ARG A 1 64  ? -6.448  10.109  1.266   1.00 35.40  ? 450 ARG A O     1 
ATOM   511  C CB    . ARG A 1 64  ? -7.306  13.187  1.535   1.00 33.08  ? 450 ARG A CB    1 
ATOM   512  C CG    . ARG A 1 64  ? -7.533  14.363  2.436   1.00 43.43  ? 450 ARG A CG    1 
ATOM   513  C CD    . ARG A 1 64  ? -7.249  15.701  1.761   1.00 56.41  ? 450 ARG A CD    1 
ATOM   514  N NE    . ARG A 1 64  ? -8.299  16.044  0.803   1.00 57.35  ? 450 ARG A NE    1 
ATOM   515  C CZ    . ARG A 1 64  ? -9.547  16.394  1.114   1.00 59.60  ? 450 ARG A CZ    1 
ATOM   516  N NH1   . ARG A 1 64  ? -9.984  16.422  2.375   1.00 47.67  ? 450 ARG A NH1   1 
ATOM   517  N NH2   . ARG A 1 64  ? -10.384 16.720  0.136   1.00 65.11  ? 450 ARG A NH2   1 
ATOM   518  N N     . GLU A 1 65  ? -8.271  10.612  0.051   1.00 35.26  ? 451 GLU A N     1 
ATOM   519  C CA    . GLU A 1 65  ? -7.950  9.645   -0.950  1.00 35.98  ? 451 GLU A CA    1 
ATOM   520  C C     . GLU A 1 65  ? -6.851  10.242  -1.837  1.00 35.14  ? 451 GLU A C     1 
ATOM   521  O O     . GLU A 1 65  ? -6.793  11.448  -1.977  1.00 33.87  ? 451 GLU A O     1 
ATOM   522  C CB    . GLU A 1 65  ? -9.177  9.178   -1.735  1.00 36.00  ? 451 GLU A CB    1 
ATOM   523  C CG    . GLU A 1 65  ? -9.676  10.066  -2.860  1.00 52.58  ? 451 GLU A CG    1 
ATOM   524  C CD    . GLU A 1 65  ? -10.972 9.565   -3.480  1.00 66.76  ? 451 GLU A CD    1 
ATOM   525  O OE1   . GLU A 1 65  ? -11.329 8.378   -3.307  1.00 59.65  ? 451 GLU A OE1   1 
ATOM   526  O OE2   . GLU A 1 65  ? -11.639 10.370  -4.153  1.00 72.67  ? 451 GLU A OE2   1 
ATOM   527  N N     . ILE A 1 66  ? -5.972  9.406   -2.376  1.00 28.44  ? 452 ILE A N     1 
ATOM   528  C CA    . ILE A 1 66  ? -4.913  9.899   -3.230  1.00 31.07  ? 452 ILE A CA    1 
ATOM   529  C C     . ILE A 1 66  ? -4.565  8.794   -4.201  1.00 34.36  ? 452 ILE A C     1 
ATOM   530  O O     . ILE A 1 66  ? -4.748  7.606   -3.914  1.00 29.28  ? 452 ILE A O     1 
ATOM   531  C CB    . ILE A 1 66  ? -3.691  10.345  -2.401  1.00 34.33  ? 452 ILE A CB    1 
ATOM   532  C CG1   . ILE A 1 66  ? -2.658  11.026  -3.296  1.00 40.65  ? 452 ILE A CG1   1 
ATOM   533  C CG2   . ILE A 1 66  ? -3.091  9.145   -1.683  1.00 33.64  ? 452 ILE A CG2   1 
ATOM   534  C CD1   . ILE A 1 66  ? -1.458  11.590  -2.568  1.00 44.97  ? 452 ILE A CD1   1 
ATOM   535  N N     . THR A 1 67  ? -4.058  9.191   -5.366  1.00 32.98  ? 453 THR A N     1 
ATOM   536  C CA    . THR A 1 67  ? -3.515  8.256   -6.350  1.00 33.30  ? 453 THR A CA    1 
ATOM   537  C C     . THR A 1 67  ? -2.060  8.609   -6.592  1.00 33.47  ? 453 THR A C     1 
ATOM   538  O O     . THR A 1 67  ? -1.730  9.769   -6.832  1.00 37.91  ? 453 THR A O     1 
ATOM   539  C CB    . THR A 1 67  ? -4.270  8.295   -7.672  1.00 37.00  ? 453 THR A CB    1 
ATOM   540  O OG1   . THR A 1 67  ? -5.648  8.024   -7.440  1.00 39.07  ? 453 THR A OG1   1 
ATOM   541  C CG2   . THR A 1 67  ? -3.732  7.239   -8.612  1.00 35.88  ? 453 THR A CG2   1 
ATOM   542  N N     . VAL A 1 68  ? -1.188  7.628   -6.546  1.00 35.69  ? 454 VAL A N     1 
ATOM   543  C CA    . VAL A 1 68  ? 0.211   7.926   -6.775  1.00 39.05  ? 454 VAL A CA    1 
ATOM   544  C C     . VAL A 1 68  ? 0.868   6.792   -7.544  1.00 40.66  ? 454 VAL A C     1 
ATOM   545  O O     . VAL A 1 68  ? 0.364   5.664   -7.635  1.00 34.32  ? 454 VAL A O     1 
ATOM   546  C CB    . VAL A 1 68  ? 0.981   8.180   -5.454  1.00 42.82  ? 454 VAL A CB    1 
ATOM   547  C CG1   . VAL A 1 68  ? 0.529   9.491   -4.820  1.00 44.18  ? 454 VAL A CG1   1 
ATOM   548  C CG2   . VAL A 1 68  ? 0.795   6.984   -4.558  1.00 46.25  ? 454 VAL A CG2   1 
ATOM   549  N N     . GLN A 1 69  ? 2.020   7.125   -8.087  1.00 40.90  ? 455 GLN A N     1 
ATOM   550  C CA    . GLN A 1 69  ? 2.864   6.202   -8.816  1.00 41.78  ? 455 GLN A CA    1 
ATOM   551  C C     . GLN A 1 69  ? 4.237   6.301   -8.175  1.00 44.84  ? 455 GLN A C     1 
ATOM   552  O O     . GLN A 1 69  ? 4.714   7.407   -7.898  1.00 42.20  ? 455 GLN A O     1 
ATOM   553  C CB    . GLN A 1 69  ? 2.880   6.600   -10.276 1.00 40.96  ? 455 GLN A CB    1 
ATOM   554  C CG    . GLN A 1 69  ? 3.393   5.587   -11.230 1.00 56.19  ? 455 GLN A CG    1 
ATOM   555  C CD    . GLN A 1 69  ? 3.615   6.211   -12.609 1.00 78.38  ? 455 GLN A CD    1 
ATOM   556  O OE1   . GLN A 1 69  ? 3.314   7.407   -12.833 1.00 57.78  ? 455 GLN A OE1   1 
ATOM   557  N NE2   . GLN A 1 69  ? 4.164   5.419   -13.538 1.00 78.70  ? 455 GLN A NE2   1 
ATOM   558  N N     . LEU A 1 70  ? 4.845   5.159   -7.862  1.00 40.27  ? 456 LEU A N     1 
ATOM   559  C CA    . LEU A 1 70  ? 6.185   5.213   -7.277  1.00 44.19  ? 456 LEU A CA    1 
ATOM   560  C C     . LEU A 1 70  ? 6.890   3.894   -7.543  1.00 38.92  ? 456 LEU A C     1 
ATOM   561  O O     . LEU A 1 70  ? 6.266   2.884   -7.865  1.00 39.90  ? 456 LEU A O     1 
ATOM   562  C CB    . LEU A 1 70  ? 6.145   5.555   -5.773  1.00 44.71  ? 456 LEU A CB    1 
ATOM   563  C CG    . LEU A 1 70  ? 5.822   4.505   -4.722  1.00 38.65  ? 456 LEU A CG    1 
ATOM   564  C CD1   . LEU A 1 70  ? 5.978   5.080   -3.333  1.00 36.02  ? 456 LEU A CD1   1 
ATOM   565  C CD2   . LEU A 1 70  ? 4.435   4.049   -4.955  1.00 44.22  ? 456 LEU A CD2   1 
ATOM   566  N N     . ILE A 1 71  ? 8.215   3.912   -7.409  1.00 38.89  ? 457 ILE A N     1 
ATOM   567  C CA    . ILE A 1 71  ? 8.996   2.738   -7.661  1.00 37.12  ? 457 ILE A CA    1 
ATOM   568  C C     . ILE A 1 71  ? 8.946   1.880   -6.433  1.00 35.55  ? 457 ILE A C     1 
ATOM   569  O O     . ILE A 1 71  ? 9.078   2.424   -5.415  1.00 29.58  ? 457 ILE A O     1 
ATOM   570  C CB    . ILE A 1 71  ? 10.471  3.021   -8.055  1.00 40.26  ? 457 ILE A CB    1 
ATOM   571  C CG1   . ILE A 1 71  ? 10.513  3.566   -9.484  1.00 37.27  ? 457 ILE A CG1   1 
ATOM   572  C CG2   . ILE A 1 71  ? 11.344  1.762   -7.946  1.00 45.70  ? 457 ILE A CG2   1 
ATOM   573  C CD1   . ILE A 1 71  ? 11.812  4.226   -9.879  1.00 53.81  ? 457 ILE A CD1   1 
ATOM   574  N N     . ASN A 1 72  ? 8.625   0.612   -6.527  1.00 30.59  ? 458 ASN A N     1 
ATOM   575  C CA    . ASN A 1 72  ? 8.654   -0.401  -5.506  1.00 34.38  ? 458 ASN A CA    1 
ATOM   576  C C     . ASN A 1 72  ? 9.533   -1.556  -6.006  1.00 38.68  ? 458 ASN A C     1 
ATOM   577  O O     . ASN A 1 72  ? 9.952   -1.585  -7.172  1.00 35.11  ? 458 ASN A O     1 
ATOM   578  C CB    . ASN A 1 72  ? 7.238   -0.883  -5.148  1.00 32.33  ? 458 ASN A CB    1 
ATOM   579  C CG    . ASN A 1 72  ? 6.452   0.099   -4.268  1.00 34.34  ? 458 ASN A CG    1 
ATOM   580  O OD1   . ASN A 1 72  ? 5.268   -0.139  -3.995  1.00 31.61  ? 458 ASN A OD1   1 
ATOM   581  N ND2   . ASN A 1 72  ? 7.086   1.209   -3.848  1.00 30.39  ? 458 ASN A ND2   1 
ATOM   582  N N     . TYR A 1 73  ? 9.808   -2.490  -5.087  1.00 34.72  ? 459 TYR A N     1 
ATOM   583  C CA    . TYR A 1 73  ? 10.724  -3.597  -5.281  1.00 37.11  ? 459 TYR A CA    1 
ATOM   584  C C     . TYR A 1 73  ? 10.063  -4.908  -4.870  1.00 37.92  ? 459 TYR A C     1 
ATOM   585  O O     . TYR A 1 73  ? 9.555   -5.029  -3.746  1.00 37.23  ? 459 TYR A O     1 
ATOM   586  C CB    . TYR A 1 73  ? 12.004  -3.384  -4.470  1.00 39.57  ? 459 TYR A CB    1 
ATOM   587  C CG    . TYR A 1 73  ? 12.880  -2.222  -4.902  1.00 37.60  ? 459 TYR A CG    1 
ATOM   588  C CD1   . TYR A 1 73  ? 12.544  -0.920  -4.580  1.00 36.12  ? 459 TYR A CD1   1 
ATOM   589  C CD2   . TYR A 1 73  ? 14.042  -2.432  -5.628  1.00 39.56  ? 459 TYR A CD2   1 
ATOM   590  C CE1   . TYR A 1 73  ? 13.323  0.129   -4.967  1.00 36.65  ? 459 TYR A CE1   1 
ATOM   591  C CE2   . TYR A 1 73  ? 14.840  -1.390  -5.996  1.00 37.91  ? 459 TYR A CE2   1 
ATOM   592  C CZ    . TYR A 1 73  ? 14.475  -0.106  -5.680  1.00 41.17  ? 459 TYR A CZ    1 
ATOM   593  O OH    . TYR A 1 73  ? 15.275  0.952   -6.059  1.00 40.17  ? 459 TYR A OH    1 
ATOM   594  N N     . THR A 1 74  ? 10.072  -5.886  -5.783  1.00 35.62  ? 460 THR A N     1 
ATOM   595  C CA    . THR A 1 74  ? 9.692   -7.223  -5.428  1.00 37.48  ? 460 THR A CA    1 
ATOM   596  C C     . THR A 1 74  ? 10.736  -7.854  -4.515  1.00 34.71  ? 460 THR A C     1 
ATOM   597  O O     . THR A 1 74  ? 11.852  -7.366  -4.322  1.00 34.73  ? 460 THR A O     1 
ATOM   598  C CB    . THR A 1 74  ? 9.494   -8.101  -6.656  1.00 37.72  ? 460 THR A CB    1 
ATOM   599  O OG1   . THR A 1 74  ? 10.753  -8.482  -7.198  1.00 41.53  ? 460 THR A OG1   1 
ATOM   600  C CG2   . THR A 1 74  ? 8.723   -7.361  -7.711  1.00 37.50  ? 460 THR A CG2   1 
ATOM   601  N N     . LYS A 1 75  ? 10.352  -8.989  -3.962  1.00 40.59  ? 461 LYS A N     1 
ATOM   602  C CA    . LYS A 1 75  ? 11.248  -9.675  -3.037  1.00 45.03  ? 461 LYS A CA    1 
ATOM   603  C C     . LYS A 1 75  ? 12.607  -9.941  -3.671  1.00 47.90  ? 461 LYS A C     1 
ATOM   604  O O     . LYS A 1 75  ? 13.646  -9.753  -3.028  1.00 49.41  ? 461 LYS A O     1 
ATOM   605  C CB    . LYS A 1 75  ? 10.604  -10.984 -2.574  1.00 46.32  ? 461 LYS A CB    1 
ATOM   606  C CG    . LYS A 1 75  ? 11.357  -11.706 -1.471  1.00 48.50  ? 461 LYS A CG    1 
ATOM   607  C CD    . LYS A 1 75  ? 10.676  -13.009 -1.141  1.00 52.33  ? 461 LYS A CD    1 
ATOM   608  C CE    . LYS A 1 75  ? 11.377  -13.747 -0.005  1.00 63.36  ? 461 LYS A CE    1 
ATOM   609  N NZ    . LYS A 1 75  ? 10.589  -14.977 0.375   1.00 66.81  ? 461 LYS A NZ    1 
ATOM   610  N N     . SER A 1 76  ? 12.623  -10.362 -4.934  1.00 45.96  ? 462 SER A N     1 
ATOM   611  C CA    . SER A 1 76  ? 13.885  -10.621 -5.614  1.00 47.87  ? 462 SER A CA    1 
ATOM   612  C C     . SER A 1 76  ? 14.549  -9.351  -6.085  1.00 50.41  ? 462 SER A C     1 
ATOM   613  O O     . SER A 1 76  ? 15.457  -9.426  -6.910  1.00 50.62  ? 462 SER A O     1 
ATOM   614  C CB    . SER A 1 76  ? 13.694  -11.549 -6.818  1.00 40.67  ? 462 SER A CB    1 
ATOM   615  O OG    . SER A 1 76  ? 13.019  -10.895 -7.886  1.00 42.57  ? 462 SER A OG    1 
ATOM   616  N N     . GLY A 1 77  ? 14.087  -8.197  -5.631  1.00 41.85  ? 463 GLY A N     1 
ATOM   617  C CA    . GLY A 1 77  ? 14.780  -6.976  -5.925  1.00 40.33  ? 463 GLY A CA    1 
ATOM   618  C C     . GLY A 1 77  ? 14.498  -6.370  -7.271  1.00 40.35  ? 463 GLY A C     1 
ATOM   619  O O     . GLY A 1 77  ? 15.180  -5.419  -7.644  1.00 42.51  ? 463 GLY A O     1 
ATOM   620  N N     . LYS A 1 78  ? 13.498  -6.845  -7.990  1.00 37.07  ? 464 LYS A N     1 
ATOM   621  C CA    . LYS A 1 78  ? 13.106  -6.218  -9.243  1.00 36.96  ? 464 LYS A CA    1 
ATOM   622  C C     . LYS A 1 78  ? 12.339  -4.929  -9.000  1.00 43.25  ? 464 LYS A C     1 
ATOM   623  O O     . LYS A 1 78  ? 11.378  -4.913  -8.232  1.00 41.66  ? 464 LYS A O     1 
ATOM   624  C CB    . LYS A 1 78  ? 12.242  -7.178  -10.068 1.00 42.89  ? 464 LYS A CB    1 
ATOM   625  C CG    . LYS A 1 78  ? 11.699  -6.583  -11.360 1.00 55.99  ? 464 LYS A CG    1 
ATOM   626  C CD    . LYS A 1 78  ? 11.134  -7.666  -12.286 1.00 66.49  ? 464 LYS A CD    1 
ATOM   627  C CE    . LYS A 1 78  ? 12.271  -8.533  -12.885 1.00 91.85  ? 464 LYS A CE    1 
ATOM   628  N NZ    . LYS A 1 78  ? 11.879  -9.212  -14.170 1.00 83.83  ? 464 LYS A NZ    1 
ATOM   629  N N     . LYS A 1 79  ? 12.724  -3.857  -9.684  1.00 43.80  ? 465 LYS A N     1 
ATOM   630  C CA    . LYS A 1 79  ? 11.975  -2.603  -9.617  1.00 40.44  ? 465 LYS A CA    1 
ATOM   631  C C     . LYS A 1 79  ? 10.711  -2.694  -10.456 1.00 42.20  ? 465 LYS A C     1 
ATOM   632  O O     . LYS A 1 79  ? 10.682  -3.329  -11.508 1.00 39.38  ? 465 LYS A O     1 
ATOM   633  C CB    . LYS A 1 79  ? 12.795  -1.418  -10.133 1.00 43.11  ? 465 LYS A CB    1 
ATOM   634  C CG    . LYS A 1 79  ? 14.049  -1.079  -9.323  1.00 57.37  ? 465 LYS A CG    1 
ATOM   635  C CD    . LYS A 1 79  ? 14.678  0.289   -9.734  1.00 61.12  ? 465 LYS A CD    1 
ATOM   636  C CE    . LYS A 1 79  ? 15.543  0.218   -11.007 1.00 50.82  ? 465 LYS A CE    1 
ATOM   637  N NZ    . LYS A 1 79  ? 16.939  -0.277  -10.725 1.00 62.70  ? 465 LYS A NZ    1 
ATOM   638  N N     . PHE A 1 80  ? 9.660   -2.046  -9.984  1.00 39.32  ? 466 PHE A N     1 
ATOM   639  C CA    . PHE A 1 80  ? 8.480   -1.885  -10.813 1.00 35.95  ? 466 PHE A CA    1 
ATOM   640  C C     . PHE A 1 80  ? 7.755   -0.611  -10.406 1.00 40.23  ? 466 PHE A C     1 
ATOM   641  O O     . PHE A 1 80  ? 7.812   -0.164  -9.257  1.00 34.73  ? 466 PHE A O     1 
ATOM   642  C CB    . PHE A 1 80  ? 7.551   -3.099  -10.739 1.00 42.12  ? 466 PHE A CB    1 
ATOM   643  C CG    . PHE A 1 80  ? 6.874   -3.270  -9.443  1.00 36.55  ? 466 PHE A CG    1 
ATOM   644  C CD1   . PHE A 1 80  ? 7.529   -3.878  -8.398  1.00 35.65  ? 466 PHE A CD1   1 
ATOM   645  C CD2   . PHE A 1 80  ? 5.572   -2.838  -9.276  1.00 38.86  ? 466 PHE A CD2   1 
ATOM   646  C CE1   . PHE A 1 80  ? 6.909   -4.041  -7.214  1.00 40.84  ? 466 PHE A CE1   1 
ATOM   647  C CE2   . PHE A 1 80  ? 4.940   -2.996  -8.094  1.00 36.44  ? 466 PHE A CE2   1 
ATOM   648  C CZ    . PHE A 1 80  ? 5.593   -3.600  -7.057  1.00 39.95  ? 466 PHE A CZ    1 
ATOM   649  N N     . TRP A 1 81  ? 7.104   -0.021  -11.385 1.00 41.91  ? 467 TRP A N     1 
ATOM   650  C CA    . TRP A 1 81  ? 6.269   1.129   -11.132 1.00 43.39  ? 467 TRP A CA    1 
ATOM   651  C C     . TRP A 1 81  ? 4.936   0.658   -10.596 1.00 45.64  ? 467 TRP A C     1 
ATOM   652  O O     . TRP A 1 81  ? 4.267   -0.177  -11.207 1.00 46.05  ? 467 TRP A O     1 
ATOM   653  C CB    . TRP A 1 81  ? 6.077   1.921   -12.408 1.00 50.87  ? 467 TRP A CB    1 
ATOM   654  C CG    . TRP A 1 81  ? 7.245   2.742   -12.674 1.00 48.04  ? 467 TRP A CG    1 
ATOM   655  C CD1   . TRP A 1 81  ? 8.301   2.428   -13.455 1.00 47.63  ? 467 TRP A CD1   1 
ATOM   656  C CD2   . TRP A 1 81  ? 7.530   3.996   -12.081 1.00 50.47  ? 467 TRP A CD2   1 
ATOM   657  N NE1   . TRP A 1 81  ? 9.216   3.446   -13.425 1.00 46.27  ? 467 TRP A NE1   1 
ATOM   658  C CE2   . TRP A 1 81  ? 8.767   4.421   -12.578 1.00 49.64  ? 467 TRP A CE2   1 
ATOM   659  C CE3   . TRP A 1 81  ? 6.850   4.806   -11.173 1.00 53.28  ? 467 TRP A CE3   1 
ATOM   660  C CZ2   . TRP A 1 81  ? 9.351   5.634   -12.197 1.00 52.83  ? 467 TRP A CZ2   1 
ATOM   661  C CZ3   . TRP A 1 81  ? 7.417   6.026   -10.807 1.00 60.30  ? 467 TRP A CZ3   1 
ATOM   662  C CH2   . TRP A 1 81  ? 8.656   6.427   -11.317 1.00 54.69  ? 467 TRP A CH2   1 
ATOM   663  N N     . ASN A 1 82  ? 4.554   1.192   -9.461  1.00 41.29  ? 468 ASN A N     1 
ATOM   664  C CA    . ASN A 1 82  ? 3.330   0.800   -8.779  1.00 35.88  ? 468 ASN A CA    1 
ATOM   665  C C     . ASN A 1 82  ? 2.391   1.990   -8.792  1.00 37.61  ? 468 ASN A C     1 
ATOM   666  O O     . ASN A 1 82  ? 2.685   3.029   -8.189  1.00 42.44  ? 468 ASN A O     1 
ATOM   667  C CB    . ASN A 1 82  ? 3.657   0.321   -7.357  1.00 39.49  ? 468 ASN A CB    1 
ATOM   668  C CG    . ASN A 1 82  ? 2.449   -0.162  -6.604  1.00 38.31  ? 468 ASN A CG    1 
ATOM   669  O OD1   . ASN A 1 82  ? 1.372   -0.306  -7.156  1.00 40.91  ? 468 ASN A OD1   1 
ATOM   670  N ND2   . ASN A 1 82  ? 2.631   -0.426  -5.323  1.00 38.74  ? 468 ASN A ND2   1 
ATOM   671  N N     . LEU A 1 83  ? 1.271   1.845   -9.498  1.00 31.70  ? 469 LEU A N     1 
ATOM   672  C CA    . LEU A 1 83  ? 0.201   2.837   -9.476  1.00 34.84  ? 469 LEU A CA    1 
ATOM   673  C C     . LEU A 1 83  ? -0.867  2.341   -8.522  1.00 36.70  ? 469 LEU A C     1 
ATOM   674  O O     . LEU A 1 83  ? -1.535  1.335   -8.802  1.00 35.09  ? 469 LEU A O     1 
ATOM   675  C CB    . LEU A 1 83  ? -0.403  3.017   -10.851 1.00 36.85  ? 469 LEU A CB    1 
ATOM   676  C CG    . LEU A 1 83  ? -1.579  3.978   -10.916 1.00 36.45  ? 469 LEU A CG    1 
ATOM   677  C CD1   . LEU A 1 83  ? -1.159  5.398   -10.947 1.00 39.68  ? 469 LEU A CD1   1 
ATOM   678  C CD2   . LEU A 1 83  ? -2.319  3.647   -12.208 1.00 55.65  ? 469 LEU A CD2   1 
ATOM   679  N N     . PHE A 1 84  ? -1.061  3.035   -7.405  1.00 31.51  ? 470 PHE A N     1 
ATOM   680  C CA    A PHE A 1 84  ? -2.041  2.601   -6.412  0.32 39.20  ? 470 PHE A CA    1 
ATOM   681  C CA    B PHE A 1 84  ? -2.085  2.595   -6.466  0.68 36.27  ? 470 PHE A CA    1 
ATOM   682  C C     . PHE A 1 84  ? -2.851  3.791   -5.925  1.00 33.91  ? 470 PHE A C     1 
ATOM   683  O O     . PHE A 1 84  ? -2.374  4.924   -5.897  1.00 34.76  ? 470 PHE A O     1 
ATOM   684  C CB    A PHE A 1 84  ? -1.358  1.851   -5.234  0.32 38.47  ? 470 PHE A CB    1 
ATOM   685  C CB    B PHE A 1 84  ? -1.505  1.701   -5.321  0.68 38.65  ? 470 PHE A CB    1 
ATOM   686  C CG    A PHE A 1 84  ? -1.289  2.628   -3.945  0.32 36.44  ? 470 PHE A CG    1 
ATOM   687  C CG    B PHE A 1 84  ? -0.693  2.436   -4.291  0.68 36.66  ? 470 PHE A CG    1 
ATOM   688  C CD1   A PHE A 1 84  ? -0.322  3.594   -3.750  0.32 34.62  ? 470 PHE A CD1   1 
ATOM   689  C CD1   B PHE A 1 84  ? 0.639   2.672   -4.473  0.68 35.95  ? 470 PHE A CD1   1 
ATOM   690  C CD2   A PHE A 1 84  ? -2.178  2.355   -2.909  0.32 36.09  ? 470 PHE A CD2   1 
ATOM   691  C CD2   B PHE A 1 84  ? -1.271  2.843   -3.119  0.68 35.64  ? 470 PHE A CD2   1 
ATOM   692  C CE1   A PHE A 1 84  ? -0.248  4.300   -2.557  0.32 34.42  ? 470 PHE A CE1   1 
ATOM   693  C CE1   B PHE A 1 84  ? 1.374   3.335   -3.518  0.68 34.26  ? 470 PHE A CE1   1 
ATOM   694  C CE2   A PHE A 1 84  ? -2.111  3.054   -1.707  0.32 34.60  ? 470 PHE A CE2   1 
ATOM   695  C CE2   B PHE A 1 84  ? -0.547  3.503   -2.172  0.68 34.94  ? 470 PHE A CE2   1 
ATOM   696  C CZ    A PHE A 1 84  ? -1.141  4.028   -1.528  0.32 33.11  ? 470 PHE A CZ    1 
ATOM   697  C CZ    B PHE A 1 84  ? 0.778   3.745   -2.374  0.68 33.31  ? 470 PHE A CZ    1 
ATOM   698  N N     . HIS A 1 85  ? -4.096  3.518   -5.591  1.00 31.83  ? 471 HIS A N     1 
ATOM   699  C CA    . HIS A 1 85  ? -5.044  4.501   -5.135  1.00 31.84  ? 471 HIS A CA    1 
ATOM   700  C C     . HIS A 1 85  ? -5.291  4.114   -3.693  1.00 28.34  ? 471 HIS A C     1 
ATOM   701  O O     . HIS A 1 85  ? -5.473  2.931   -3.392  1.00 30.35  ? 471 HIS A O     1 
ATOM   702  C CB    . HIS A 1 85  ? -6.311  4.479   -5.991  1.00 33.35  ? 471 HIS A CB    1 
ATOM   703  C CG    . HIS A 1 85  ? -7.424  5.318   -5.450  1.00 35.33  ? 471 HIS A CG    1 
ATOM   704  N ND1   . HIS A 1 85  ? -7.482  6.687   -5.607  1.00 39.56  ? 471 HIS A ND1   1 
ATOM   705  C CD2   . HIS A 1 85  ? -8.510  4.977   -4.732  1.00 35.76  ? 471 HIS A CD2   1 
ATOM   706  C CE1   . HIS A 1 85  ? -8.557  7.152   -5.000  1.00 38.27  ? 471 HIS A CE1   1 
ATOM   707  N NE2   . HIS A 1 85  ? -9.192  6.134   -4.455  1.00 42.90  ? 471 HIS A NE2   1 
ATOM   708  N N     . LEU A 1 86  ? -5.225  5.089   -2.826  1.00 30.33  ? 472 LEU A N     1 
ATOM   709  C CA    . LEU A 1 86  ? -5.424  4.938   -1.402  1.00 28.74  ? 472 LEU A CA    1 
ATOM   710  C C     . LEU A 1 86  ? -6.747  5.558   -1.009  1.00 28.85  ? 472 LEU A C     1 
ATOM   711  O O     . LEU A 1 86  ? -7.022  6.711   -1.350  1.00 31.64  ? 472 LEU A O     1 
ATOM   712  C CB    . LEU A 1 86  ? -4.283  5.620   -0.656  1.00 34.38  ? 472 LEU A CB    1 
ATOM   713  C CG    . LEU A 1 86  ? -4.153  5.369   0.839   1.00 41.01  ? 472 LEU A CG    1 
ATOM   714  C CD1   . LEU A 1 86  ? -3.859  3.922   1.100   1.00 40.85  ? 472 LEU A CD1   1 
ATOM   715  C CD2   . LEU A 1 86  ? -3.059  6.275   1.402   1.00 46.09  ? 472 LEU A CD2   1 
ATOM   716  N N     . GLN A 1 87  ? -7.521  4.819   -0.213  1.00 33.78  ? 473 GLN A N     1 
ATOM   717  C CA    . GLN A 1 87  ? -8.830  5.250   0.187   1.00 34.76  ? 473 GLN A CA    1 
ATOM   718  C C     . GLN A 1 87  ? -9.126  4.950   1.649   1.00 32.69  ? 473 GLN A C     1 
ATOM   719  O O     . GLN A 1 87  ? -8.981  3.804   2.095   1.00 32.43  ? 473 GLN A O     1 
ATOM   720  C CB    . GLN A 1 87  ? -9.851  4.556   -0.723  1.00 41.57  ? 473 GLN A CB    1 
ATOM   721  C CG    . GLN A 1 87  ? -11.015 5.416   -1.158  1.00 59.01  ? 473 GLN A CG    1 
ATOM   722  C CD    . GLN A 1 87  ? -11.809 4.777   -2.283  1.00 72.89  ? 473 GLN A CD    1 
ATOM   723  O OE1   . GLN A 1 87  ? -11.301 4.542   -3.399  1.00 64.90  ? 473 GLN A OE1   1 
ATOM   724  N NE2   . GLN A 1 87  ? -13.064 4.460   -1.989  1.00 84.00  ? 473 GLN A NE2   1 
ATOM   725  N N     . PRO A 1 88  ? -9.544  5.958   2.402   1.00 29.20  ? 474 PRO A N     1 
ATOM   726  C CA    . PRO A 1 88  ? -9.990  5.723   3.779   1.00 32.35  ? 474 PRO A CA    1 
ATOM   727  C C     . PRO A 1 88  ? -11.298 4.985   3.811   1.00 33.36  ? 474 PRO A C     1 
ATOM   728  O O     . PRO A 1 88  ? -12.126 5.131   2.920   1.00 36.38  ? 474 PRO A O     1 
ATOM   729  C CB    . PRO A 1 88  ? -10.173 7.128   4.343   1.00 31.57  ? 474 PRO A CB    1 
ATOM   730  C CG    . PRO A 1 88  ? -9.449  7.997   3.409   1.00 36.93  ? 474 PRO A CG    1 
ATOM   731  C CD    . PRO A 1 88  ? -9.547  7.382   2.078   1.00 34.59  ? 474 PRO A CD    1 
ATOM   732  N N     . MET A 1 89  ? -11.427 4.082   4.782   1.00 34.25  ? 475 MET A N     1 
ATOM   733  C CA    A MET A 1 89  ? -12.699 3.433   5.105   0.75 34.34  ? 475 MET A CA    1 
ATOM   734  C CA    B MET A 1 89  ? -12.820 3.288   4.929   0.25 34.96  ? 475 MET A CA    1 
ATOM   735  C C     . MET A 1 89  ? -13.307 3.642   6.469   1.00 33.07  ? 475 MET A C     1 
ATOM   736  O O     . MET A 1 89  ? -12.632 3.338   7.480   1.00 33.63  ? 475 MET A O     1 
ATOM   737  C CB    A MET A 1 89  ? -12.398 1.946   4.981   0.75 37.79  ? 475 MET A CB    1 
ATOM   738  C CB    B MET A 1 89  ? -12.535 1.820   4.900   0.25 38.08  ? 475 MET A CB    1 
ATOM   739  C CG    A MET A 1 89  ? -13.604 1.094   4.873   0.75 46.69  ? 475 MET A CG    1 
ATOM   740  C CG    B MET A 1 89  ? -11.859 1.307   3.633   0.25 40.20  ? 475 MET A CG    1 
ATOM   741  S SD    A MET A 1 89  ? -13.147 -0.563  4.271   0.75 64.48  ? 475 MET A SD    1 
ATOM   742  S SD    B MET A 1 89  ? -11.521 -0.468  3.627   0.25 52.37  ? 475 MET A SD    1 
ATOM   743  C CE    A MET A 1 89  ? -11.748 -0.276  3.147   0.75 52.92  ? 475 MET A CE    1 
ATOM   744  C CE    B MET A 1 89  ? -13.074 -1.193  4.141   0.25 69.41  ? 475 MET A CE    1 
ATOM   745  N N     . ARG A 1 90  ? -14.344 4.424   6.577   1.00 32.32  ? 476 ARG A N     1 
ATOM   746  C CA    . ARG A 1 90  ? -14.891 4.836   7.853   1.00 37.74  ? 476 ARG A CA    1 
ATOM   747  C C     . ARG A 1 90  ? -16.039 3.937   8.273   1.00 40.79  ? 476 ARG A C     1 
ATOM   748  O O     . ARG A 1 90  ? -16.699 3.306   7.437   1.00 34.67  ? 476 ARG A O     1 
ATOM   749  C CB    . ARG A 1 90  ? -15.365 6.287   7.769   1.00 40.03  ? 476 ARG A CB    1 
ATOM   750  C CG    . ARG A 1 90  ? -14.265 7.209   7.362   1.00 36.39  ? 476 ARG A CG    1 
ATOM   751  C CD    . ARG A 1 90  ? -14.708 8.657   7.371   1.00 43.17  ? 476 ARG A CD    1 
ATOM   752  N NE    . ARG A 1 90  ? -13.524 9.480   7.206   1.00 44.10  ? 476 ARG A NE    1 
ATOM   753  C CZ    . ARG A 1 90  ? -12.708 9.819   8.197   1.00 45.59  ? 476 ARG A CZ    1 
ATOM   754  N NH1   . ARG A 1 90  ? -13.016 9.568   9.459   1.00 40.28  ? 476 ARG A NH1   1 
ATOM   755  N NH2   . ARG A 1 90  ? -11.544 10.404  7.915   1.00 48.21  ? 476 ARG A NH2   1 
ATOM   756  N N     . ASP A 1 91  ? -16.289 3.900   9.592   1.00 42.42  ? 477 ASP A N     1 
ATOM   757  C CA    . ASP A 1 91  ? -17.423 3.145   10.132  1.00 48.49  ? 477 ASP A CA    1 
ATOM   758  C C     . ASP A 1 91  ? -18.698 4.012   10.105  1.00 51.36  ? 477 ASP A C     1 
ATOM   759  O O     . ASP A 1 91  ? -18.730 5.118   9.544   1.00 48.00  ? 477 ASP A O     1 
ATOM   760  C CB    . ASP A 1 91  ? -17.146 2.606   11.554  1.00 46.46  ? 477 ASP A CB    1 
ATOM   761  C CG    . ASP A 1 91  ? -16.939 3.718   12.626  1.00 46.06  ? 477 ASP A CG    1 
ATOM   762  O OD1   . ASP A 1 91  ? -17.383 4.879   12.429  1.00 34.26  ? 477 ASP A OD1   1 
ATOM   763  O OD2   . ASP A 1 91  ? -16.308 3.428   13.680  1.00 55.55  ? 477 ASP A OD2   1 
ATOM   764  N N     . GLN A 1 92  ? -19.780 3.507   10.713  1.00 59.71  ? 478 GLN A N     1 
ATOM   765  C CA    . GLN A 1 92  ? -21.052 4.217   10.661  1.00 60.59  ? 478 GLN A CA    1 
ATOM   766  C C     . GLN A 1 92  ? -20.980 5.570   11.377  1.00 55.65  ? 478 GLN A C     1 
ATOM   767  O O     . GLN A 1 92  ? -21.612 6.535   10.939  1.00 51.27  ? 478 GLN A O     1 
ATOM   768  C CB    . GLN A 1 92  ? -22.160 3.340   11.265  1.00 76.54  ? 478 GLN A CB    1 
ATOM   769  C CG    . GLN A 1 92  ? -22.619 2.110   10.418  1.00 105.40 ? 478 GLN A CG    1 
ATOM   770  C CD    . GLN A 1 92  ? -21.905 0.783   10.767  1.00 118.97 ? 478 GLN A CD    1 
ATOM   771  O OE1   . GLN A 1 92  ? -20.667 0.731   10.857  1.00 98.28  ? 478 GLN A OE1   1 
ATOM   772  N NE2   . GLN A 1 92  ? -22.698 -0.297  10.969  1.00 87.06  ? 478 GLN A NE2   1 
ATOM   773  N N     . LYS A 1 93  ? -20.197 5.675   12.454  1.00 55.39  ? 479 LYS A N     1 
ATOM   774  C CA    . LYS A 1 93  ? -20.067 6.922   13.195  1.00 50.36  ? 479 LYS A CA    1 
ATOM   775  C C     . LYS A 1 93  ? -19.205 7.960   12.501  1.00 45.71  ? 479 LYS A C     1 
ATOM   776  O O     . LYS A 1 93  ? -18.964 9.021   13.089  1.00 51.17  ? 479 LYS A O     1 
ATOM   777  C CB    . LYS A 1 93  ? -19.469 6.645   14.574  1.00 51.11  ? 479 LYS A CB    1 
ATOM   778  C CG    . LYS A 1 93  ? -19.793 5.264   15.171  1.00 71.40  ? 479 LYS A CG    1 
ATOM   779  C CD    . LYS A 1 93  ? -19.949 5.311   16.714  1.00 85.56  ? 479 LYS A CD    1 
ATOM   780  C CE    . LYS A 1 93  ? -19.808 3.936   17.374  1.00 78.09  ? 479 LYS A CE    1 
ATOM   781  N NZ    . LYS A 1 93  ? -19.317 4.015   18.789  1.00 84.43  ? 479 LYS A NZ    1 
ATOM   782  N N     . GLY A 1 94  ? -18.707 7.667   11.294  1.00 49.29  ? 480 GLY A N     1 
ATOM   783  C CA    . GLY A 1 94  ? -17.731 8.504   10.619  1.00 47.85  ? 480 GLY A CA    1 
ATOM   784  C C     . GLY A 1 94  ? -16.294 8.383   11.109  1.00 46.55  ? 480 GLY A C     1 
ATOM   785  O O     . GLY A 1 94  ? -15.454 9.227   10.733  1.00 42.45  ? 480 GLY A O     1 
ATOM   786  N N     . GLU A 1 95  ? -15.993 7.384   11.944  1.00 40.55  ? 481 GLU A N     1 
ATOM   787  C CA    . GLU A 1 95  ? -14.654 7.188   12.480  1.00 38.58  ? 481 GLU A CA    1 
ATOM   788  C C     . GLU A 1 95  ? -13.864 6.288   11.511  1.00 41.00  ? 481 GLU A C     1 
ATOM   789  O O     . GLU A 1 95  ? -14.394 5.324   10.946  1.00 35.77  ? 481 GLU A O     1 
ATOM   790  C CB    . GLU A 1 95  ? -14.682 6.559   13.881  1.00 40.07  ? 481 GLU A CB    1 
ATOM   791  C CG    . GLU A 1 95  ? -15.528 7.256   14.944  1.00 42.25  ? 481 GLU A CG    1 
ATOM   792  C CD    . GLU A 1 95  ? -14.849 8.450   15.604  1.00 44.48  ? 481 GLU A CD    1 
ATOM   793  O OE1   . GLU A 1 95  ? -13.607 8.476   15.614  1.00 41.57  ? 481 GLU A OE1   1 
ATOM   794  O OE2   . GLU A 1 95  ? -15.547 9.375   16.113  1.00 49.39  ? 481 GLU A OE2   1 
ATOM   795  N N     . LEU A 1 96  ? -12.590 6.619   11.328  1.00 34.56  ? 482 LEU A N     1 
ATOM   796  C CA    . LEU A 1 96  ? -11.719 5.844   10.466  1.00 34.96  ? 482 LEU A CA    1 
ATOM   797  C C     . LEU A 1 96  ? -11.550 4.450   11.041  1.00 34.09  ? 482 LEU A C     1 
ATOM   798  O O     . LEU A 1 96  ? -11.359 4.258   12.254  1.00 28.58  ? 482 LEU A O     1 
ATOM   799  C CB    . LEU A 1 96  ? -10.359 6.528   10.317  1.00 32.17  ? 482 LEU A CB    1 
ATOM   800  C CG    . LEU A 1 96  ? -9.302  5.819   9.488   1.00 31.01  ? 482 LEU A CG    1 
ATOM   801  C CD1   . LEU A 1 96  ? -9.688  5.913   8.015   1.00 33.24  ? 482 LEU A CD1   1 
ATOM   802  C CD2   . LEU A 1 96  ? -7.891  6.365   9.739   1.00 30.17  ? 482 LEU A CD2   1 
ATOM   803  N N     . GLN A 1 97  ? -11.643 3.478   10.153  1.00 31.90  ? 483 GLN A N     1 
ATOM   804  C CA    . GLN A 1 97  ? -11.472 2.065   10.474  1.00 34.92  ? 483 GLN A CA    1 
ATOM   805  C C     . GLN A 1 97  ? -10.290 1.472   9.735   1.00 31.82  ? 483 GLN A C     1 
ATOM   806  O O     . GLN A 1 97  ? -9.372  0.943   10.372  1.00 27.45  ? 483 GLN A O     1 
ATOM   807  C CB    . GLN A 1 97  ? -12.810 1.364   10.135  1.00 40.97  ? 483 GLN A CB    1 
ATOM   808  C CG    . GLN A 1 97  ? -13.263 0.353   11.144  1.00 66.29  ? 483 GLN A CG    1 
ATOM   809  C CD    . GLN A 1 97  ? -14.567 -0.337  10.763  1.00 65.60  ? 483 GLN A CD    1 
ATOM   810  O OE1   . GLN A 1 97  ? -15.074 -0.224  9.618   1.00 58.98  ? 483 GLN A OE1   1 
ATOM   811  N NE2   . GLN A 1 97  ? -15.091 -1.115  11.704  1.00 67.41  ? 483 GLN A NE2   1 
ATOM   812  N N     . TYR A 1 98  ? -10.245 1.595   8.410   1.00 29.82  ? 484 TYR A N     1 
ATOM   813  C CA    . TYR A 1 98  ? -9.183  0.982   7.640   1.00 31.48  ? 484 TYR A CA    1 
ATOM   814  C C     . TYR A 1 98  ? -8.762  1.913   6.520   1.00 29.15  ? 484 TYR A C     1 
ATOM   815  O O     . TYR A 1 98  ? -9.461  2.864   6.150   1.00 29.84  ? 484 TYR A O     1 
ATOM   816  C CB    . TYR A 1 98  ? -9.564  -0.376  7.005   1.00 29.11  ? 484 TYR A CB    1 
ATOM   817  C CG    . TYR A 1 98  ? -10.040 -1.426  7.972   1.00 36.27  ? 484 TYR A CG    1 
ATOM   818  C CD1   . TYR A 1 98  ? -9.155  -2.057  8.830   1.00 36.01  ? 484 TYR A CD1   1 
ATOM   819  C CD2   . TYR A 1 98  ? -11.382 -1.818  8.019   1.00 44.27  ? 484 TYR A CD2   1 
ATOM   820  C CE1   . TYR A 1 98  ? -9.591  -3.032  9.734   1.00 41.40  ? 484 TYR A CE1   1 
ATOM   821  C CE2   . TYR A 1 98  ? -11.819 -2.789  8.924   1.00 46.42  ? 484 TYR A CE2   1 
ATOM   822  C CZ    . TYR A 1 98  ? -10.918 -3.383  9.785   1.00 44.76  ? 484 TYR A CZ    1 
ATOM   823  O OH    . TYR A 1 98  ? -11.318 -4.335  10.693  1.00 45.43  ? 484 TYR A OH    1 
ATOM   824  N N     . PHE A 1 99  ? -7.601  1.612   5.986   1.00 26.87  ? 485 PHE A N     1 
ATOM   825  C CA    . PHE A 1 99  ? -7.204  2.133   4.705   1.00 28.51  ? 485 PHE A CA    1 
ATOM   826  C C     . PHE A 1 99  ? -7.181  0.963   3.741   1.00 29.05  ? 485 PHE A C     1 
ATOM   827  O O     . PHE A 1 99  ? -6.780  -0.132  4.106   1.00 27.45  ? 485 PHE A O     1 
ATOM   828  C CB    . PHE A 1 99  ? -5.857  2.776   4.737   1.00 24.47  ? 485 PHE A CB    1 
ATOM   829  C CG    . PHE A 1 99  ? -5.816  4.065   5.412   1.00 21.46  ? 485 PHE A CG    1 
ATOM   830  C CD1   . PHE A 1 99  ? -6.306  5.176   4.802   1.00 25.54  ? 485 PHE A CD1   1 
ATOM   831  C CD2   . PHE A 1 99  ? -5.230  4.186   6.649   1.00 27.62  ? 485 PHE A CD2   1 
ATOM   832  C CE1   . PHE A 1 99  ? -6.194  6.413   5.394   1.00 30.72  ? 485 PHE A CE1   1 
ATOM   833  C CE2   . PHE A 1 99  ? -5.144  5.428   7.271   1.00 33.40  ? 485 PHE A CE2   1 
ATOM   834  C CZ    . PHE A 1 99  ? -5.644  6.551   6.622   1.00 30.14  ? 485 PHE A CZ    1 
ATOM   835  N N     . ILE A 1 100 ? -7.607  1.214   2.503   1.00 29.98  ? 486 ILE A N     1 
ATOM   836  C CA    . ILE A 1 100 ? -7.529  0.229   1.451   1.00 32.09  ? 486 ILE A CA    1 
ATOM   837  C C     . ILE A 1 100 ? -6.645  0.811   0.351   1.00 29.31  ? 486 ILE A C     1 
ATOM   838  O O     . ILE A 1 100 ? -6.768  1.977   -0.003  1.00 26.75  ? 486 ILE A O     1 
ATOM   839  C CB    . ILE A 1 100 ? -8.921  -0.157  0.927   1.00 30.49  ? 486 ILE A CB    1 
ATOM   840  C CG1   . ILE A 1 100 ? -8.750  -1.109  -0.257  1.00 38.54  ? 486 ILE A CG1   1 
ATOM   841  C CG2   . ILE A 1 100 ? -9.637  1.074   0.581   1.00 44.75  ? 486 ILE A CG2   1 
ATOM   842  C CD1   . ILE A 1 100 ? -10.038 -1.488  -0.959  1.00 52.54  ? 486 ILE A CD1   1 
ATOM   843  N N     . GLY A 1 101 ? -5.723  0.012   -0.145  1.00 28.85  ? 487 GLY A N     1 
ATOM   844  C CA    . GLY A 1 101 ? -4.890  0.423   -1.243  1.00 32.45  ? 487 GLY A CA    1 
ATOM   845  C C     . GLY A 1 101 ? -5.124  -0.491  -2.421  1.00 34.91  ? 487 GLY A C     1 
ATOM   846  O O     . GLY A 1 101 ? -4.944  -1.714  -2.340  1.00 31.22  ? 487 GLY A O     1 
ATOM   847  N N     . VAL A 1 102 ? -5.529  0.096   -3.538  1.00 36.47  ? 488 VAL A N     1 
ATOM   848  C CA    . VAL A 1 102 ? -5.883  -0.652  -4.735  1.00 38.35  ? 488 VAL A CA    1 
ATOM   849  C C     . VAL A 1 102 ? -4.856  -0.356  -5.818  1.00 38.64  ? 488 VAL A C     1 
ATOM   850  O O     . VAL A 1 102 ? -4.661  0.803   -6.196  1.00 38.39  ? 488 VAL A O     1 
ATOM   851  C CB    . VAL A 1 102 ? -7.299  -0.311  -5.199  1.00 31.68  ? 488 VAL A CB    1 
ATOM   852  C CG1   . VAL A 1 102 ? -7.582  -1.014  -6.493  1.00 44.89  ? 488 VAL A CG1   1 
ATOM   853  C CG2   . VAL A 1 102 ? -8.282  -0.733  -4.143  1.00 39.89  ? 488 VAL A CG2   1 
ATOM   854  N N     . GLN A 1 103 ? -4.207  -1.410  -6.320  1.00 40.80  ? 489 GLN A N     1 
ATOM   855  C CA    . GLN A 1 103 ? -3.105  -1.341  -7.265  1.00 41.90  ? 489 GLN A CA    1 
ATOM   856  C C     . GLN A 1 103 ? -3.582  -1.712  -8.675  1.00 47.22  ? 489 GLN A C     1 
ATOM   857  O O     . GLN A 1 103 ? -4.429  -2.587  -8.882  1.00 42.73  ? 489 GLN A O     1 
ATOM   858  C CB    . GLN A 1 103 ? -1.952  -2.299  -6.854  1.00 45.82  ? 489 GLN A CB    1 
ATOM   859  C CG    . GLN A 1 103 ? -1.086  -1.859  -5.616  1.00 48.94  ? 489 GLN A CG    1 
ATOM   860  C CD    . GLN A 1 103 ? -1.610  -2.305  -4.217  1.00 52.01  ? 489 GLN A CD    1 
ATOM   861  O OE1   . GLN A 1 103 ? -2.171  -3.388  -4.078  1.00 56.20  ? 489 GLN A OE1   1 
ATOM   862  N NE2   . GLN A 1 103 ? -1.412  -1.450  -3.173  1.00 50.78  ? 489 GLN A NE2   1 
ATOM   863  N N     . LEU A 1 104 ? -3.000  -1.040  -9.664  1.00 47.42  ? 490 LEU A N     1 
ATOM   864  C CA    . LEU A 1 104 ? -3.094  -1.515  -11.040 1.00 55.43  ? 490 LEU A CA    1 
ATOM   865  C C     . LEU A 1 104 ? -2.379  -2.866  -11.154 1.00 54.88  ? 490 LEU A C     1 
ATOM   866  O O     . LEU A 1 104 ? -1.242  -3.024  -10.696 1.00 52.42  ? 490 LEU A O     1 
ATOM   867  C CB    . LEU A 1 104 ? -2.482  -0.481  -11.986 1.00 50.20  ? 490 LEU A CB    1 
ATOM   868  C CG    . LEU A 1 104 ? -2.526  -0.828  -13.473 1.00 55.52  ? 490 LEU A CG    1 
ATOM   869  C CD1   . LEU A 1 104 ? -4.009  -0.905  -13.855 1.00 48.47  ? 490 LEU A CD1   1 
ATOM   870  C CD2   . LEU A 1 104 ? -1.723  0.197   -14.311 1.00 57.74  ? 490 LEU A CD2   1 
ATOM   871  N N     . ASP A 1 105 ? -3.055  -3.855  -11.753 1.00 58.35  ? 491 ASP A N     1 
ATOM   872  C CA    . ASP A 1 105 ? -2.608  -5.251  -11.724 1.00 59.24  ? 491 ASP A CA    1 
ATOM   873  C C     . ASP A 1 105 ? -1.485  -5.497  -12.734 1.00 54.68  ? 491 ASP A C     1 
ATOM   874  O O     . ASP A 1 105 ? -1.555  -6.440  -13.529 1.00 58.64  ? 491 ASP A O     1 
ATOM   875  C CB    . ASP A 1 105 ? -3.822  -6.187  -11.972 1.00 61.72  ? 491 ASP A CB    1 
ATOM   876  C CG    . ASP A 1 105 ? -3.593  -7.621  -11.437 1.00 70.12  ? 491 ASP A CG    1 
ATOM   877  O OD1   . ASP A 1 105 ? -2.451  -7.977  -11.111 1.00 64.90  ? 491 ASP A OD1   1 
ATOM   878  O OD2   . ASP A 1 105 ? -4.594  -8.398  -11.353 1.00 73.47  ? 491 ASP A OD2   1 
ATOM   879  N N     . GLY A 1 106 ? -0.431  -4.683  -12.687 1.00 59.27  ? 492 GLY A N     1 
ATOM   880  C CA    . GLY A 1 106 ? 0.715   -4.881  -13.568 1.00 57.15  ? 492 GLY A CA    1 
ATOM   881  C C     . GLY A 1 106 ? 1.607   -3.654  -13.574 1.00 63.51  ? 492 GLY A C     1 
ATOM   882  O O     . GLY A 1 106 ? 1.230   -2.567  -13.118 1.00 66.37  ? 492 GLY A O     1 
ATOM   883  N N     . GLU A 1 107 ? 2.804   -3.842  -14.114 1.00 68.80  ? 493 GLU A N     1 
ATOM   884  C CA    . GLU A 1 107 ? 3.784   -2.765  -14.137 1.00 73.17  ? 493 GLU A CA    1 
ATOM   885  C C     . GLU A 1 107 ? 3.294   -1.641  -15.035 1.00 71.60  ? 493 GLU A C     1 
ATOM   886  O O     . GLU A 1 107 ? 2.333   -1.798  -15.796 1.00 77.91  ? 493 GLU A O     1 
ATOM   887  C CB    . GLU A 1 107 ? 5.142   -3.280  -14.609 1.00 77.28  ? 493 GLU A CB    1 
ATOM   888  C CG    . GLU A 1 107 ? 5.660   -4.416  -13.730 1.00 87.11  ? 493 GLU A CG    1 
ATOM   889  C CD    . GLU A 1 107 ? 6.985   -4.992  -14.192 1.00 105.28 ? 493 GLU A CD    1 
ATOM   890  O OE1   . GLU A 1 107 ? 7.566   -4.418  -15.148 1.00 107.79 ? 493 GLU A OE1   1 
ATOM   891  O OE2   . GLU A 1 107 ? 7.426   -6.023  -13.597 1.00 78.25  ? 493 GLU A OE2   1 
ATOM   892  N N     . PHE A 1 108 ? 3.989   -0.501  -14.958 1.00 79.91  ? 494 PHE A N     1 
ATOM   893  C CA    . PHE A 1 108 ? 3.501   0.751   -15.538 1.00 77.86  ? 494 PHE A CA    1 
ATOM   894  C C     . PHE A 1 108 ? 4.646   1.493   -16.276 1.00 78.27  ? 494 PHE A C     1 
ATOM   895  O O     . PHE A 1 108 ? 5.712   0.927   -16.565 1.00 81.85  ? 494 PHE A O     1 
ATOM   896  C CB    . PHE A 1 108 ? 2.839   1.610   -14.429 1.00 71.97  ? 494 PHE A CB    1 
ATOM   897  C CG    . PHE A 1 108 ? 1.844   2.554   -14.966 1.00 76.31  ? 494 PHE A CG    1 
ATOM   898  C CD1   . PHE A 1 108 ? 0.775   2.095   -15.717 1.00 73.70  ? 494 PHE A CD1   1 
ATOM   899  C CD2   . PHE A 1 108 ? 1.975   3.905   -14.731 1.00 76.14  ? 494 PHE A CD2   1 
ATOM   900  C CE1   . PHE A 1 108 ? -0.133  2.972   -16.252 1.00 78.94  ? 494 PHE A CE1   1 
ATOM   901  C CE2   . PHE A 1 108 ? 1.085   4.795   -15.275 1.00 79.67  ? 494 PHE A CE2   1 
ATOM   902  C CZ    . PHE A 1 108 ? 0.014   4.333   -16.022 1.00 89.04  ? 494 PHE A CZ    1 
ATOM   903  N N     . ILE A 1 109 ? 4.401   2.769   -16.611 1.00 81.34  ? 495 ILE A N     1 
ATOM   904  C CA    . ILE A 1 109 ? 5.307   3.602   -17.438 1.00 79.73  ? 495 ILE A CA    1 
ATOM   905  C C     . ILE A 1 109 ? 6.349   4.305   -16.554 1.00 63.51  ? 495 ILE A C     1 
ATOM   906  O O     . ILE A 1 109 ? 6.132   5.419   -16.034 1.00 61.67  ? 495 ILE A O     1 
ATOM   907  C CB    . ILE A 1 109 ? 4.474   4.640   -18.285 1.00 80.97  ? 495 ILE A CB    1 
ATOM   908  C CG1   . ILE A 1 109 ? 3.334   3.948   -19.047 1.00 76.58  ? 495 ILE A CG1   1 
ATOM   909  C CG2   . ILE A 1 109 ? 5.316   5.402   -19.315 1.00 69.81  ? 495 ILE A CG2   1 
ATOM   910  C CD1   . ILE A 1 109 ? 3.806   2.825   -19.988 1.00 77.37  ? 495 ILE A CD1   1 
HETATM 911  N N1    A FMA B 2 .   ? 3.914   2.017   0.223   0.70 26.07  ? 601 FMA A N1    1 
HETATM 912  C C2    A FMA B 2 .   ? 4.608   1.381   -0.887  0.70 28.55  ? 601 FMA A C2    1 
HETATM 913  O O2    A FMA B 2 .   ? 5.721   1.667   -1.118  0.70 26.59  ? 601 FMA A O2    1 
HETATM 914  N N3    A FMA B 2 .   ? 3.918   0.388   -1.709  0.70 28.22  ? 601 FMA A N3    1 
HETATM 915  C C4    A FMA B 2 .   ? 2.554   0.042   -1.442  0.70 28.21  ? 601 FMA A C4    1 
HETATM 916  O O4    A FMA B 2 .   ? 2.012   -0.791  -2.077  0.70 28.84  ? 601 FMA A O4    1 
HETATM 917  C C4A   A FMA B 2 .   ? 1.998   0.468   -0.135  0.70 28.72  ? 601 FMA A C4A   1 
HETATM 918  N N5    A FMA B 2 .   ? 0.558   0.368   -0.088  0.70 26.19  ? 601 FMA A N5    1 
HETATM 919  C C5A   A FMA B 2 .   ? -0.150  0.996   1.029   0.70 27.93  ? 601 FMA A C5A   1 
HETATM 920  C C6    A FMA B 2 .   ? -1.465  0.641   1.292   0.70 27.65  ? 601 FMA A C6    1 
HETATM 921  C C7    A FMA B 2 .   ? -2.156  1.246   2.332   0.70 28.33  ? 601 FMA A C7    1 
HETATM 922  C C7M   A FMA B 2 .   ? -3.582  0.667   2.379   0.70 30.33  ? 601 FMA A C7M   1 
HETATM 923  C C8    A FMA B 2 .   ? -1.488  2.182   3.130   0.70 28.49  ? 601 FMA A C8    1 
HETATM 924  C C8M   A FMA B 2 .   ? -2.208  2.885   4.283   0.70 31.02  ? 601 FMA A C8M   1 
HETATM 925  C C9    A FMA B 2 .   ? -0.182  2.528   2.863   0.70 27.35  ? 601 FMA A C9    1 
HETATM 926  C C9A   A FMA B 2 .   ? 0.486   1.938   1.815   0.70 25.32  ? 601 FMA A C9A   1 
HETATM 927  N N10   A FMA B 2 .   ? 1.893   2.269   1.561   0.70 25.70  ? 601 FMA A N10   1 
HETATM 928  C C10   A FMA B 2 .   ? 2.546   1.645   0.468   0.70 26.03  ? 601 FMA A C10   1 
HETATM 929  C C1B   A FMA B 2 .   ? 2.591   3.333   2.259   0.70 26.30  ? 601 FMA A C1B   1 
HETATM 930  C C2B   A FMA B 2 .   ? 3.382   3.122   3.509   0.70 25.68  ? 601 FMA A C2B   1 
HETATM 931  O O2B   A FMA B 2 .   ? 2.627   2.247   4.276   0.70 28.09  ? 601 FMA A O2B   1 
HETATM 932  C C3B   A FMA B 2 .   ? 3.535   4.492   4.170   0.70 27.89  ? 601 FMA A C3B   1 
HETATM 933  O "O3'" A FMA B 2 .   ? 2.294   5.151   4.222   0.70 24.82  ? 601 FMA A "O3'" 1 
HETATM 934  C C4B   A FMA B 2 .   ? 4.490   5.425   3.411   0.70 28.80  ? 601 FMA A C4B   1 
HETATM 935  O "O4'" A FMA B 2 .   ? 5.778   4.856   3.442   0.70 28.18  ? 601 FMA A "O4'" 1 
HETATM 936  C C5B   A FMA B 2 .   ? 4.547   6.835   4.013   0.70 29.54  ? 601 FMA A C5B   1 
HETATM 937  O "O5'" A FMA B 2 .   ? 4.512   6.787   5.410   0.70 27.34  ? 601 FMA A "O5'" 1 
HETATM 938  P P     A FMA B 2 .   ? 5.952   6.628   6.172   0.70 31.24  ? 601 FMA A P     1 
HETATM 939  O O1P   A FMA B 2 .   ? 5.588   6.241   7.602   0.70 30.60  ? 601 FMA A O1P   1 
HETATM 940  O O2P   A FMA B 2 .   ? 6.695   7.920   6.092   0.70 33.17  ? 601 FMA A O2P   1 
HETATM 941  O O3P   A FMA B 2 .   ? 6.823   5.535   5.546   0.70 28.43  ? 601 FMA A O3P   1 
HETATM 942  N N1    B FMN C 3 .   ? 3.601   2.600   -0.185  0.30 28.10  ? 602 FMN A N1    1 
HETATM 943  C C2    B FMN C 3 .   ? 4.258   2.100   -1.283  0.30 29.70  ? 602 FMN A C2    1 
HETATM 944  O O2    B FMN C 3 .   ? 5.353   2.566   -1.578  0.30 30.51  ? 602 FMN A O2    1 
HETATM 945  N N3    B FMN C 3 .   ? 3.690   1.101   -2.033  0.30 28.82  ? 602 FMN A N3    1 
HETATM 946  C C4    B FMN C 3 .   ? 2.456   0.596   -1.689  0.30 29.06  ? 602 FMN A C4    1 
HETATM 947  O O4    B FMN C 3 .   ? 1.929   -0.294  -2.339  0.30 29.98  ? 602 FMN A O4    1 
HETATM 948  C C4A   B FMN C 3 .   ? 1.796   1.099   -0.589  0.30 28.69  ? 602 FMN A C4A   1 
HETATM 949  N N5    B FMN C 3 .   ? 0.573   0.606   -0.256  0.30 26.30  ? 602 FMN A N5    1 
HETATM 950  C C5A   B FMN C 3 .   ? -0.079  1.096   0.842   0.30 28.01  ? 602 FMN A C5A   1 
HETATM 951  C C6    B FMN C 3 .   ? -1.320  0.579   1.184   0.30 27.99  ? 602 FMN A C6    1 
HETATM 952  C C7    B FMN C 3 .   ? -2.005  1.064   2.289   0.30 28.38  ? 602 FMN A C7    1 
HETATM 953  C C7M   B FMN C 3 .   ? -3.356  0.492   2.633   0.30 30.21  ? 602 FMN A C7M   1 
HETATM 954  C C8    B FMN C 3 .   ? -1.429  2.074   3.054   0.30 28.84  ? 602 FMN A C8    1 
HETATM 955  C C8M   B FMN C 3 .   ? -2.122  2.642   4.257   0.30 30.48  ? 602 FMN A C8M   1 
HETATM 956  C C9    B FMN C 3 .   ? -0.190  2.581   2.707   0.30 28.19  ? 602 FMN A C9    1 
HETATM 957  C C9A   B FMN C 3 .   ? 0.490   2.100   1.605   0.30 26.01  ? 602 FMN A C9A   1 
HETATM 958  N N10   B FMN C 3 .   ? 1.733   2.593   1.266   0.30 27.10  ? 602 FMN A N10   1 
HETATM 959  C C10   B FMN C 3 .   ? 2.373   2.099   0.166   0.30 27.78  ? 602 FMN A C10   1 
HETATM 960  C "C1'" B FMN C 3 .   ? 2.382   3.712   2.019   0.30 26.57  ? 602 FMN A "C1'" 1 
HETATM 961  C "C2'" B FMN C 3 .   ? 3.338   3.288   3.114   0.30 26.30  ? 602 FMN A "C2'" 1 
HETATM 962  O "O2'" B FMN C 3 .   ? 2.811   2.176   3.781   0.30 27.00  ? 602 FMN A "O2'" 1 
HETATM 963  C "C3'" B FMN C 3 .   ? 3.531   4.481   4.048   0.30 27.35  ? 602 FMN A "C3'" 1 
HETATM 964  O "O3'" B FMN C 3 .   ? 2.279   4.948   4.504   0.30 25.86  ? 602 FMN A "O3'" 1 
HETATM 965  C "C4'" B FMN C 3 .   ? 4.246   5.642   3.356   0.30 28.77  ? 602 FMN A "C4'" 1 
HETATM 966  O "O4'" B FMN C 3 .   ? 5.378   5.134   2.684   0.30 28.74  ? 602 FMN A "O4'" 1 
HETATM 967  C "C5'" B FMN C 3 .   ? 4.680   6.737   4.328   0.30 29.65  ? 602 FMN A "C5'" 1 
HETATM 968  O "O5'" B FMN C 3 .   ? 5.126   6.107   5.497   0.30 30.76  ? 602 FMN A "O5'" 1 
HETATM 969  P P     B FMN C 3 .   ? 6.577   6.396   6.136   0.30 29.91  ? 602 FMN A P     1 
HETATM 970  O O1P   B FMN C 3 .   ? 6.392   6.453   7.633   0.30 32.21  ? 602 FMN A O1P   1 
HETATM 971  O O2P   B FMN C 3 .   ? 7.170   7.675   5.610   0.30 33.90  ? 602 FMN A O2P   1 
HETATM 972  O O3P   B FMN C 3 .   ? 7.481   5.236   5.778   0.30 29.25  ? 602 FMN A O3P   1 
HETATM 973  O O     . HOH D 4 .   ? 19.598  5.382   -10.044 1.00 36.69  ? 701 HOH A O     1 
HETATM 974  O O     . HOH D 4 .   ? 3.854   6.842   8.990   1.00 44.14  ? 702 HOH A O     1 
HETATM 975  O O     . HOH D 4 .   ? 7.311   -10.121 -10.273 1.00 53.68  ? 703 HOH A O     1 
HETATM 976  O O     . HOH D 4 .   ? 9.144   5.536   3.885   1.00 32.01  ? 704 HOH A O     1 
HETATM 977  O O     . HOH D 4 .   ? 8.265   6.404   9.345   1.00 47.34  ? 705 HOH A O     1 
HETATM 978  O O     . HOH D 4 .   ? 2.319   6.752   6.710   1.00 42.27  ? 706 HOH A O     1 
HETATM 979  O O     . HOH D 4 .   ? 17.200  0.364   -7.680  1.00 49.31  ? 707 HOH A O     1 
HETATM 980  O O     . HOH D 4 .   ? -4.728  9.307   9.897   1.00 36.20  ? 708 HOH A O     1 
HETATM 981  O O     . HOH D 4 .   ? 7.293   8.223   -7.541  1.00 42.98  ? 709 HOH A O     1 
HETATM 982  O O     . HOH D 4 .   ? 10.765  -5.224  -1.299  1.00 39.54  ? 710 HOH A O     1 
HETATM 983  O O     . HOH D 4 .   ? -3.948  18.928  8.319   1.00 48.62  ? 711 HOH A O     1 
HETATM 984  O O     . HOH D 4 .   ? -0.885  14.520  -0.160  1.00 37.85  ? 712 HOH A O     1 
HETATM 985  O O     . HOH D 4 .   ? 0.723   0.030   5.676   1.00 25.78  ? 713 HOH A O     1 
HETATM 986  O O     . HOH D 4 .   ? 0.974   9.626   7.802   1.00 41.02  ? 714 HOH A O     1 
HETATM 987  O O     . HOH D 4 .   ? -7.272  -5.669  12.882  1.00 46.32  ? 715 HOH A O     1 
HETATM 988  O O     . HOH D 4 .   ? 12.496  -3.220  -0.641  1.00 38.66  ? 716 HOH A O     1 
HETATM 989  O O     . HOH D 4 .   ? 2.527   4.385   10.022  1.00 33.99  ? 717 HOH A O     1 
HETATM 990  O O     . HOH D 4 .   ? 1.268   3.886   6.979   1.00 33.41  ? 718 HOH A O     1 
HETATM 991  O O     . HOH D 4 .   ? 1.579   -3.461  14.649  1.00 46.05  ? 719 HOH A O     1 
HETATM 992  O O     . HOH D 4 .   ? -4.044  -13.896 0.148   1.00 46.86  ? 720 HOH A O     1 
HETATM 993  O O     . HOH D 4 .   ? 11.393  7.360   -8.584  1.00 46.88  ? 721 HOH A O     1 
HETATM 994  O O     . HOH D 4 .   ? 9.138   6.640   -6.973  1.00 33.75  ? 722 HOH A O     1 
HETATM 995  O O     . HOH D 4 .   ? -12.188 10.704  4.878   1.00 49.31  ? 723 HOH A O     1 
HETATM 996  O O     . HOH D 4 .   ? 5.911   16.181  -1.463  1.00 47.37  ? 724 HOH A O     1 
HETATM 997  O O     . HOH D 4 .   ? 8.883   -0.609  8.451   1.00 37.56  ? 725 HOH A O     1 
HETATM 998  O O     . HOH D 4 .   ? 2.613   10.029  -8.127  1.00 42.60  ? 726 HOH A O     1 
HETATM 999  O O     . HOH D 4 .   ? 12.017  4.964   1.283   1.00 46.50  ? 727 HOH A O     1 
HETATM 1000 O O     . HOH D 4 .   ? -13.063 2.849   14.238  1.00 46.36  ? 728 HOH A O     1 
HETATM 1001 O O     . HOH D 4 .   ? -4.477  12.017  -6.358  1.00 38.34  ? 729 HOH A O     1 
HETATM 1002 O O     . HOH D 4 .   ? -7.370  -12.817 -2.875  1.00 46.23  ? 730 HOH A O     1 
HETATM 1003 O O     . HOH D 4 .   ? -6.416  -11.510 -6.253  1.00 45.87  ? 731 HOH A O     1 
HETATM 1004 O O     . HOH D 4 .   ? 11.879  0.821   3.249   1.00 49.39  ? 732 HOH A O     1 
HETATM 1005 O O     . HOH D 4 .   ? -7.558  -8.445  -12.414 1.00 60.12  ? 733 HOH A O     1 
HETATM 1006 O O     . HOH D 4 .   ? 7.609   -1.205  -14.313 1.00 51.49  ? 734 HOH A O     1 
HETATM 1007 O O     . HOH D 4 .   ? -10.849 -11.106 -6.082  1.00 63.91  ? 735 HOH A O     1 
HETATM 1008 O O     . HOH D 4 .   ? -3.371  12.109  11.897  1.00 40.82  ? 736 HOH A O     1 
HETATM 1009 O O     . HOH D 4 .   ? 18.659  -7.848  -7.012  1.00 56.52  ? 737 HOH A O     1 
HETATM 1010 O O     . HOH D 4 .   ? -6.027  1.547   -10.779 1.00 48.51  ? 738 HOH A O     1 
HETATM 1011 O O     . HOH D 4 .   ? 16.061  -1.067  1.052   1.00 58.36  ? 739 HOH A O     1 
HETATM 1012 O O     . HOH D 4 .   ? -4.035  15.117  0.865   1.00 47.51  ? 740 HOH A O     1 
HETATM 1013 O O     . HOH D 4 .   ? -1.792  -8.442  12.163  1.00 56.66  ? 741 HOH A O     1 
HETATM 1014 O O     . HOH D 4 .   ? -6.931  -12.603 8.693   1.00 56.51  ? 742 HOH A O     1 
HETATM 1015 O O     . HOH D 4 .   ? -5.564  -14.029 6.252   1.00 54.42  ? 743 HOH A O     1 
HETATM 1016 O O     . HOH D 4 .   ? -8.166  -9.761  10.223  1.00 53.40  ? 744 HOH A O     1 
HETATM 1017 O O     . HOH D 4 .   ? 6.543   19.712  2.431   1.00 60.19  ? 745 HOH A O     1 
HETATM 1018 O O     . HOH D 4 .   ? -16.672 15.070  16.611  1.00 55.78  ? 746 HOH A O     1 
HETATM 1019 O O     . HOH D 4 .   ? 15.279  1.738   5.261   1.00 57.20  ? 747 HOH A O     1 
# 
